data_7AOA
#
_entry.id   7AOA
#
_cell.length_a   1.00
_cell.length_b   1.00
_cell.length_c   1.00
_cell.angle_alpha   90.00
_cell.angle_beta   90.00
_cell.angle_gamma   90.00
#
_symmetry.space_group_name_H-M   'P 1'
#
loop_
_entity.id
_entity.type
_entity.pdbx_description
1 polymer 'Methyl-CpG-binding domain protein 2'
2 polymer 'Metastasis-associated protein MTA1'
3 polymer 'Histone deacetylase 1'
4 polymer 'Histone-binding protein RBBP4'
5 non-polymer 'INOSITOL HEXAKISPHOSPHATE'
6 non-polymer 'ZINC ION'
7 non-polymer 'POTASSIUM ION'
#
loop_
_entity_poly.entity_id
_entity_poly.type
_entity_poly.pdbx_seq_one_letter_code
_entity_poly.pdbx_strand_id
1 'polypeptide(L)'
;MRAHPGGGRCCPEQEEGESAAGGSGAGGDSAIEQGGQGSALAPSPVSGVRREGARGGGRGRGRWKQAGRGGGVCGRGRGR
GRGRGRGRGRGRGRGRPPSGGSGLGGDGGGCGGGGSGGGGAPRREPVPFPSGSAGPGPRGPRATESGKRMDCPALPPGWK
KEEVIRKSGLSAGKSDVYYFSPSGKKFRSKPQLARYLGNTVDLSSFDFRTGKMMPSKLQKNKQRLRNDPLNQNKGKPDLN
TTLPIRQTASIFKQPVTKVTNHPSNKVKSDPQRMNEQPRQLFWEKRLQGLSASDVTEQIIKTMELPKGLQGVGPGSNDET
LLSAVASALHTSSAPITGQVSAAVEKNPAVWLNTSQPLCKAFIVTDEDIRKQEERVQQVRKKLEEALMADILSRAADTEE
MDIEMDSGDEA
;
C
2 'polypeptide(L)'
;MAANMYRVGDYVYFENSSSNPYLIRRIEELNKTANGNVEAKVVCFYRRRDISSTLIALADKHATLSVCYKAGPGADNGEE
GEIEEEMENPEMVDLPEKLKHQLRHRELFLSRQLESLPATHIRGKCSVTLLNETESLKSYLEREDFFFYSLVYDPQQKTL
LADKGEIRVGNRYQADITDLLKEGEEDGRDQSRLETQVWEAHNPLTDKQIDQFLVVARSVGTFARALDCSSSVRQPSLHM
SAAAASRDITLFHAMDTLHKNIYDISKAISALVPQGGPVLCRDEMEEWSASEANLFEEALEKYGKDFTDIQQDFLPWKSL
TSIIEYYYMWKTTDRYVQQKRLKAAEAESKLKQVYIPNYNKPNPNQISVNNVKAGVVNGTGAPGQSPGAGRACESCYTTQ
SYQWYSWGPPNMQCRLCASCWTYWKKYGGLKMPTRLDGERPGPNRSNMSPHGLPARSSGSPKFAMKTRQAFYLHTTKLTR
IARRLCREILRPWHAARHPYLPINSAAIKAECTARLPEASQSPLVLKQAVRKPLEAVLRYLETHPRPPKPDPVKSVSSVL
SSLTPAKVAPVINNGSPTILGKRSYEQHNGVDGNMKKRLLMPSRGLANHGQARHMGPSRNLLLNGKSYPTKVRLIRGGSL
PPVKRRRMNWIDAPDDVFYMATEETRKIRKLLSSSETKRAARRPYKPIALRQSQALPPRPPPPAPVNDEPIVIED
;
D,A
3 'polypeptide(L)'
;MAQTQGTRRKVCYYYDGDVGNYYYGQGHPMKPHRIRMTHNLLLNYGLYRKMEIYRPHKANAEEMTKYHSDDYIKFLRSIR
PDNMSEYSKQMQRFNVGEDCPVFDGLFEFCQLSTGGSVASAVKLNKQQTDIAVNWAGGLHHAKKSEASGFCYVNDIVLAI
LELLKYHQRVLYIDIDIHHGDGVEEAFYTTDRVMTVSFHKYGEYFPGTGDLRDIGAGKGKYYAVNYPLRDGIDDESYEAI
FKPVMSKVMEMFQPSAVVLQCGSDSLSGDRLGCFNLTIKGHAKCVEFVKSFNLPMLMLGGGGYTIRNVARCWTYETAVAL
DTEIPNELPYNDYFEYFGPDFKLHISPSNMTNQNTNEYLEKIKQRLFENLRMLPHAPGVQMQAIPEDAIPEESGDEDEDD
PDKRISICSSDKRIACEEEFSDSEEEGEGGRKNSSNFKKAKRVKTEDEKEKDPEEKKEVTEEEKTKEEKPEAKGVKEEVK
LA
;
E,B
4 'polypeptide(L)'
;MADKEAAFDDAVEERVINEEYKIWKKNTPFLYDLVMTHALEWPSLTAQWLPDVTRPEGKDFSIHRLVLGTHTSDEQNHLV
IASVQLPNDDAQFDASHYDSEKGEFGGFGSVSGKIEIEIKINHEGEVNRARYMPQNPCIIATKTPSSDVLVFDYTKHPSK
PDPSGECNPDLRLRGHQKEGYGLSWNPNLSGHLLSASDDHTICLWDISAVPKEGKVVDAKTIFTGHTAVVEDVSWHLLHE
SLFGSVADDQKLMIWDTRSNNTSKPSHSVDAHTAEVNCLSFNPYSEFILATGSADKTVALWDLRNLKLKLHSFESHKDEI
FQVQWSPHNETILASSGTDRRLNVWDLSKIGEEQSPEDAEDGPPELLFIHGGHTAKISDFSWNPNEPWVICSVSEDNIMQ
VWQMAENIYNDEDPEGSVDPEGQGS
;
F,G
#
# COMPACT_ATOMS: atom_id res chain seq x y z
N ARG A 149 24.53 37.32 -7.56
CA ARG A 149 24.60 38.51 -8.43
C ARG A 149 23.91 38.26 -9.78
N MET A 150 22.76 38.87 -9.98
CA MET A 150 21.92 38.60 -11.15
C MET A 150 22.06 39.77 -12.09
N ASP A 151 22.19 39.47 -13.36
CA ASP A 151 22.05 40.53 -14.35
C ASP A 151 20.76 41.30 -14.17
N CYS A 152 20.82 42.63 -14.31
CA CYS A 152 19.63 43.46 -14.23
C CYS A 152 19.38 43.96 -15.66
N PRO A 153 18.50 43.28 -16.41
CA PRO A 153 18.38 43.61 -17.86
C PRO A 153 18.00 45.05 -18.16
N ALA A 154 17.22 45.70 -17.31
CA ALA A 154 16.85 47.11 -17.58
C ALA A 154 17.96 48.16 -17.35
N LEU A 155 19.08 47.78 -16.75
CA LEU A 155 20.21 48.69 -16.59
C LEU A 155 21.18 48.38 -17.77
N PRO A 156 22.20 49.23 -18.00
CA PRO A 156 23.13 48.98 -19.13
C PRO A 156 23.90 47.66 -18.94
N PRO A 157 24.61 47.20 -19.98
CA PRO A 157 25.21 45.85 -19.92
C PRO A 157 26.16 45.72 -18.79
N GLY A 158 26.12 44.60 -18.09
CA GLY A 158 27.08 44.32 -17.07
C GLY A 158 26.62 44.67 -15.66
N TRP A 159 25.54 45.45 -15.51
CA TRP A 159 25.03 45.84 -14.21
C TRP A 159 24.35 44.66 -13.58
N LYS A 160 24.55 44.44 -12.28
CA LYS A 160 23.96 43.30 -11.57
C LYS A 160 23.29 43.78 -10.28
N LYS A 161 22.34 42.97 -9.79
CA LYS A 161 21.54 43.20 -8.55
C LYS A 161 21.69 41.95 -7.66
N GLU A 162 21.75 42.18 -6.34
CA GLU A 162 21.77 41.10 -5.39
C GLU A 162 20.91 41.50 -4.22
N GLU A 163 20.13 40.54 -3.77
CA GLU A 163 19.26 40.71 -2.62
C GLU A 163 19.84 39.84 -1.49
N VAL A 164 19.95 40.40 -0.28
CA VAL A 164 20.58 39.72 0.88
C VAL A 164 19.59 39.79 2.01
N ILE A 165 19.31 38.63 2.55
CA ILE A 165 18.44 38.46 3.70
C ILE A 165 19.24 38.77 4.98
N ARG A 166 18.69 39.63 5.85
CA ARG A 166 19.26 39.90 7.17
C ARG A 166 19.09 38.67 8.08
N LYS A 167 20.18 38.26 8.73
CA LYS A 167 20.22 36.98 9.46
C LYS A 167 19.87 37.13 10.92
N SER A 168 19.96 38.35 11.46
CA SER A 168 19.70 38.60 12.92
C SER A 168 19.27 40.04 13.21
N GLY A 169 18.85 40.25 14.46
CA GLY A 169 18.44 41.54 15.01
C GLY A 169 17.02 42.01 14.75
N LEU A 170 16.78 43.29 15.04
CA LEU A 170 15.54 44.03 14.73
C LEU A 170 14.85 43.75 13.42
N SER A 171 15.62 43.66 12.33
CA SER A 171 14.98 43.35 11.08
C SER A 171 15.47 42.01 10.53
N ALA A 172 15.75 41.01 11.40
CA ALA A 172 15.99 39.65 10.93
C ALA A 172 14.90 39.24 9.95
N GLY A 173 15.27 38.73 8.78
CA GLY A 173 14.28 38.22 7.82
C GLY A 173 13.91 39.21 6.72
N LYS A 174 14.03 40.49 6.98
CA LYS A 174 13.96 41.52 5.92
C LYS A 174 15.19 41.43 4.99
N SER A 175 15.13 42.08 3.84
CA SER A 175 16.26 42.06 2.94
C SER A 175 16.78 43.44 2.56
N ASP A 176 17.99 43.46 2.04
CA ASP A 176 18.58 44.66 1.53
C ASP A 176 18.92 44.35 0.05
N VAL A 177 18.80 45.37 -0.77
CA VAL A 177 19.11 45.24 -2.23
C VAL A 177 20.32 46.06 -2.59
N TYR A 178 21.25 45.44 -3.35
CA TYR A 178 22.46 46.07 -3.77
C TYR A 178 22.60 45.91 -5.30
N TYR A 179 23.20 46.94 -5.89
CA TYR A 179 23.60 46.92 -7.30
C TYR A 179 25.12 47.00 -7.43
N PHE A 180 25.64 46.38 -8.51
CA PHE A 180 27.06 46.42 -8.82
C PHE A 180 27.28 46.90 -10.25
N SER A 181 28.13 47.92 -10.44
CA SER A 181 28.55 48.36 -11.77
C SER A 181 29.29 47.22 -12.49
N PRO A 182 29.54 47.42 -13.77
CA PRO A 182 30.37 46.42 -14.47
C PRO A 182 31.75 46.16 -13.86
N SER A 183 32.38 47.20 -13.32
CA SER A 183 33.68 47.02 -12.63
C SER A 183 33.54 46.42 -11.24
N GLY A 184 32.34 46.36 -10.71
CA GLY A 184 32.16 45.79 -9.37
C GLY A 184 31.93 46.78 -8.25
N LYS A 185 31.72 48.06 -8.56
CA LYS A 185 31.39 49.07 -7.53
C LYS A 185 30.00 48.79 -6.98
N LYS A 186 29.81 48.90 -5.66
CA LYS A 186 28.57 48.54 -5.00
C LYS A 186 27.71 49.76 -4.72
N PHE A 187 26.39 49.70 -4.99
CA PHE A 187 25.49 50.81 -4.72
C PHE A 187 24.35 50.30 -3.80
N ARG A 188 23.91 51.16 -2.89
CA ARG A 188 22.95 50.75 -1.84
C ARG A 188 21.67 51.56 -1.85
N SER A 189 21.51 52.53 -2.78
CA SER A 189 20.21 53.21 -2.85
C SER A 189 19.97 53.79 -4.27
N LYS A 190 18.70 54.11 -4.51
CA LYS A 190 18.30 54.68 -5.79
C LYS A 190 19.01 56.01 -6.07
N PRO A 191 18.98 56.97 -5.13
CA PRO A 191 19.68 58.24 -5.39
C PRO A 191 21.19 58.09 -5.58
N GLN A 192 21.82 57.13 -4.91
CA GLN A 192 23.24 56.87 -5.13
C GLN A 192 23.47 56.31 -6.55
N LEU A 193 22.63 55.36 -6.95
CA LEU A 193 22.75 54.82 -8.29
C LEU A 193 22.46 55.91 -9.37
N ALA A 194 21.45 56.76 -9.14
CA ALA A 194 21.07 57.80 -10.13
C ALA A 194 22.15 58.88 -10.27
N ARG A 195 22.82 59.20 -9.16
CA ARG A 195 23.93 60.15 -9.14
C ARG A 195 25.09 59.61 -9.94
N TYR A 196 25.33 58.29 -9.83
CA TYR A 196 26.48 57.70 -10.54
C TYR A 196 26.22 57.69 -12.07
N LEU A 197 25.06 57.21 -12.46
CA LEU A 197 24.68 57.06 -13.91
C LEU A 197 24.40 58.40 -14.63
N GLY A 198 23.87 59.36 -13.89
CA GLY A 198 23.59 60.64 -14.45
C GLY A 198 22.61 60.53 -15.59
N ASN A 199 22.84 61.31 -16.65
CA ASN A 199 21.88 61.32 -17.74
C ASN A 199 22.01 60.13 -18.70
N THR A 200 22.81 59.11 -18.38
CA THR A 200 22.98 57.98 -19.30
C THR A 200 21.77 57.04 -19.18
N VAL A 201 20.96 57.18 -18.14
CA VAL A 201 19.74 56.37 -17.96
C VAL A 201 18.71 57.26 -17.28
N ASP A 202 17.42 57.04 -17.53
CA ASP A 202 16.33 57.69 -16.77
C ASP A 202 15.75 56.67 -15.78
N LEU A 203 15.97 56.90 -14.50
CA LEU A 203 15.53 55.98 -13.47
C LEU A 203 14.24 56.40 -12.79
N SER A 204 13.52 57.39 -13.30
CA SER A 204 12.26 57.86 -12.66
C SER A 204 11.30 56.76 -12.32
N SER A 205 11.09 55.86 -13.28
CA SER A 205 10.13 54.77 -13.12
C SER A 205 10.80 53.43 -12.67
N PHE A 206 12.08 53.46 -12.28
CA PHE A 206 12.87 52.24 -11.94
C PHE A 206 12.59 51.86 -10.51
N ASP A 207 12.11 50.63 -10.31
CA ASP A 207 11.82 50.12 -8.98
C ASP A 207 13.09 49.48 -8.41
N PHE A 208 13.79 50.23 -7.54
CA PHE A 208 15.09 49.79 -7.00
C PHE A 208 15.01 48.39 -6.40
N ARG A 209 13.98 48.13 -5.61
CA ARG A 209 13.85 46.85 -5.03
C ARG A 209 13.71 45.67 -6.01
N THR A 210 12.92 45.80 -7.06
CA THR A 210 12.69 44.68 -7.98
C THR A 210 13.62 44.71 -9.21
N GLY A 211 14.23 45.86 -9.47
CA GLY A 211 15.08 46.00 -10.63
C GLY A 211 14.33 46.08 -11.93
N LYS A 212 13.10 46.57 -11.90
CA LYS A 212 12.23 46.66 -13.05
C LYS A 212 11.75 48.10 -13.19
N GLY B 9 13.36 -75.32 6.32
CA GLY B 9 12.43 -74.57 5.51
C GLY B 9 11.14 -75.30 5.27
N ASP B 10 11.09 -76.61 5.54
CA ASP B 10 9.89 -77.43 5.45
C ASP B 10 8.94 -77.10 6.59
N TYR B 11 7.66 -77.47 6.41
CA TYR B 11 6.60 -77.23 7.35
C TYR B 11 6.11 -78.56 7.86
N VAL B 12 5.85 -78.66 9.17
CA VAL B 12 5.54 -79.91 9.81
C VAL B 12 4.40 -79.82 10.79
N TYR B 13 3.76 -80.98 11.02
CA TYR B 13 2.69 -81.19 11.95
C TYR B 13 3.21 -81.87 13.19
N PHE B 14 3.20 -81.12 14.30
CA PHE B 14 3.68 -81.52 15.60
C PHE B 14 2.55 -82.16 16.39
N GLU B 15 2.89 -82.89 17.47
CA GLU B 15 1.94 -83.33 18.45
C GLU B 15 1.11 -82.20 19.01
N ASN B 16 -0.21 -82.42 19.07
CA ASN B 16 -1.07 -81.59 19.88
C ASN B 16 -1.30 -82.43 21.12
N SER B 17 -0.78 -82.01 22.28
CA SER B 17 -0.83 -82.80 23.49
C SER B 17 -2.21 -82.88 24.14
N SER B 18 -3.09 -81.90 23.83
CA SER B 18 -4.45 -81.85 24.37
C SER B 18 -5.45 -82.82 23.72
N SER B 19 -5.10 -83.43 22.55
CA SER B 19 -5.92 -84.32 21.67
C SER B 19 -6.37 -83.62 20.38
N ASN B 20 -6.49 -82.28 20.45
CA ASN B 20 -6.86 -81.32 19.40
C ASN B 20 -6.10 -81.38 18.03
N PRO B 21 -6.33 -80.58 16.98
CA PRO B 21 -5.57 -80.62 15.72
C PRO B 21 -4.08 -80.38 15.82
N TYR B 22 -3.22 -80.88 14.95
CA TYR B 22 -1.78 -80.68 15.09
C TYR B 22 -1.32 -79.23 15.04
N LEU B 23 -0.26 -78.89 15.83
CA LEU B 23 0.38 -77.60 15.74
C LEU B 23 1.30 -77.61 14.55
N ILE B 24 1.32 -76.50 13.81
CA ILE B 24 2.07 -76.37 12.58
C ILE B 24 3.25 -75.52 12.85
N ARG B 25 4.40 -75.89 12.31
CA ARG B 25 5.59 -75.11 12.49
C ARG B 25 6.46 -75.17 11.25
N ARG B 26 7.33 -74.15 11.06
CA ARG B 26 8.35 -74.13 10.03
C ARG B 26 9.65 -74.53 10.67
N ILE B 27 10.41 -75.43 10.04
CA ILE B 27 11.69 -75.92 10.53
C ILE B 27 12.80 -74.94 10.17
N GLU B 28 13.37 -74.26 11.17
CA GLU B 28 14.50 -73.36 10.95
C GLU B 28 15.83 -74.06 11.00
N GLU B 29 15.99 -75.03 11.93
CA GLU B 29 17.20 -75.79 12.03
C GLU B 29 16.88 -77.16 12.55
N LEU B 30 17.52 -78.21 11.99
CA LEU B 30 17.40 -79.57 12.45
C LEU B 30 18.71 -79.91 13.11
N ASN B 31 18.68 -80.33 14.39
CA ASN B 31 19.86 -80.55 15.20
C ASN B 31 19.89 -81.94 15.75
N LYS B 32 21.07 -82.58 15.75
CA LYS B 32 21.25 -83.85 16.39
C LYS B 32 22.30 -83.66 17.45
N THR B 33 22.08 -84.12 18.68
CA THR B 33 23.06 -84.02 19.74
C THR B 33 24.00 -85.20 19.68
N ALA B 34 25.01 -85.25 20.57
CA ALA B 34 26.01 -86.31 20.67
C ALA B 34 25.49 -87.72 20.92
N ASN B 35 24.34 -87.87 21.63
CA ASN B 35 23.75 -89.15 21.96
C ASN B 35 22.77 -89.56 20.85
N GLY B 36 22.77 -88.86 19.68
CA GLY B 36 22.06 -89.22 18.44
C GLY B 36 20.59 -88.87 18.40
N ASN B 37 20.08 -88.30 19.51
CA ASN B 37 18.79 -87.66 19.72
C ASN B 37 18.66 -86.51 18.78
N VAL B 38 17.47 -86.37 18.17
CA VAL B 38 17.26 -85.36 17.17
C VAL B 38 16.20 -84.43 17.69
N GLU B 39 16.52 -83.13 17.64
CA GLU B 39 15.73 -82.02 18.11
C GLU B 39 15.59 -81.05 16.96
N ALA B 40 14.51 -80.26 16.93
CA ALA B 40 14.31 -79.31 15.85
C ALA B 40 13.96 -77.95 16.41
N LYS B 41 14.52 -76.90 15.79
CA LYS B 41 14.21 -75.53 16.07
C LYS B 41 13.17 -75.10 15.09
N VAL B 42 12.06 -74.53 15.60
CA VAL B 42 10.88 -74.33 14.81
C VAL B 42 10.15 -73.02 15.12
N VAL B 43 9.80 -72.27 14.07
CA VAL B 43 9.01 -71.05 14.14
C VAL B 43 7.55 -71.45 14.11
N CYS B 44 6.72 -70.90 15.03
CA CYS B 44 5.35 -71.34 15.20
C CYS B 44 4.39 -70.74 14.19
N PHE B 45 3.46 -71.56 13.66
CA PHE B 45 2.31 -71.09 12.93
C PHE B 45 1.16 -71.09 13.85
N TYR B 46 0.56 -69.92 14.01
CA TYR B 46 -0.53 -69.74 14.90
C TYR B 46 -1.86 -69.94 14.20
N ARG B 47 -2.82 -70.62 14.87
CA ARG B 47 -4.21 -70.65 14.48
C ARG B 47 -4.88 -69.35 14.85
N ARG B 48 -5.90 -68.94 14.10
CA ARG B 48 -6.68 -67.73 14.30
C ARG B 48 -7.26 -67.47 15.68
N ARG B 49 -7.71 -68.54 16.35
CA ARG B 49 -8.13 -68.53 17.73
C ARG B 49 -6.96 -68.23 18.64
N ASP B 50 -5.81 -68.86 18.36
CA ASP B 50 -4.65 -68.82 19.25
C ASP B 50 -3.95 -67.47 19.28
N ILE B 51 -4.16 -66.71 18.22
CA ILE B 51 -3.86 -65.33 17.96
C ILE B 51 -4.73 -64.50 18.78
N SER B 52 -4.25 -64.42 20.00
CA SER B 52 -4.93 -63.70 20.99
C SER B 52 -4.10 -62.58 21.54
N HIS B 101 -16.56 -64.54 9.39
CA HIS B 101 -15.13 -64.57 9.28
C HIS B 101 -14.57 -64.32 7.88
N GLN B 102 -13.46 -63.56 7.84
CA GLN B 102 -12.63 -63.43 6.66
C GLN B 102 -11.51 -64.44 6.73
N LEU B 103 -11.20 -64.95 7.95
CA LEU B 103 -10.25 -66.01 8.10
C LEU B 103 -10.82 -67.32 7.66
N ARG B 104 -10.29 -67.83 6.54
CA ARG B 104 -10.55 -69.17 6.10
C ARG B 104 -10.26 -70.25 7.12
N HIS B 105 -10.72 -71.49 6.83
CA HIS B 105 -10.54 -72.64 7.71
C HIS B 105 -9.09 -73.01 7.99
N ARG B 106 -8.22 -72.79 6.98
CA ARG B 106 -6.84 -73.21 6.95
C ARG B 106 -5.85 -72.03 7.03
N GLU B 107 -6.30 -70.86 7.53
CA GLU B 107 -5.43 -69.74 7.84
C GLU B 107 -4.42 -70.06 8.89
N LEU B 108 -3.17 -69.67 8.64
CA LEU B 108 -2.12 -69.77 9.60
C LEU B 108 -1.27 -68.55 9.53
N PHE B 109 -0.84 -68.06 10.71
CA PHE B 109 -0.06 -66.85 10.77
C PHE B 109 1.33 -67.15 11.23
N LEU B 110 2.29 -66.58 10.48
CA LEU B 110 3.69 -66.72 10.74
C LEU B 110 4.08 -65.87 11.93
N SER B 111 4.49 -66.49 13.04
CA SER B 111 4.77 -65.73 14.24
C SER B 111 6.23 -65.42 14.41
N ARG B 112 6.55 -64.54 15.38
CA ARG B 112 7.91 -64.34 15.85
C ARG B 112 8.20 -65.21 17.07
N GLN B 113 7.35 -66.23 17.35
CA GLN B 113 7.54 -67.15 18.45
C GLN B 113 8.39 -68.32 17.97
N LEU B 114 9.52 -68.56 18.67
CA LEU B 114 10.48 -69.58 18.32
C LEU B 114 10.58 -70.57 19.46
N GLU B 115 10.49 -71.89 19.16
CA GLU B 115 10.57 -72.94 20.16
C GLU B 115 11.43 -74.07 19.62
N SER B 116 11.89 -74.98 20.51
CA SER B 116 12.71 -76.13 20.16
C SER B 116 12.10 -77.35 20.79
N LEU B 117 11.85 -78.41 20.01
CA LEU B 117 11.22 -79.60 20.54
C LEU B 117 11.80 -80.83 19.84
N PRO B 118 11.91 -82.00 20.48
CA PRO B 118 12.39 -83.23 19.85
C PRO B 118 11.69 -83.66 18.58
N ALA B 119 12.39 -84.42 17.70
CA ALA B 119 11.87 -84.83 16.40
C ALA B 119 10.73 -85.85 16.45
N THR B 120 10.54 -86.55 17.57
CA THR B 120 9.44 -87.49 17.84
C THR B 120 8.09 -86.82 17.84
N HIS B 121 8.08 -85.51 18.20
CA HIS B 121 6.91 -84.65 18.14
C HIS B 121 6.35 -84.49 16.73
N ILE B 122 7.19 -84.53 15.69
CA ILE B 122 6.73 -84.50 14.32
C ILE B 122 5.91 -85.74 13.95
N ARG B 123 4.63 -85.55 13.58
CA ARG B 123 3.77 -86.62 13.12
C ARG B 123 3.56 -86.58 11.61
N GLY B 124 3.73 -85.42 10.95
CA GLY B 124 3.59 -85.37 9.50
C GLY B 124 4.19 -84.14 8.90
N LYS B 125 4.42 -84.15 7.58
CA LYS B 125 4.90 -83.00 6.81
C LYS B 125 3.75 -82.35 6.08
N CYS B 126 3.82 -81.04 5.86
CA CYS B 126 2.73 -80.31 5.25
C CYS B 126 3.24 -79.24 4.31
N SER B 127 2.30 -78.54 3.67
CA SER B 127 2.59 -77.39 2.85
C SER B 127 1.78 -76.25 3.40
N VAL B 128 2.46 -75.13 3.70
CA VAL B 128 1.83 -73.89 4.02
C VAL B 128 2.22 -73.01 2.84
N THR B 129 1.27 -72.76 1.92
CA THR B 129 1.48 -72.07 0.67
C THR B 129 1.30 -70.56 0.85
N LEU B 130 1.68 -69.75 -0.16
CA LEU B 130 1.19 -68.39 -0.31
C LEU B 130 -0.31 -68.34 -0.58
N LEU B 131 -0.99 -67.20 -0.30
CA LEU B 131 -2.43 -67.06 -0.52
C LEU B 131 -2.88 -67.36 -1.96
N ASN B 132 -2.15 -66.81 -2.95
CA ASN B 132 -2.36 -67.05 -4.37
C ASN B 132 -2.30 -68.52 -4.79
N GLU B 133 -1.28 -69.26 -4.32
CA GLU B 133 -1.14 -70.68 -4.51
C GLU B 133 -2.24 -71.49 -3.84
N THR B 134 -2.74 -71.12 -2.65
CA THR B 134 -3.95 -71.78 -2.08
C THR B 134 -5.19 -71.61 -2.84
N GLU B 135 -5.44 -70.40 -3.32
CA GLU B 135 -6.63 -70.13 -4.09
C GLU B 135 -6.60 -70.80 -5.45
N SER B 136 -5.39 -71.07 -5.98
CA SER B 136 -5.20 -71.74 -7.26
C SER B 136 -5.34 -73.25 -7.17
N LEU B 137 -5.32 -73.84 -5.95
CA LEU B 137 -5.42 -75.27 -5.78
C LEU B 137 -6.71 -75.84 -6.33
N LYS B 138 -6.59 -76.95 -7.08
CA LYS B 138 -7.74 -77.59 -7.67
C LYS B 138 -8.48 -78.43 -6.65
N SER B 139 -9.80 -78.62 -6.86
CA SER B 139 -10.70 -79.38 -5.99
C SER B 139 -10.24 -80.78 -5.60
N TYR B 140 -9.63 -81.52 -6.56
CA TYR B 140 -9.04 -82.82 -6.33
C TYR B 140 -7.78 -82.78 -5.45
N LEU B 141 -6.96 -81.72 -5.61
CA LEU B 141 -5.69 -81.59 -4.92
C LEU B 141 -5.87 -80.92 -3.57
N GLU B 142 -7.12 -80.55 -3.22
CA GLU B 142 -7.50 -80.10 -1.90
C GLU B 142 -7.29 -81.20 -0.88
N ARG B 143 -6.54 -80.91 0.20
CA ARG B 143 -6.16 -81.91 1.17
C ARG B 143 -6.13 -81.28 2.54
N GLU B 144 -6.09 -82.15 3.57
CA GLU B 144 -5.82 -81.91 4.96
C GLU B 144 -4.46 -81.28 5.20
N ASP B 145 -3.47 -81.68 4.37
CA ASP B 145 -2.10 -81.23 4.39
C ASP B 145 -1.86 -79.80 3.90
N PHE B 146 -2.78 -79.22 3.09
CA PHE B 146 -2.60 -77.88 2.56
C PHE B 146 -3.18 -76.83 3.48
N PHE B 147 -2.32 -75.84 3.83
CA PHE B 147 -2.63 -74.67 4.62
C PHE B 147 -2.10 -73.45 3.91
N PHE B 148 -2.36 -72.25 4.43
CA PHE B 148 -1.86 -71.05 3.81
C PHE B 148 -1.54 -69.98 4.82
N TYR B 149 -0.73 -69.01 4.40
CA TYR B 149 -0.42 -67.86 5.21
C TYR B 149 -0.45 -66.61 4.37
N SER B 150 -0.89 -65.50 4.97
CA SER B 150 -0.79 -64.20 4.34
C SER B 150 -0.44 -63.11 5.34
N LEU B 151 -0.28 -63.46 6.64
CA LEU B 151 -0.02 -62.52 7.69
C LEU B 151 1.12 -63.02 8.57
N VAL B 152 1.94 -62.05 9.01
CA VAL B 152 2.94 -62.18 10.06
C VAL B 152 2.28 -61.60 11.29
N TYR B 153 2.36 -62.32 12.42
CA TYR B 153 1.73 -61.95 13.66
C TYR B 153 2.81 -61.84 14.72
N ASP B 154 2.96 -60.69 15.40
CA ASP B 154 3.82 -60.60 16.56
C ASP B 154 3.06 -61.20 17.76
N PRO B 155 3.46 -62.35 18.34
CA PRO B 155 2.78 -62.99 19.46
C PRO B 155 2.88 -62.23 20.75
N GLN B 156 3.95 -61.46 20.94
CA GLN B 156 4.16 -60.70 22.16
C GLN B 156 3.30 -59.48 22.20
N GLN B 157 3.33 -58.67 21.12
CA GLN B 157 2.54 -57.47 21.12
C GLN B 157 1.05 -57.67 20.92
N LYS B 158 0.72 -58.47 19.88
CA LYS B 158 -0.57 -58.77 19.25
C LYS B 158 -0.71 -58.18 17.84
N THR B 159 0.36 -57.58 17.26
CA THR B 159 0.27 -56.83 16.01
C THR B 159 0.25 -57.73 14.78
N LEU B 160 -0.31 -57.23 13.65
CA LEU B 160 -0.38 -57.95 12.40
C LEU B 160 0.45 -57.21 11.38
N ALA B 162 1.47 -57.72 6.82
CA ALA B 162 1.31 -56.33 6.41
C ALA B 162 0.07 -55.64 7.00
N ASP B 163 0.05 -54.29 7.00
CA ASP B 163 -1.03 -53.41 7.39
C ASP B 163 -2.29 -53.51 6.46
N GLY B 165 -22.45 -51.51 10.49
CA GLY B 165 -21.78 -51.82 9.19
C GLY B 165 -22.61 -52.79 8.38
N GLU B 166 -23.80 -52.36 8.00
CA GLU B 166 -24.73 -53.21 7.28
C GLU B 166 -25.66 -52.37 6.43
N ILE B 167 -25.97 -52.85 5.22
CA ILE B 167 -26.87 -52.14 4.33
C ILE B 167 -28.25 -52.78 4.36
N ARG B 168 -29.28 -51.95 4.49
CA ARG B 168 -30.64 -52.42 4.77
C ARG B 168 -31.54 -52.34 3.53
N VAL B 169 -32.59 -53.17 3.52
CA VAL B 169 -33.60 -53.19 2.45
C VAL B 169 -34.99 -53.00 3.03
N GLY B 170 -35.90 -52.34 2.29
CA GLY B 170 -37.26 -52.14 2.77
C GLY B 170 -37.81 -50.75 2.50
N ASN B 171 -39.11 -50.58 2.74
CA ASN B 171 -39.79 -49.31 2.46
C ASN B 171 -39.20 -48.17 3.27
N ARG B 172 -38.57 -48.52 4.39
CA ARG B 172 -38.07 -47.53 5.31
C ARG B 172 -36.60 -47.21 5.06
N TYR B 173 -36.06 -47.71 3.93
CA TYR B 173 -34.65 -47.52 3.56
C TYR B 173 -34.44 -46.97 2.15
N GLN B 174 -35.05 -47.65 1.18
CA GLN B 174 -34.95 -47.22 -0.21
C GLN B 174 -35.84 -46.01 -0.48
N ALA B 175 -35.52 -45.28 -1.54
CA ALA B 175 -36.32 -44.16 -2.01
C ALA B 175 -37.35 -44.65 -3.00
N ASP B 176 -38.52 -44.02 -3.01
CA ASP B 176 -39.52 -44.27 -4.05
C ASP B 176 -39.00 -43.66 -5.36
N ILE B 177 -38.82 -44.47 -6.39
CA ILE B 177 -38.19 -43.99 -7.63
C ILE B 177 -39.15 -43.13 -8.46
N THR B 178 -38.71 -41.92 -8.81
CA THR B 178 -39.56 -40.97 -9.52
C THR B 178 -39.69 -41.32 -10.99
N ASP B 179 -40.93 -41.51 -11.42
CA ASP B 179 -41.20 -42.02 -12.75
C ASP B 179 -40.85 -40.99 -13.81
N LEU B 180 -40.37 -41.49 -14.95
CA LEU B 180 -39.99 -40.66 -16.06
C LEU B 180 -41.24 -39.96 -16.58
N LEU B 181 -41.12 -38.66 -16.86
CA LEU B 181 -42.25 -37.88 -17.34
C LEU B 181 -42.56 -38.25 -18.77
N LYS B 182 -43.86 -38.27 -19.08
CA LYS B 182 -44.33 -38.46 -20.45
C LYS B 182 -43.82 -37.31 -21.34
N GLU B 183 -43.77 -37.56 -22.66
CA GLU B 183 -43.36 -36.53 -23.63
C GLU B 183 -44.31 -35.33 -23.60
N GLY B 184 -45.55 -35.56 -23.16
CA GLY B 184 -46.54 -34.51 -22.94
C GLY B 184 -46.51 -33.89 -21.55
N GLU B 185 -46.15 -34.69 -20.53
CA GLU B 185 -46.11 -34.21 -19.14
C GLU B 185 -44.97 -33.20 -18.94
N GLU B 186 -45.18 -32.24 -18.02
CA GLU B 186 -44.18 -31.23 -17.66
C GLU B 186 -43.86 -31.27 -16.14
N ASP B 187 -42.57 -31.12 -15.81
CA ASP B 187 -42.07 -31.30 -14.43
C ASP B 187 -42.67 -30.38 -13.37
N GLY B 188 -43.20 -29.23 -13.81
CA GLY B 188 -43.80 -28.24 -12.91
C GLY B 188 -42.84 -27.81 -11.82
N ARG B 189 -41.79 -27.08 -12.19
CA ARG B 189 -40.81 -26.54 -11.24
C ARG B 189 -40.49 -25.08 -11.51
N ASP B 190 -40.89 -24.22 -10.57
CA ASP B 190 -40.67 -22.77 -10.66
C ASP B 190 -39.21 -22.43 -10.37
N GLN B 191 -38.49 -22.00 -11.41
CA GLN B 191 -37.04 -21.79 -11.29
C GLN B 191 -36.65 -20.58 -10.46
N SER B 192 -37.54 -19.60 -10.34
CA SER B 192 -37.25 -18.43 -9.50
C SER B 192 -37.32 -18.75 -8.01
N ARG B 193 -38.12 -19.75 -7.66
CA ARG B 193 -38.18 -20.20 -6.27
C ARG B 193 -36.93 -21.02 -5.89
N LEU B 194 -36.13 -21.40 -6.89
CA LEU B 194 -34.97 -22.28 -6.69
C LEU B 194 -33.62 -21.59 -6.78
N GLU B 195 -33.52 -20.54 -7.60
CA GLU B 195 -32.23 -19.88 -7.82
C GLU B 195 -32.43 -18.42 -8.17
N THR B 196 -31.38 -17.62 -7.98
CA THR B 196 -31.36 -16.25 -8.52
C THR B 196 -29.96 -15.91 -8.97
N GLN B 197 -29.83 -15.58 -10.25
CA GLN B 197 -28.52 -15.49 -10.91
C GLN B 197 -27.73 -14.28 -10.43
N VAL B 198 -26.42 -14.44 -10.35
CA VAL B 198 -25.50 -13.46 -9.77
C VAL B 198 -24.37 -13.06 -10.70
N TRP B 199 -24.16 -13.84 -11.75
CA TRP B 199 -23.18 -13.49 -12.77
C TRP B 199 -23.42 -14.32 -14.05
N GLU B 200 -23.70 -13.62 -15.15
CA GLU B 200 -23.78 -14.26 -16.44
C GLU B 200 -22.34 -14.38 -16.99
N ALA B 201 -22.05 -15.50 -17.62
CA ALA B 201 -20.71 -15.82 -18.12
C ALA B 201 -20.47 -15.34 -19.53
N HIS B 202 -21.55 -15.06 -20.25
CA HIS B 202 -21.44 -14.52 -21.59
C HIS B 202 -21.85 -13.06 -21.57
N ASN B 203 -20.85 -12.21 -21.36
CA ASN B 203 -21.04 -10.77 -21.25
C ASN B 203 -20.51 -10.04 -22.46
N PRO B 204 -21.15 -8.90 -22.80
CA PRO B 204 -20.57 -8.03 -23.82
C PRO B 204 -19.19 -7.47 -23.44
N LEU B 205 -18.74 -7.71 -22.20
CA LEU B 205 -17.47 -7.19 -21.70
C LEU B 205 -16.34 -8.17 -21.91
N THR B 206 -15.13 -7.60 -21.96
CA THR B 206 -13.89 -8.37 -22.08
C THR B 206 -13.17 -8.44 -20.75
N ASP B 207 -12.31 -9.43 -20.60
CA ASP B 207 -11.52 -9.58 -19.37
C ASP B 207 -10.87 -8.27 -18.94
N LYS B 208 -10.33 -7.54 -19.91
CA LYS B 208 -9.64 -6.30 -19.62
C LYS B 208 -10.57 -5.34 -18.89
N GLN B 209 -11.76 -5.13 -19.45
CA GLN B 209 -12.78 -4.20 -18.93
C GLN B 209 -13.28 -4.57 -17.56
N ILE B 210 -13.47 -5.87 -17.33
CA ILE B 210 -13.88 -6.34 -16.02
C ILE B 210 -12.74 -6.08 -15.05
N ASP B 211 -11.54 -6.51 -15.44
CA ASP B 211 -10.35 -6.24 -14.64
C ASP B 211 -10.26 -4.77 -14.27
N GLN B 212 -10.38 -3.93 -15.29
CA GLN B 212 -10.35 -2.47 -15.12
C GLN B 212 -11.42 -2.02 -14.12
N PHE B 213 -12.64 -2.51 -14.30
CA PHE B 213 -13.70 -2.13 -13.40
C PHE B 213 -13.34 -2.51 -12.00
N LEU B 214 -12.79 -3.70 -11.81
CA LEU B 214 -12.37 -4.14 -10.48
C LEU B 214 -11.37 -3.16 -9.83
N VAL B 215 -10.45 -2.62 -10.63
CA VAL B 215 -9.49 -1.64 -10.13
C VAL B 215 -10.26 -0.42 -9.68
N VAL B 216 -11.20 0.00 -10.51
CA VAL B 216 -11.99 1.17 -10.19
C VAL B 216 -12.78 0.96 -8.90
N ALA B 217 -13.44 -0.20 -8.78
CA ALA B 217 -14.22 -0.56 -7.59
C ALA B 217 -13.36 -0.50 -6.34
N ARG B 218 -12.10 -0.90 -6.49
CA ARG B 218 -11.12 -0.80 -5.42
C ARG B 218 -10.73 0.64 -5.09
N SER B 219 -10.57 1.48 -6.10
CA SER B 219 -10.14 2.84 -5.88
C SER B 219 -11.19 3.62 -5.12
N VAL B 220 -12.45 3.50 -5.57
CA VAL B 220 -13.61 4.15 -4.93
C VAL B 220 -13.56 3.81 -3.44
N GLY B 221 -13.47 2.51 -3.17
CA GLY B 221 -13.45 1.97 -1.83
C GLY B 221 -12.41 2.61 -0.96
N THR B 222 -11.24 2.86 -1.51
CA THR B 222 -10.12 3.48 -0.76
C THR B 222 -10.44 4.95 -0.51
N PHE B 223 -10.95 5.61 -1.55
CA PHE B 223 -11.36 7.00 -1.47
C PHE B 223 -12.58 7.16 -0.57
N ALA B 224 -13.43 6.13 -0.50
CA ALA B 224 -14.57 6.13 0.40
C ALA B 224 -14.10 6.18 1.84
N ARG B 225 -13.18 5.30 2.19
CA ARG B 225 -12.71 5.23 3.57
C ARG B 225 -11.68 6.30 3.91
N ALA B 226 -11.27 7.08 2.90
CA ALA B 226 -10.53 8.31 3.14
C ALA B 226 -11.45 9.42 3.65
N LEU B 227 -12.71 9.38 3.23
CA LEU B 227 -13.73 10.32 3.71
C LEU B 227 -14.41 9.86 5.02
N ASP B 228 -13.70 9.14 5.89
CA ASP B 228 -14.22 8.79 7.24
C ASP B 228 -15.37 7.79 7.15
N SER B 237 -1.54 4.25 6.93
CA SER B 237 -2.95 3.95 6.69
C SER B 237 -3.34 3.99 5.19
N LEU B 238 -2.56 4.68 4.36
CA LEU B 238 -2.84 4.66 2.92
C LEU B 238 -2.79 3.23 2.38
N HIS B 239 -1.64 2.57 2.48
CA HIS B 239 -1.54 1.18 2.06
C HIS B 239 -2.62 0.34 2.76
N MET B 240 -2.87 0.59 4.05
CA MET B 240 -3.86 -0.16 4.84
C MET B 240 -5.28 -0.04 4.30
N SER B 241 -5.68 1.18 3.97
CA SER B 241 -7.00 1.43 3.39
C SER B 241 -7.17 0.79 2.00
N ALA B 242 -6.09 0.81 1.22
CA ALA B 242 -6.07 0.21 -0.11
C ALA B 242 -6.20 -1.30 -0.05
N ALA B 243 -5.52 -1.89 0.92
CA ALA B 243 -5.59 -3.33 1.10
C ALA B 243 -6.96 -3.69 1.59
N ALA B 244 -7.47 -2.89 2.53
CA ALA B 244 -8.83 -3.01 3.04
C ALA B 244 -9.84 -2.99 1.92
N ALA B 245 -9.67 -2.03 1.01
CA ALA B 245 -10.54 -1.91 -0.15
C ALA B 245 -10.30 -2.97 -1.20
N SER B 246 -9.16 -3.65 -1.13
CA SER B 246 -8.84 -4.71 -2.10
C SER B 246 -9.30 -6.08 -1.66
N ARG B 247 -9.90 -6.20 -0.48
CA ARG B 247 -10.35 -7.50 -0.01
C ARG B 247 -11.55 -8.02 -0.83
N ASP B 248 -11.87 -9.29 -0.65
CA ASP B 248 -12.76 -9.99 -1.57
C ASP B 248 -14.16 -9.42 -1.58
N ILE B 249 -14.65 -9.07 -0.39
CA ILE B 249 -16.01 -8.51 -0.23
C ILE B 249 -16.28 -7.37 -1.21
N THR B 250 -15.30 -6.48 -1.34
CA THR B 250 -15.38 -5.36 -2.26
C THR B 250 -15.42 -5.86 -3.70
N LEU B 251 -14.57 -6.83 -4.02
CA LEU B 251 -14.56 -7.42 -5.36
C LEU B 251 -15.88 -8.11 -5.66
N PHE B 252 -16.32 -8.99 -4.78
CA PHE B 252 -17.60 -9.64 -5.02
C PHE B 252 -18.66 -8.59 -5.27
N HIS B 253 -18.69 -7.55 -4.44
CA HIS B 253 -19.69 -6.49 -4.61
C HIS B 253 -19.54 -5.83 -5.96
N ALA B 254 -18.31 -5.77 -6.45
CA ALA B 254 -18.02 -5.21 -7.79
C ALA B 254 -18.52 -6.07 -8.95
N MET B 255 -18.46 -7.38 -8.78
CA MET B 255 -19.02 -8.30 -9.77
C MET B 255 -20.55 -8.31 -9.78
N ASP B 256 -21.19 -8.05 -8.64
CA ASP B 256 -22.65 -7.95 -8.58
C ASP B 256 -23.11 -6.64 -9.16
N THR B 257 -22.41 -5.56 -8.83
CA THR B 257 -22.76 -4.25 -9.34
C THR B 257 -22.78 -4.27 -10.87
N LEU B 258 -21.85 -5.02 -11.45
CA LEU B 258 -21.82 -5.17 -12.89
C LEU B 258 -23.10 -5.86 -13.37
N HIS B 259 -23.35 -7.05 -12.84
CA HIS B 259 -24.48 -7.88 -13.25
C HIS B 259 -25.85 -7.23 -13.03
N LYS B 260 -26.02 -6.58 -11.89
CA LYS B 260 -27.24 -5.84 -11.61
C LYS B 260 -27.46 -4.74 -12.61
N ASN B 261 -26.38 -4.12 -13.09
CA ASN B 261 -26.51 -3.05 -14.07
C ASN B 261 -26.41 -3.53 -15.51
N ILE B 262 -26.63 -4.83 -15.73
CA ILE B 262 -26.69 -5.42 -17.09
C ILE B 262 -25.38 -5.28 -17.86
N TYR B 263 -24.27 -5.36 -17.13
CA TYR B 263 -22.93 -5.24 -17.72
C TYR B 263 -22.70 -3.94 -18.53
N ASP B 264 -23.38 -2.88 -18.10
CA ASP B 264 -23.16 -1.55 -18.62
C ASP B 264 -22.17 -0.85 -17.68
N ILE B 265 -20.94 -0.69 -18.15
CA ILE B 265 -19.87 -0.10 -17.37
C ILE B 265 -20.27 1.28 -16.87
N SER B 266 -20.75 2.10 -17.80
CA SER B 266 -21.17 3.45 -17.48
C SER B 266 -22.30 3.55 -16.46
N LYS B 267 -23.22 2.60 -16.51
CA LYS B 267 -24.34 2.57 -15.58
C LYS B 267 -23.86 2.05 -14.22
N ALA B 268 -22.97 1.05 -14.27
CA ALA B 268 -22.49 0.39 -13.08
C ALA B 268 -21.63 1.32 -12.26
N ILE B 269 -20.86 2.16 -12.92
CA ILE B 269 -20.04 3.12 -12.19
C ILE B 269 -20.89 4.12 -11.38
N SER B 270 -22.05 4.52 -11.90
CA SER B 270 -23.01 5.36 -11.14
C SER B 270 -23.42 4.67 -9.86
N ALA B 271 -23.67 3.38 -9.96
CA ALA B 271 -24.04 2.59 -8.80
C ALA B 271 -23.01 2.73 -7.69
N LEU B 272 -21.73 2.73 -8.07
CA LEU B 272 -20.60 2.86 -7.12
C LEU B 272 -20.46 4.25 -6.49
N VAL B 273 -20.98 5.26 -7.17
CA VAL B 273 -20.91 6.63 -6.69
C VAL B 273 -22.29 7.28 -6.73
N PRO B 274 -23.27 6.69 -6.04
CA PRO B 274 -24.70 6.98 -6.25
C PRO B 274 -25.10 8.43 -6.48
N GLN B 275 -24.54 9.33 -5.67
CA GLN B 275 -24.95 10.72 -5.72
C GLN B 275 -23.73 11.59 -5.53
N GLY B 276 -22.65 11.20 -6.19
CA GLY B 276 -21.34 11.79 -5.97
C GLY B 276 -20.61 11.23 -4.76
N GLY B 277 -21.24 10.33 -4.03
CA GLY B 277 -20.64 9.78 -2.81
C GLY B 277 -20.30 8.33 -3.06
N PRO B 278 -19.11 7.87 -2.61
CA PRO B 278 -18.68 6.50 -2.85
C PRO B 278 -19.35 5.49 -1.91
N VAL B 279 -19.16 4.19 -2.16
CA VAL B 279 -19.72 3.15 -1.29
C VAL B 279 -18.63 2.36 -0.57
N LEU B 280 -18.94 1.96 0.67
CA LEU B 280 -18.02 1.22 1.53
C LEU B 280 -18.54 -0.18 1.80
N CYS B 281 -17.72 -1.17 1.51
CA CYS B 281 -18.00 -2.53 1.88
C CYS B 281 -16.90 -2.97 2.83
N ARG B 282 -17.31 -3.36 4.03
CA ARG B 282 -16.36 -3.79 5.03
C ARG B 282 -16.84 -5.15 5.55
N ASP B 283 -15.95 -6.13 5.45
CA ASP B 283 -16.16 -7.43 6.08
C ASP B 283 -16.04 -7.36 7.60
N GLU B 284 -16.50 -8.40 8.27
CA GLU B 284 -16.52 -8.42 9.72
C GLU B 284 -15.12 -8.13 10.28
N MET B 285 -14.08 -8.55 9.57
CA MET B 285 -12.71 -8.28 10.01
C MET B 285 -12.53 -6.80 10.24
N GLU B 286 -12.69 -6.03 9.17
CA GLU B 286 -12.47 -4.59 9.20
C GLU B 286 -13.52 -3.84 10.06
N GLU B 287 -14.75 -4.34 10.08
CA GLU B 287 -15.89 -3.64 10.65
C GLU B 287 -15.95 -3.56 12.15
N TRP B 288 -15.39 -4.57 12.83
CA TRP B 288 -15.45 -4.68 14.30
C TRP B 288 -14.66 -3.55 14.93
N SER B 289 -15.05 -3.10 16.11
CA SER B 289 -14.31 -2.06 16.81
C SER B 289 -13.04 -2.61 17.45
N ALA B 290 -12.15 -1.72 17.85
CA ALA B 290 -10.88 -2.11 18.44
C ALA B 290 -11.16 -2.96 19.64
N SER B 291 -12.15 -2.52 20.42
CA SER B 291 -12.53 -3.15 21.69
C SER B 291 -13.30 -4.46 21.52
N GLU B 292 -14.07 -4.58 20.44
CA GLU B 292 -14.65 -5.87 20.08
C GLU B 292 -13.55 -6.88 19.70
N ALA B 293 -12.62 -6.45 18.86
CA ALA B 293 -11.46 -7.27 18.50
C ALA B 293 -10.72 -7.76 19.74
N ASN B 294 -10.58 -6.84 20.69
CA ASN B 294 -9.94 -7.12 21.96
C ASN B 294 -10.71 -8.20 22.71
N LEU B 295 -12.02 -7.99 22.80
CA LEU B 295 -12.89 -8.95 23.47
C LEU B 295 -12.72 -10.34 22.91
N PHE B 296 -12.68 -10.42 21.58
CA PHE B 296 -12.50 -11.69 20.91
C PHE B 296 -11.22 -12.43 21.28
N GLU B 297 -10.11 -11.71 21.38
CA GLU B 297 -8.83 -12.33 21.71
C GLU B 297 -8.76 -12.76 23.16
N GLU B 298 -9.64 -12.23 24.00
CA GLU B 298 -9.75 -12.68 25.38
C GLU B 298 -10.64 -13.89 25.47
N ALA B 299 -11.72 -13.89 24.70
CA ALA B 299 -12.70 -14.96 24.72
C ALA B 299 -12.14 -16.23 24.13
N LEU B 300 -11.36 -16.11 23.05
CA LEU B 300 -10.70 -17.25 22.41
C LEU B 300 -9.70 -17.85 23.39
N GLU B 301 -8.70 -17.05 23.80
CA GLU B 301 -7.63 -17.50 24.71
C GLU B 301 -8.23 -18.05 26.01
N LYS B 302 -9.48 -17.71 26.30
CA LYS B 302 -10.12 -18.24 27.48
C LYS B 302 -11.11 -19.38 27.24
N TYR B 303 -11.88 -19.35 26.17
CA TYR B 303 -12.82 -20.45 25.89
C TYR B 303 -12.46 -21.29 24.67
N GLY B 304 -11.26 -21.11 24.15
CA GLY B 304 -10.88 -21.77 22.91
C GLY B 304 -11.90 -21.47 21.83
N LYS B 305 -12.20 -22.48 21.01
CA LYS B 305 -13.02 -22.27 19.81
C LYS B 305 -14.48 -22.62 20.09
N ASP B 306 -14.97 -22.21 21.25
CA ASP B 306 -16.37 -22.45 21.60
C ASP B 306 -17.19 -21.21 21.34
N PHE B 307 -17.60 -21.02 20.09
CA PHE B 307 -18.10 -19.72 19.63
C PHE B 307 -19.49 -19.32 20.13
N THR B 308 -20.31 -20.26 20.61
CA THR B 308 -21.58 -19.84 21.23
C THR B 308 -21.35 -19.24 22.61
N ASP B 309 -20.47 -19.83 23.39
CA ASP B 309 -20.12 -19.27 24.69
C ASP B 309 -19.31 -18.01 24.55
N ILE B 310 -18.48 -17.93 23.51
CA ILE B 310 -17.68 -16.73 23.24
C ILE B 310 -18.61 -15.53 23.03
N GLN B 311 -19.74 -15.77 22.36
CA GLN B 311 -20.72 -14.72 22.21
C GLN B 311 -21.46 -14.46 23.53
N GLN B 312 -22.11 -15.50 24.07
CA GLN B 312 -22.92 -15.38 25.27
C GLN B 312 -22.23 -14.55 26.35
N ASP B 313 -20.98 -14.89 26.64
CA ASP B 313 -20.23 -14.26 27.70
C ASP B 313 -19.37 -13.07 27.27
N PHE B 314 -18.93 -13.00 26.01
CA PHE B 314 -18.00 -11.92 25.61
C PHE B 314 -18.51 -10.93 24.54
N LEU B 315 -19.18 -11.45 23.53
CA LEU B 315 -19.73 -10.61 22.44
C LEU B 315 -21.20 -10.94 22.16
N PRO B 316 -22.08 -10.70 23.15
CA PRO B 316 -23.47 -11.14 23.05
C PRO B 316 -24.32 -10.30 22.10
N TRP B 317 -23.83 -9.13 21.74
CA TRP B 317 -24.55 -8.26 20.81
C TRP B 317 -24.28 -8.61 19.36
N LYS B 318 -23.26 -9.43 19.10
CA LYS B 318 -22.95 -9.89 17.74
C LYS B 318 -23.67 -11.18 17.44
N SER B 319 -23.98 -11.42 16.17
CA SER B 319 -24.62 -12.67 15.79
C SER B 319 -23.58 -13.76 15.60
N LEU B 320 -23.91 -14.97 16.05
CA LEU B 320 -22.96 -16.07 16.00
C LEU B 320 -22.25 -16.10 14.65
N THR B 321 -23.02 -16.02 13.57
CA THR B 321 -22.43 -16.26 12.24
C THR B 321 -21.47 -15.15 11.86
N SER B 322 -21.61 -13.96 12.42
CA SER B 322 -20.62 -12.91 12.19
C SER B 322 -19.31 -13.21 12.96
N ILE B 323 -19.44 -13.82 14.13
CA ILE B 323 -18.28 -14.17 14.90
C ILE B 323 -17.49 -15.27 14.19
N ILE B 324 -18.18 -16.19 13.53
CA ILE B 324 -17.52 -17.25 12.77
C ILE B 324 -16.71 -16.62 11.65
N GLU B 325 -17.38 -15.84 10.79
CA GLU B 325 -16.73 -15.14 9.66
C GLU B 325 -15.53 -14.34 10.10
N TYR B 326 -15.67 -13.69 11.25
CA TYR B 326 -14.56 -12.96 11.83
C TYR B 326 -13.42 -13.92 12.20
N TYR B 327 -13.75 -14.97 12.94
CA TYR B 327 -12.74 -15.93 13.37
C TYR B 327 -11.78 -16.26 12.21
N TYR B 328 -12.34 -16.80 11.14
CA TYR B 328 -11.53 -17.30 10.06
C TYR B 328 -10.68 -16.21 9.46
N MET B 329 -11.25 -15.01 9.35
CA MET B 329 -10.49 -13.89 8.81
C MET B 329 -9.36 -13.48 9.76
N TRP B 330 -9.62 -13.66 11.04
CA TRP B 330 -8.66 -13.28 12.06
C TRP B 330 -7.49 -14.26 12.10
N LYS B 331 -7.75 -15.53 11.81
CA LYS B 331 -6.70 -16.56 11.76
C LYS B 331 -5.53 -16.22 10.82
N THR B 332 -5.72 -15.32 9.87
CA THR B 332 -4.66 -14.93 8.96
C THR B 332 -3.98 -13.67 9.44
N THR B 333 -4.42 -13.15 10.57
CA THR B 333 -3.89 -11.91 11.09
C THR B 333 -2.37 -11.97 11.13
N ASP B 334 -1.74 -10.82 10.92
CA ASP B 334 -0.29 -10.68 10.97
C ASP B 334 0.20 -10.80 12.43
N ARG B 335 -0.25 -9.86 13.26
CA ARG B 335 0.01 -9.88 14.72
C ARG B 335 -0.35 -11.23 15.36
N TYR B 336 -1.16 -12.02 14.65
CA TYR B 336 -1.44 -13.39 15.02
C TYR B 336 -0.33 -14.38 14.65
N VAL B 337 0.32 -14.90 15.68
CA VAL B 337 1.35 -15.91 15.49
C VAL B 337 1.17 -16.93 16.61
N GLN B 338 0.39 -17.96 16.27
CA GLN B 338 0.33 -19.15 17.10
C GLN B 338 1.43 -20.14 16.70
N GLN B 339 1.87 -20.10 15.44
CA GLN B 339 2.98 -20.96 14.97
C GLN B 339 4.36 -20.39 15.33
N LYS B 340 5.39 -21.24 15.17
CA LYS B 340 6.77 -20.85 15.42
C LYS B 340 7.67 -21.45 14.33
N ARG B 468 -15.05 -123.02 13.15
CA ARG B 468 -13.64 -122.55 13.39
C ARG B 468 -12.75 -123.74 13.81
N GLN B 469 -12.58 -123.97 15.11
CA GLN B 469 -11.76 -125.06 15.66
C GLN B 469 -11.83 -125.04 17.20
N ALA B 470 -12.81 -125.76 17.74
CA ALA B 470 -13.05 -125.78 19.20
C ALA B 470 -11.94 -126.50 19.95
N PHE B 471 -11.67 -126.03 21.17
CA PHE B 471 -10.60 -126.59 22.02
C PHE B 471 -10.77 -126.22 23.48
N TYR B 472 -9.98 -126.88 24.32
CA TYR B 472 -9.98 -126.68 25.77
C TYR B 472 -8.54 -126.50 26.24
N LEU B 473 -8.36 -125.75 27.33
CA LEU B 473 -7.05 -125.58 27.96
C LEU B 473 -7.21 -125.48 29.47
N HIS B 474 -6.39 -126.22 30.21
CA HIS B 474 -6.31 -126.10 31.67
C HIS B 474 -4.93 -125.64 32.20
N THR B 475 -3.86 -125.88 31.43
CA THR B 475 -2.48 -125.50 31.78
C THR B 475 -1.95 -126.27 33.00
N THR B 476 -0.89 -127.05 32.80
CA THR B 476 -0.31 -127.87 33.86
C THR B 476 0.43 -127.01 34.89
N LYS B 477 0.59 -127.55 36.10
CA LYS B 477 1.28 -126.81 37.18
C LYS B 477 2.79 -126.69 36.99
N LEU B 478 3.37 -127.41 36.02
CA LEU B 478 4.75 -127.17 35.59
C LEU B 478 4.83 -125.89 34.74
N THR B 479 3.97 -125.79 33.73
CA THR B 479 3.96 -124.60 32.86
C THR B 479 3.46 -123.33 33.57
N ARG B 480 2.76 -123.49 34.70
CA ARG B 480 2.40 -122.36 35.56
C ARG B 480 3.63 -121.70 36.17
N ILE B 481 4.45 -122.49 36.88
CA ILE B 481 5.67 -121.95 37.54
C ILE B 481 6.85 -121.79 36.58
N ALA B 482 6.75 -122.36 35.37
CA ALA B 482 7.71 -122.09 34.30
C ALA B 482 7.68 -120.61 33.86
N ARG B 483 6.50 -119.99 33.97
CA ARG B 483 6.33 -118.56 33.68
C ARG B 483 6.98 -117.69 34.75
N ARG B 484 6.85 -118.09 36.01
CA ARG B 484 7.47 -117.38 37.13
C ARG B 484 8.99 -117.52 37.15
N LEU B 485 9.47 -118.75 36.91
CA LEU B 485 10.93 -119.00 36.82
C LEU B 485 11.57 -118.27 35.63
N CYS B 486 10.89 -118.27 34.48
CA CYS B 486 11.35 -117.57 33.28
C CYS B 486 10.55 -116.28 33.06
N ARG B 487 10.53 -115.42 34.07
CA ARG B 487 9.84 -114.12 34.01
C ARG B 487 10.56 -113.16 33.05
N GLU B 488 11.88 -113.23 33.00
CA GLU B 488 12.69 -112.31 32.19
C GLU B 488 12.58 -112.60 30.69
N ILE B 489 12.37 -113.86 30.32
CA ILE B 489 12.26 -114.27 28.91
C ILE B 489 10.82 -114.09 28.44
N LEU B 490 9.87 -114.59 29.23
CA LEU B 490 8.44 -114.47 28.92
C LEU B 490 7.98 -113.01 28.87
N ARG B 491 8.24 -112.28 29.96
CA ARG B 491 7.79 -110.90 30.15
C ARG B 491 6.25 -110.82 30.10
N PRO B 492 5.58 -111.33 31.15
CA PRO B 492 4.10 -111.36 31.16
C PRO B 492 3.44 -109.98 31.03
N TRP B 493 4.04 -108.97 31.66
CA TRP B 493 3.62 -107.56 31.49
C TRP B 493 3.59 -107.10 30.02
N HIS B 494 4.58 -107.57 29.25
CA HIS B 494 4.66 -107.30 27.81
C HIS B 494 3.70 -108.21 27.04
N ALA B 495 3.74 -109.51 27.37
CA ALA B 495 2.93 -110.53 26.67
C ALA B 495 1.43 -110.38 26.86
N ALA B 496 1.01 -109.81 28.00
CA ALA B 496 -0.41 -109.59 28.29
C ALA B 496 -1.08 -108.64 27.29
N ARG B 497 -0.37 -107.60 26.88
CA ARG B 497 -0.86 -106.62 25.90
C ARG B 497 -0.33 -106.85 24.47
N HIS B 498 0.12 -108.07 24.19
CA HIS B 498 0.61 -108.46 22.87
C HIS B 498 0.20 -109.91 22.59
N PRO B 499 -1.11 -110.13 22.34
CA PRO B 499 -1.61 -111.48 22.09
C PRO B 499 -1.21 -112.05 20.73
N TYR B 500 -0.93 -111.19 19.76
CA TYR B 500 -0.57 -111.61 18.39
C TYR B 500 0.94 -111.55 18.08
N LEU B 501 1.76 -111.34 19.11
CA LEU B 501 3.20 -111.61 19.01
C LEU B 501 3.43 -113.05 19.47
N PRO B 502 4.17 -113.85 18.68
CA PRO B 502 4.48 -115.21 19.12
C PRO B 502 5.52 -115.22 20.24
N ILE B 503 5.18 -115.81 21.38
CA ILE B 503 6.08 -115.92 22.52
C ILE B 503 7.11 -117.01 22.23
N ASN B 504 8.34 -116.83 22.71
CA ASN B 504 9.41 -117.82 22.55
C ASN B 504 9.12 -119.06 23.42
N SER B 505 8.36 -119.99 22.85
CA SER B 505 7.94 -121.20 23.55
C SER B 505 9.08 -122.19 23.80
N ALA B 506 10.12 -122.15 22.97
CA ALA B 506 11.28 -123.02 23.12
C ALA B 506 12.21 -122.59 24.25
N ALA B 507 12.45 -121.28 24.36
CA ALA B 507 13.45 -120.73 25.29
C ALA B 507 13.10 -120.96 26.76
N ILE B 508 11.88 -120.59 27.15
CA ILE B 508 11.43 -120.80 28.55
C ILE B 508 11.36 -122.30 28.93
N LYS B 509 10.99 -123.15 27.98
CA LYS B 509 10.97 -124.61 28.21
C LYS B 509 12.38 -125.18 28.41
N ALA B 510 13.36 -124.62 27.69
CA ALA B 510 14.76 -125.01 27.86
C ALA B 510 15.30 -124.55 29.22
N GLU B 511 15.05 -123.28 29.57
CA GLU B 511 15.54 -122.69 30.81
C GLU B 511 14.83 -123.21 32.06
N CYS B 512 13.54 -123.54 31.95
CA CYS B 512 12.78 -124.09 33.08
C CYS B 512 13.26 -125.49 33.49
N THR B 513 13.49 -126.35 32.48
CA THR B 513 14.04 -127.69 32.71
C THR B 513 15.51 -127.65 33.14
N ALA B 514 16.28 -126.75 32.53
CA ALA B 514 17.70 -126.56 32.89
C ALA B 514 17.89 -125.96 34.29
N ARG B 515 16.98 -125.08 34.69
CA ARG B 515 16.99 -124.46 36.02
C ARG B 515 15.84 -125.01 36.89
N LEU B 516 15.77 -126.34 36.96
CA LEU B 516 14.75 -127.04 37.76
C LEU B 516 14.95 -126.91 39.28
N PRO B 517 16.19 -127.17 39.78
CA PRO B 517 16.37 -127.22 41.24
C PRO B 517 16.38 -125.84 41.90
N GLU B 518 15.25 -125.48 42.51
CA GLU B 518 15.10 -124.19 43.18
C GLU B 518 13.87 -124.19 44.10
N ALA B 529 -0.15 -110.96 45.42
CA ALA B 529 0.36 -109.61 45.59
C ALA B 529 -0.73 -108.67 46.10
N VAL B 530 -0.35 -107.75 46.99
CA VAL B 530 -1.29 -106.74 47.53
C VAL B 530 -1.67 -105.72 46.46
N ARG B 531 -2.96 -105.35 46.42
CA ARG B 531 -3.54 -104.59 45.31
C ARG B 531 -3.61 -103.06 45.49
N LYS B 532 -3.64 -102.59 46.74
CA LYS B 532 -3.80 -101.15 47.06
C LYS B 532 -5.26 -100.70 46.81
N PRO B 533 -5.93 -100.15 47.85
CA PRO B 533 -7.40 -99.95 47.77
C PRO B 533 -7.87 -98.84 46.83
N LEU B 534 -9.19 -98.81 46.62
CA LEU B 534 -9.84 -97.82 45.75
C LEU B 534 -9.84 -96.41 46.35
N GLU B 535 -9.79 -96.33 47.68
CA GLU B 535 -9.61 -95.05 48.37
C GLU B 535 -8.31 -94.35 47.95
N ALA B 536 -7.23 -95.13 47.82
CA ALA B 536 -5.93 -94.60 47.44
C ALA B 536 -5.85 -94.12 45.98
N VAL B 537 -6.52 -94.83 45.07
CA VAL B 537 -6.43 -94.52 43.64
C VAL B 537 -7.30 -93.32 43.24
N LEU B 538 -8.45 -93.16 43.89
CA LEU B 538 -9.30 -91.99 43.72
C LEU B 538 -8.62 -90.74 44.27
N ARG B 539 -7.92 -90.90 45.40
CA ARG B 539 -7.09 -89.85 45.96
C ARG B 539 -5.90 -89.51 45.06
N TYR B 540 -5.30 -90.53 44.43
CA TYR B 540 -4.24 -90.30 43.43
C TYR B 540 -4.78 -89.57 42.19
N LEU B 541 -5.94 -90.01 41.70
CA LEU B 541 -6.53 -89.45 40.47
C LEU B 541 -6.88 -87.95 40.58
N GLU B 542 -7.44 -87.56 41.72
CA GLU B 542 -7.69 -86.13 41.98
C GLU B 542 -6.37 -85.36 42.23
N THR B 543 -5.41 -85.99 42.90
CA THR B 543 -4.08 -85.41 43.13
C THR B 543 -3.28 -85.22 41.82
N HIS B 544 -3.46 -86.13 40.87
CA HIS B 544 -2.82 -86.07 39.55
C HIS B 544 -3.90 -86.02 38.46
N PRO B 545 -4.55 -84.86 38.27
CA PRO B 545 -5.78 -84.78 37.49
C PRO B 545 -5.59 -84.54 35.99
N ARG B 546 -6.70 -84.56 35.27
CA ARG B 546 -6.71 -84.33 33.82
C ARG B 546 -6.66 -82.84 33.53
N GLY C 9 -18.35 86.22 7.06
CA GLY C 9 -18.54 85.23 6.01
C GLY C 9 -18.33 85.79 4.63
N ASP C 10 -18.28 87.13 4.50
CA ASP C 10 -17.98 87.81 3.26
C ASP C 10 -16.50 87.69 2.91
N TYR C 11 -16.18 87.92 1.62
CA TYR C 11 -14.84 87.81 1.10
C TYR C 11 -14.41 89.18 0.65
N VAL C 12 -13.15 89.56 0.94
CA VAL C 12 -12.67 90.90 0.72
C VAL C 12 -11.30 90.93 0.11
N TYR C 13 -11.01 92.07 -0.56
CA TYR C 13 -9.76 92.40 -1.18
C TYR C 13 -9.01 93.39 -0.32
N PHE C 14 -7.89 92.91 0.25
CA PHE C 14 -7.02 93.63 1.14
C PHE C 14 -5.94 94.33 0.36
N GLU C 15 -5.26 95.32 0.99
CA GLU C 15 -4.06 95.89 0.45
C GLU C 15 -3.00 94.87 0.12
N ASN C 16 -2.41 95.00 -1.07
CA ASN C 16 -1.18 94.31 -1.37
C ASN C 16 -0.13 95.38 -1.22
N SER C 17 0.74 95.27 -0.21
CA SER C 17 1.70 96.32 0.12
C SER C 17 2.86 96.43 -0.86
N SER C 18 3.14 95.36 -1.63
CA SER C 18 4.21 95.33 -2.62
C SER C 18 3.89 96.05 -3.95
N SER C 19 2.60 96.41 -4.21
CA SER C 19 2.03 97.01 -5.44
C SER C 19 1.22 96.01 -6.26
N ASN C 20 1.55 94.71 -6.12
CA ASN C 20 0.96 93.51 -6.73
C ASN C 20 -0.60 93.33 -6.61
N PRO C 21 -1.29 92.28 -7.13
CA PRO C 21 -2.75 92.10 -6.96
C PRO C 21 -3.26 91.99 -5.55
N TYR C 22 -4.49 92.35 -5.20
CA TYR C 22 -4.96 92.29 -3.83
C TYR C 22 -4.95 90.91 -3.20
N LEU C 23 -4.66 90.84 -1.88
CA LEU C 23 -4.79 89.61 -1.12
C LEU C 23 -6.25 89.41 -0.78
N ILE C 24 -6.71 88.16 -0.88
CA ILE C 24 -8.11 87.83 -0.69
C ILE C 24 -8.23 87.14 0.61
N ARG C 25 -9.29 87.47 1.36
CA ARG C 25 -9.49 86.84 2.63
C ARG C 25 -10.98 86.68 2.90
N ARG C 26 -11.35 85.71 3.76
CA ARG C 26 -12.69 85.53 4.27
C ARG C 26 -12.76 86.16 5.64
N ILE C 27 -13.81 86.95 5.91
CA ILE C 27 -14.01 87.63 7.18
C ILE C 27 -14.64 86.68 8.19
N GLU C 28 -13.89 86.27 9.23
CA GLU C 28 -14.42 85.44 10.29
C GLU C 28 -15.07 86.22 11.39
N GLU C 29 -14.48 87.38 11.75
CA GLU C 29 -15.04 88.22 12.77
C GLU C 29 -14.68 89.67 12.46
N LEU C 30 -15.64 90.60 12.64
CA LEU C 30 -15.42 92.02 12.50
C LEU C 30 -15.45 92.60 13.89
N ASN C 31 -14.38 93.29 14.32
CA ASN C 31 -14.22 93.76 15.68
C ASN C 31 -13.98 95.25 15.70
N LYS C 32 -14.59 95.94 16.66
CA LYS C 32 -14.33 97.35 16.88
C LYS C 32 -13.82 97.46 18.30
N THR C 33 -12.71 98.18 18.51
CA THR C 33 -12.19 98.38 19.84
C THR C 33 -12.84 99.60 20.48
N ALA C 34 -12.51 99.92 21.74
CA ALA C 34 -13.04 101.04 22.51
C ALA C 34 -12.83 102.44 21.91
N ASN C 35 -11.73 102.66 21.16
CA ASN C 35 -11.41 103.93 20.55
C ASN C 35 -12.04 104.01 19.14
N GLY C 36 -12.95 103.05 18.78
CA GLY C 36 -13.80 103.09 17.58
C GLY C 36 -13.13 102.62 16.29
N ASN C 37 -11.84 102.29 16.39
CA ASN C 37 -10.98 101.61 15.41
C ASN C 37 -11.55 100.27 15.09
N VAL C 38 -11.56 99.92 13.80
CA VAL C 38 -12.17 98.70 13.36
C VAL C 38 -11.10 97.82 12.78
N GLU C 39 -11.06 96.57 13.26
CA GLU C 39 -10.11 95.55 12.92
C GLU C 39 -10.90 94.33 12.48
N ALA C 40 -10.31 93.48 11.62
CA ALA C 40 -11.02 92.31 11.16
C ALA C 40 -10.14 91.08 11.28
N LYS C 41 -10.76 89.97 11.71
CA LYS C 41 -10.14 88.68 11.78
C LYS C 41 -10.48 87.96 10.49
N VAL C 42 -9.45 87.44 9.81
CA VAL C 42 -9.59 86.97 8.45
C VAL C 42 -8.78 85.73 8.14
N VAL C 43 -9.43 84.73 7.52
CA VAL C 43 -8.81 83.50 7.03
C VAL C 43 -8.28 83.78 5.64
N CYS C 44 -7.02 83.40 5.37
CA CYS C 44 -6.35 83.77 4.14
C CYS C 44 -6.72 82.89 2.95
N PHE C 45 -6.92 83.50 1.77
CA PHE C 45 -6.99 82.78 0.52
C PHE C 45 -5.67 82.91 -0.14
N TYR C 46 -5.08 81.76 -0.42
CA TYR C 46 -3.79 81.72 -1.01
C TYR C 46 -3.86 81.65 -2.52
N ARG C 47 -2.97 82.39 -3.22
CA ARG C 47 -2.72 82.23 -4.63
C ARG C 47 -1.88 81.01 -4.88
N ARG C 48 -2.02 80.37 -6.04
CA ARG C 48 -1.31 79.17 -6.45
C ARG C 48 0.22 79.19 -6.38
N ARG C 49 0.83 80.35 -6.67
CA ARG C 49 2.22 80.62 -6.49
C ARG C 49 2.57 80.62 -5.01
N ASP C 50 1.71 81.26 -4.19
CA ASP C 50 2.00 81.49 -2.78
C ASP C 50 1.96 80.24 -1.92
N ILE C 51 1.25 79.25 -2.42
CA ILE C 51 1.12 77.88 -2.04
C ILE C 51 2.36 77.18 -2.35
N SER C 52 3.25 77.42 -1.40
CA SER C 52 4.55 76.89 -1.50
C SER C 52 4.88 76.00 -0.34
N HIS C 101 -0.82 74.26 -16.82
CA HIS C 101 -1.54 74.37 -15.59
C HIS C 101 -2.96 73.84 -15.62
N GLN C 102 -3.36 73.18 -14.51
CA GLN C 102 -4.74 72.85 -14.23
C GLN C 102 -5.34 73.93 -13.35
N LEU C 103 -4.48 74.72 -12.67
CA LEU C 103 -4.94 75.86 -11.92
C LEU C 103 -5.31 76.99 -12.81
N ARG C 104 -6.62 77.26 -12.89
CA ARG C 104 -7.12 78.44 -13.52
C ARG C 104 -6.54 79.76 -13.01
N HIS C 105 -6.80 80.86 -13.74
CA HIS C 105 -6.31 82.19 -13.42
C HIS C 105 -6.74 82.71 -12.05
N ARG C 106 -7.98 82.35 -11.65
CA ARG C 106 -8.68 82.83 -10.49
C ARG C 106 -8.84 81.79 -9.38
N GLU C 107 -7.99 80.72 -9.39
CA GLU C 107 -7.90 79.77 -8.30
C GLU C 107 -7.47 80.39 -7.01
N LEU C 108 -8.17 80.04 -5.93
CA LEU C 108 -7.79 80.44 -4.61
C LEU C 108 -8.01 79.29 -3.68
N PHE C 109 -7.07 79.12 -2.73
CA PHE C 109 -7.14 78.01 -1.80
C PHE C 109 -7.40 78.51 -0.41
N LEU C 110 -8.37 77.86 0.23
CA LEU C 110 -8.78 78.15 1.58
C LEU C 110 -7.74 77.62 2.54
N SER C 111 -7.04 78.50 3.27
CA SER C 111 -5.97 78.06 4.13
C SER C 111 -6.41 77.90 5.57
N ARG C 112 -5.53 77.29 6.38
CA ARG C 112 -5.67 77.29 7.82
C ARG C 112 -4.86 78.43 8.45
N GLN C 113 -4.42 79.42 7.64
CA GLN C 113 -3.70 80.58 8.10
C GLN C 113 -4.69 81.67 8.50
N LEU C 114 -4.60 82.15 9.74
CA LEU C 114 -5.51 83.13 10.31
C LEU C 114 -4.71 84.35 10.70
N GLU C 115 -5.16 85.55 10.28
CA GLU C 115 -4.50 86.81 10.59
C GLU C 115 -5.54 87.85 10.96
N SER C 116 -5.10 88.96 11.59
CA SER C 116 -5.97 90.07 12.00
C SER C 116 -5.36 91.34 11.51
N LEU C 117 -6.12 92.19 10.79
CA LEU C 117 -5.59 93.42 10.25
C LEU C 117 -6.68 94.49 10.29
N PRO C 118 -6.36 95.79 10.46
CA PRO C 118 -7.32 96.87 10.44
C PRO C 118 -8.23 96.96 9.22
N ALA C 119 -9.44 97.55 9.36
CA ALA C 119 -10.43 97.62 8.30
C ALA C 119 -10.08 98.53 7.12
N THR C 120 -9.11 99.46 7.31
CA THR C 120 -8.57 100.34 6.28
C THR C 120 -7.86 99.59 5.18
N HIS C 121 -7.31 98.40 5.52
CA HIS C 121 -6.71 97.46 4.59
C HIS C 121 -7.67 96.96 3.52
N ILE C 122 -8.98 96.83 3.85
CA ILE C 122 -9.99 96.45 2.88
C ILE C 122 -10.17 97.52 1.80
N ARG C 123 -9.91 97.15 0.53
CA ARG C 123 -10.13 98.02 -0.61
C ARG C 123 -11.37 97.63 -1.40
N GLY C 124 -11.83 96.37 -1.34
CA GLY C 124 -13.04 95.98 -2.05
C GLY C 124 -13.63 94.69 -1.55
N LYS C 125 -14.89 94.43 -1.88
CA LYS C 125 -15.57 93.18 -1.59
C LYS C 125 -15.61 92.30 -2.82
N CYS C 126 -15.61 90.97 -2.63
CA CYS C 126 -15.56 90.05 -3.73
C CYS C 126 -16.42 88.85 -3.49
N SER C 127 -16.46 87.95 -4.49
CA SER C 127 -17.11 86.67 -4.37
C SER C 127 -16.08 85.62 -4.69
N VAL C 128 -15.92 84.66 -3.77
CA VAL C 128 -15.14 83.47 -4.01
C VAL C 128 -16.20 82.38 -4.01
N THR C 129 -16.56 81.86 -5.18
CA THR C 129 -17.65 80.92 -5.40
C THR C 129 -17.14 79.48 -5.24
N LEU C 130 -18.06 78.51 -5.18
CA LEU C 130 -17.75 77.11 -5.46
C LEU C 130 -17.33 76.89 -6.92
N LEU C 131 -16.60 75.80 -7.23
CA LEU C 131 -16.14 75.50 -8.59
C LEU C 131 -17.27 75.45 -9.63
N ASN C 132 -18.37 74.75 -9.29
CA ASN C 132 -19.57 74.64 -10.10
C ASN C 132 -20.22 75.98 -10.46
N GLU C 133 -20.37 76.87 -9.46
CA GLU C 133 -20.86 78.22 -9.65
C GLU C 133 -19.93 79.08 -10.50
N THR C 134 -18.59 78.95 -10.40
CA THR C 134 -17.67 79.62 -11.35
C THR C 134 -17.78 79.21 -12.75
N GLU C 135 -17.89 77.89 -12.98
CA GLU C 135 -18.01 77.39 -14.32
C GLU C 135 -19.34 77.72 -14.95
N SER C 136 -20.38 77.95 -14.12
CA SER C 136 -21.70 78.34 -14.58
C SER C 136 -21.83 79.81 -14.92
N LEU C 137 -20.86 80.66 -14.49
CA LEU C 137 -20.91 82.08 -14.75
C LEU C 137 -20.93 82.42 -16.24
N LYS C 138 -21.84 83.33 -16.60
CA LYS C 138 -21.97 83.74 -17.98
C LYS C 138 -20.90 84.73 -18.36
N SER C 139 -20.54 84.78 -19.66
CA SER C 139 -19.52 85.64 -20.24
C SER C 139 -19.60 87.13 -19.90
N TYR C 140 -20.84 87.67 -19.86
CA TYR C 140 -21.14 89.03 -19.45
C TYR C 140 -20.89 89.29 -17.95
N LEU C 141 -21.20 88.28 -17.10
CA LEU C 141 -21.12 88.40 -15.67
C LEU C 141 -19.73 88.04 -15.17
N GLU C 142 -18.81 87.67 -16.08
CA GLU C 142 -17.41 87.49 -15.82
C GLU C 142 -16.78 88.82 -15.38
N ARG C 143 -16.11 88.83 -14.22
CA ARG C 143 -15.59 90.03 -13.65
C ARG C 143 -14.27 89.75 -12.96
N GLU C 144 -13.54 90.82 -12.64
CA GLU C 144 -12.38 90.91 -11.79
C GLU C 144 -12.65 90.46 -10.37
N ASP C 145 -13.88 90.73 -9.89
CA ASP C 145 -14.38 90.40 -8.57
C ASP C 145 -14.67 88.91 -8.33
N PHE C 146 -14.89 88.11 -9.39
CA PHE C 146 -15.20 86.70 -9.24
C PHE C 146 -13.95 85.84 -9.21
N PHE C 147 -13.85 85.03 -8.13
CA PHE C 147 -12.82 84.04 -7.90
C PHE C 147 -13.47 82.74 -7.51
N PHE C 148 -12.68 81.66 -7.34
CA PHE C 148 -13.24 80.39 -6.95
C PHE C 148 -12.31 79.61 -6.08
N TYR C 149 -12.86 78.62 -5.36
CA TYR C 149 -12.07 77.72 -4.57
C TYR C 149 -12.60 76.31 -4.74
N SER C 150 -11.68 75.33 -4.70
CA SER C 150 -12.05 73.94 -4.67
C SER C 150 -11.14 73.12 -3.75
N LEU C 151 -10.12 73.78 -3.15
CA LEU C 151 -9.14 73.11 -2.32
C LEU C 151 -8.93 73.87 -1.04
N VAL C 152 -8.73 73.09 0.05
CA VAL C 152 -8.27 73.53 1.33
C VAL C 152 -6.79 73.20 1.35
N TYR C 153 -5.95 74.15 1.78
CA TYR C 153 -4.52 74.02 1.76
C TYR C 153 -4.03 74.24 3.19
N ASP C 154 -3.30 73.28 3.79
CA ASP C 154 -2.63 73.51 5.05
C ASP C 154 -1.34 74.33 4.77
N PRO C 155 -1.20 75.59 5.18
CA PRO C 155 -0.03 76.42 4.91
C PRO C 155 1.21 75.97 5.65
N GLN C 156 1.05 75.35 6.83
CA GLN C 156 2.16 74.90 7.62
C GLN C 156 2.78 73.66 7.07
N GLN C 157 1.94 72.64 6.78
CA GLN C 157 2.51 71.40 6.28
C GLN C 157 2.94 71.46 4.82
N LYS C 158 2.02 71.98 3.97
CA LYS C 158 1.97 72.03 2.50
C LYS C 158 0.87 71.13 1.90
N THR C 159 0.02 70.49 2.72
CA THR C 159 -0.93 69.48 2.25
C THR C 159 -2.16 70.08 1.59
N LEU C 160 -2.84 69.30 0.70
CA LEU C 160 -4.04 69.70 0.02
C LEU C 160 -5.17 68.81 0.46
N ALA C 162 -9.73 68.36 -0.57
CA ALA C 162 -9.77 66.91 -0.67
C ALA C 162 -8.60 66.28 -1.43
N ASP C 163 -8.37 64.97 -1.21
CA ASP C 163 -7.40 64.11 -1.90
C ASP C 163 -7.70 63.92 -3.42
N GLY C 165 1.85 62.14 -22.94
CA GLY C 165 0.38 62.28 -22.82
C GLY C 165 -0.21 62.94 -24.04
N GLU C 166 -0.06 62.28 -25.18
CA GLU C 166 -0.49 62.85 -26.45
C GLU C 166 -0.83 61.73 -27.44
N ILE C 167 -1.89 61.93 -28.21
CA ILE C 167 -2.29 60.95 -29.20
C ILE C 167 -1.84 61.39 -30.59
N ARG C 168 -1.23 60.46 -31.33
CA ARG C 168 -0.55 60.79 -32.59
C ARG C 168 -1.36 60.35 -33.82
N VAL C 169 -1.10 61.01 -34.94
CA VAL C 169 -1.72 60.69 -36.24
C VAL C 169 -0.64 60.43 -37.30
N GLY C 170 -0.91 59.53 -38.24
CA GLY C 170 0.05 59.23 -39.31
C GLY C 170 0.20 57.76 -39.63
N ASN C 171 0.92 57.46 -40.71
CA ASN C 171 1.08 56.09 -41.18
C ASN C 171 1.77 55.22 -40.15
N ARG C 172 2.52 55.86 -39.26
CA ARG C 172 3.33 55.14 -38.29
C ARG C 172 2.60 55.00 -36.95
N TYR C 173 1.30 55.32 -36.94
CA TYR C 173 0.46 55.25 -35.73
C TYR C 173 -0.84 54.49 -35.91
N GLN C 174 -1.61 54.86 -36.92
CA GLN C 174 -2.86 54.20 -37.21
C GLN C 174 -2.62 52.84 -37.88
N ALA C 175 -3.62 51.97 -37.80
CA ALA C 175 -3.60 50.68 -38.48
C ALA C 175 -4.21 50.83 -39.86
N ASP C 176 -3.71 50.04 -40.81
CA ASP C 176 -4.34 49.96 -42.13
C ASP C 176 -5.64 49.18 -41.97
N ILE C 177 -6.77 49.79 -42.31
CA ILE C 177 -8.07 49.16 -42.06
C ILE C 177 -8.38 48.04 -43.05
N THR C 178 -8.70 46.85 -42.52
CA THR C 178 -8.92 45.67 -43.36
C THR C 178 -10.26 45.70 -44.05
N ASP C 179 -10.23 45.64 -45.37
CA ASP C 179 -11.44 45.83 -46.17
C ASP C 179 -12.40 44.67 -46.00
N LEU C 180 -13.69 45.00 -46.03
CA LEU C 180 -14.74 44.02 -45.89
C LEU C 180 -14.66 43.08 -47.09
N LEU C 181 -14.79 41.78 -46.81
CA LEU C 181 -14.72 40.77 -47.86
C LEU C 181 -15.97 40.81 -48.70
N LYS C 182 -15.78 40.59 -50.00
CA LYS C 182 -16.90 40.43 -50.93
C LYS C 182 -17.76 39.23 -50.54
N GLU C 183 -19.02 39.22 -50.99
CA GLU C 183 -19.93 38.09 -50.74
C GLU C 183 -19.39 36.79 -51.36
N GLY C 184 -18.57 36.94 -52.41
CA GLY C 184 -17.86 35.82 -53.03
C GLY C 184 -16.49 35.51 -52.42
N GLU C 185 -15.81 36.52 -51.90
CA GLU C 185 -14.48 36.33 -51.30
C GLU C 185 -14.56 35.54 -49.98
N GLU C 186 -13.52 34.76 -49.70
CA GLU C 186 -13.41 34.00 -48.44
C GLU C 186 -12.14 34.36 -47.65
N ASP C 187 -12.28 34.47 -46.33
CA ASP C 187 -11.21 34.98 -45.43
C ASP C 187 -9.89 34.21 -45.45
N GLY C 188 -9.95 32.94 -45.86
CA GLY C 188 -8.78 32.08 -45.91
C GLY C 188 -8.05 31.98 -44.58
N ARG C 189 -8.69 31.36 -43.59
CA ARG C 189 -8.08 31.15 -42.26
C ARG C 189 -8.26 29.72 -41.77
N ASP C 190 -7.13 29.02 -41.66
CA ASP C 190 -7.09 27.63 -41.21
C ASP C 190 -7.32 27.54 -39.70
N GLN C 191 -8.48 27.02 -39.29
CA GLN C 191 -8.87 27.03 -37.88
C GLN C 191 -8.09 26.08 -37.00
N SER C 192 -7.52 25.02 -37.58
CA SER C 192 -6.69 24.09 -36.81
C SER C 192 -5.34 24.69 -36.44
N ARG C 193 -4.85 25.63 -37.25
CA ARG C 193 -3.61 26.33 -36.93
C ARG C 193 -3.83 27.36 -35.82
N LEU C 194 -5.09 27.64 -35.49
CA LEU C 194 -5.45 28.69 -34.52
C LEU C 194 -5.94 28.19 -33.16
N GLU C 195 -6.59 27.03 -33.14
CA GLU C 195 -7.17 26.51 -31.90
C GLU C 195 -7.22 24.99 -31.91
N THR C 196 -7.32 24.39 -30.73
CA THR C 196 -7.64 22.97 -30.62
C THR C 196 -8.52 22.73 -29.42
N GLN C 197 -9.70 22.18 -29.67
CA GLN C 197 -10.77 22.14 -28.67
C GLN C 197 -10.46 21.16 -27.53
N VAL C 198 -10.90 21.53 -26.34
CA VAL C 198 -10.55 20.80 -25.11
C VAL C 198 -11.77 20.38 -24.29
N TRP C 199 -12.92 20.96 -24.60
CA TRP C 199 -14.17 20.55 -23.97
C TRP C 199 -15.37 21.08 -24.79
N GLU C 200 -16.18 20.15 -25.28
CA GLU C 200 -17.44 20.49 -25.91
C GLU C 200 -18.48 20.70 -24.81
N ALA C 201 -19.33 21.72 -24.97
CA ALA C 201 -20.31 22.10 -23.95
C ALA C 201 -21.63 21.40 -24.12
N HIS C 202 -21.87 20.84 -25.30
CA HIS C 202 -23.08 20.07 -25.54
C HIS C 202 -22.70 18.60 -25.62
N ASN C 203 -22.76 17.94 -24.47
CA ASN C 203 -22.40 16.54 -24.32
C ASN C 203 -23.60 15.66 -24.10
N PRO C 204 -23.53 14.41 -24.58
CA PRO C 204 -24.56 13.45 -24.21
C PRO C 204 -24.65 13.15 -22.70
N LEU C 205 -23.71 13.69 -21.92
CA LEU C 205 -23.63 13.46 -20.48
C LEU C 205 -24.36 14.51 -19.70
N THR C 206 -24.77 14.12 -18.49
CA THR C 206 -25.45 15.00 -17.55
C THR C 206 -24.49 15.44 -16.45
N ASP C 207 -24.80 16.55 -15.79
CA ASP C 207 -23.98 17.04 -14.68
C ASP C 207 -23.64 15.94 -13.69
N LYS C 208 -24.63 15.11 -13.38
CA LYS C 208 -24.45 14.06 -12.40
C LYS C 208 -23.31 13.14 -12.82
N GLN C 209 -23.38 12.67 -14.07
CA GLN C 209 -22.38 11.73 -14.64
C GLN C 209 -20.98 12.29 -14.72
N ILE C 210 -20.88 13.57 -15.06
CA ILE C 210 -19.59 14.23 -15.10
C ILE C 210 -19.08 14.33 -13.68
N ASP C 211 -19.94 14.82 -12.78
CA ASP C 211 -19.60 14.89 -11.36
C ASP C 211 -19.08 13.54 -10.87
N GLN C 212 -19.87 12.49 -11.16
CA GLN C 212 -19.53 11.13 -10.79
C GLN C 212 -18.16 10.74 -11.35
N PHE C 213 -17.93 11.02 -12.63
CA PHE C 213 -16.68 10.68 -13.23
C PHE C 213 -15.56 11.37 -12.51
N LEU C 214 -15.76 12.64 -12.16
CA LEU C 214 -14.73 13.38 -11.42
C LEU C 214 -14.37 12.70 -10.08
N VAL C 215 -15.37 12.14 -9.41
CA VAL C 215 -15.12 11.42 -8.15
C VAL C 215 -14.26 10.21 -8.48
N VAL C 216 -14.63 9.50 -9.53
CA VAL C 216 -13.89 8.33 -9.93
C VAL C 216 -12.44 8.69 -10.26
N ALA C 217 -12.26 9.74 -11.06
CA ALA C 217 -10.92 10.22 -11.45
C ALA C 217 -10.07 10.54 -10.22
N ARG C 218 -10.73 11.05 -9.19
CA ARG C 218 -10.08 11.30 -7.91
C ARG C 218 -9.73 10.02 -7.16
N SER C 219 -10.61 9.04 -7.19
CA SER C 219 -10.37 7.81 -6.45
C SER C 219 -9.18 7.05 -7.01
N VAL C 220 -9.15 6.91 -8.34
CA VAL C 220 -8.05 6.25 -9.07
C VAL C 220 -6.75 6.88 -8.59
N GLY C 221 -6.71 8.21 -8.68
CA GLY C 221 -5.55 9.00 -8.31
C GLY C 221 -5.04 8.69 -6.93
N THR C 222 -5.94 8.49 -5.98
CA THR C 222 -5.57 8.20 -4.59
C THR C 222 -5.03 6.77 -4.51
N PHE C 223 -5.72 5.86 -5.19
CA PHE C 223 -5.31 4.48 -5.29
C PHE C 223 -4.00 4.33 -6.07
N ALA C 224 -3.77 5.21 -7.03
CA ALA C 224 -2.52 5.25 -7.78
C ALA C 224 -1.37 5.54 -6.84
N ARG C 225 -1.50 6.60 -6.04
CA ARG C 225 -0.40 7.00 -5.17
C ARG C 225 -0.33 6.16 -3.90
N ALA C 226 -1.29 5.27 -3.71
CA ALA C 226 -1.18 4.21 -2.70
C ALA C 226 -0.22 3.11 -3.17
N LEU C 227 -0.16 2.88 -4.48
CA LEU C 227 0.78 1.94 -5.07
C LEU C 227 2.18 2.54 -5.35
N ASP C 228 2.63 3.51 -4.54
CA ASP C 228 4.00 4.05 -4.63
C ASP C 228 4.22 4.85 -5.92
N SER C 237 -1.52 10.11 6.06
CA SER C 237 -1.27 10.16 4.62
C SER C 237 -2.49 9.78 3.76
N LEU C 238 -3.45 9.05 4.33
CA LEU C 238 -4.68 8.75 3.60
C LEU C 238 -5.38 10.05 3.18
N HIS C 239 -5.81 10.86 4.14
CA HIS C 239 -6.42 12.14 3.82
C HIS C 239 -5.50 12.95 2.88
N MET C 240 -4.19 12.92 3.14
CA MET C 240 -3.19 13.67 2.35
C MET C 240 -3.17 13.25 0.89
N SER C 241 -3.15 11.95 0.64
CA SER C 241 -3.17 11.41 -0.72
C SER C 241 -4.47 11.75 -1.46
N ALA C 242 -5.58 11.72 -0.73
CA ALA C 242 -6.90 12.04 -1.28
C ALA C 242 -7.00 13.50 -1.67
N ALA C 243 -6.44 14.36 -0.83
CA ALA C 243 -6.43 15.79 -1.12
C ALA C 243 -5.53 16.05 -2.30
N ALA C 244 -4.37 15.38 -2.29
CA ALA C 244 -3.41 15.42 -3.39
C ALA C 244 -4.08 15.03 -4.70
N ALA C 245 -4.85 13.95 -4.65
CA ALA C 245 -5.59 13.49 -5.82
C ALA C 245 -6.79 14.35 -6.16
N SER C 246 -7.24 15.18 -5.23
CA SER C 246 -8.38 16.05 -5.46
C SER C 246 -7.99 17.41 -6.01
N ARG C 247 -6.71 17.68 -6.18
CA ARG C 247 -6.28 18.97 -6.70
C ARG C 247 -6.67 19.16 -8.18
N ASP C 248 -6.56 20.38 -8.66
CA ASP C 248 -7.18 20.76 -9.92
C ASP C 248 -6.60 20.02 -11.11
N ILE C 249 -5.28 19.84 -11.10
CA ILE C 249 -4.57 19.15 -12.19
C ILE C 249 -5.21 17.81 -12.54
N THR C 250 -5.57 17.06 -11.51
CA THR C 250 -6.23 15.77 -11.67
C THR C 250 -7.61 15.96 -12.29
N LEU C 251 -8.35 16.97 -11.81
CA LEU C 251 -9.67 17.29 -12.36
C LEU C 251 -9.55 17.71 -13.82
N PHE C 252 -8.70 18.69 -14.09
CA PHE C 252 -8.54 19.10 -15.47
C PHE C 252 -8.24 17.87 -16.34
N HIS C 253 -7.33 17.02 -15.88
CA HIS C 253 -6.97 15.82 -16.64
C HIS C 253 -8.19 14.94 -16.84
N ALA C 254 -9.09 14.95 -15.85
CA ALA C 254 -10.35 14.19 -15.92
C ALA C 254 -11.35 14.73 -16.95
N MET C 255 -11.40 16.03 -17.09
CA MET C 255 -12.23 16.66 -18.11
C MET C 255 -11.68 16.47 -19.54
N ASP C 256 -10.36 16.36 -19.68
CA ASP C 256 -9.76 16.06 -20.99
C ASP C 256 -9.95 14.62 -21.36
N THR C 257 -9.75 13.74 -20.40
CA THR C 257 -9.92 12.31 -20.62
C THR C 257 -11.32 12.03 -21.16
N LEU C 258 -12.30 12.76 -20.65
CA LEU C 258 -13.65 12.63 -21.13
C LEU C 258 -13.72 13.04 -22.60
N HIS C 259 -13.30 14.27 -22.88
CA HIS C 259 -13.38 14.83 -24.24
C HIS C 259 -12.59 14.06 -25.30
N LYS C 260 -11.38 13.64 -24.95
CA LYS C 260 -10.58 12.81 -25.82
C LYS C 260 -11.28 11.50 -26.15
N ASN C 261 -12.04 10.96 -25.21
CA ASN C 261 -12.74 9.71 -25.44
C ASN C 261 -14.17 9.91 -25.93
N ILE C 262 -14.47 11.10 -26.45
CA ILE C 262 -15.78 11.40 -27.09
C ILE C 262 -16.96 11.30 -26.11
N TYR C 263 -16.70 11.65 -24.85
CA TYR C 263 -17.71 11.59 -23.80
C TYR C 263 -18.36 10.22 -23.61
N ASP C 264 -17.57 9.18 -23.86
CA ASP C 264 -17.94 7.81 -23.58
C ASP C 264 -17.35 7.45 -22.22
N ILE C 265 -18.22 7.38 -21.21
CA ILE C 265 -17.80 7.09 -19.84
C ILE C 265 -17.00 5.80 -19.78
N SER C 266 -17.57 4.76 -20.38
CA SER C 266 -16.96 3.45 -20.39
C SER C 266 -15.60 3.40 -21.07
N LYS C 267 -15.43 4.19 -22.12
CA LYS C 267 -14.15 4.24 -22.84
C LYS C 267 -13.15 5.09 -22.05
N ALA C 268 -13.66 6.16 -21.44
CA ALA C 268 -12.82 7.10 -20.72
C ALA C 268 -12.26 6.48 -19.47
N ILE C 269 -13.03 5.64 -18.82
CA ILE C 269 -12.54 4.97 -17.63
C ILE C 269 -11.35 4.04 -17.94
N SER C 270 -11.35 3.39 -19.11
CA SER C 270 -10.18 2.58 -19.59
C SER C 270 -8.95 3.45 -19.66
N ALA C 271 -9.12 4.66 -20.18
CA ALA C 271 -8.03 5.60 -20.28
C ALA C 271 -7.36 5.82 -18.94
N LEU C 272 -8.18 5.93 -17.89
CA LEU C 272 -7.69 6.13 -16.51
C LEU C 272 -6.97 4.93 -15.88
N VAL C 273 -7.27 3.73 -16.40
CA VAL C 273 -6.68 2.50 -15.90
C VAL C 273 -6.13 1.68 -17.06
N PRO C 274 -5.21 2.26 -17.85
CA PRO C 274 -4.83 1.75 -19.16
C PRO C 274 -4.71 0.23 -19.33
N GLN C 275 -4.06 -0.40 -18.39
CA GLN C 275 -3.75 -1.82 -18.49
C GLN C 275 -3.91 -2.46 -17.14
N GLY C 276 -4.96 -2.06 -16.44
CA GLY C 276 -5.15 -2.42 -15.05
C GLY C 276 -4.39 -1.54 -14.08
N GLY C 277 -3.59 -0.61 -14.58
CA GLY C 277 -2.78 0.26 -13.74
C GLY C 277 -3.32 1.65 -13.78
N PRO C 278 -3.41 2.34 -12.62
CA PRO C 278 -3.98 3.69 -12.58
C PRO C 278 -3.00 4.76 -13.07
N VAL C 279 -3.48 5.99 -13.24
CA VAL C 279 -2.60 7.11 -13.67
C VAL C 279 -2.44 8.17 -12.58
N LEU C 280 -1.25 8.75 -12.53
CA LEU C 280 -0.89 9.76 -11.53
C LEU C 280 -0.64 11.10 -12.20
N CYS C 281 -1.35 12.12 -11.73
CA CYS C 281 -1.08 13.49 -12.13
C CYS C 281 -0.67 14.24 -10.89
N ARG C 282 0.54 14.80 -10.94
CA ARG C 282 1.06 15.55 -9.82
C ARG C 282 1.52 16.90 -10.34
N ASP C 283 0.97 17.96 -9.76
CA ASP C 283 1.45 19.31 -10.00
C ASP C 283 2.82 19.56 -9.35
N GLU C 284 3.46 20.64 -9.76
CA GLU C 284 4.80 20.94 -9.29
C GLU C 284 4.85 20.95 -7.76
N MET C 285 3.76 21.37 -7.11
CA MET C 285 3.70 21.38 -5.66
C MET C 285 4.05 20.00 -5.13
N GLU C 286 3.22 19.03 -5.47
CA GLU C 286 3.37 17.66 -4.99
C GLU C 286 4.65 16.95 -5.51
N GLU C 287 5.04 17.28 -6.74
CA GLU C 287 6.08 16.56 -7.47
C GLU C 287 7.49 16.77 -6.99
N TRP C 288 7.79 17.96 -6.45
CA TRP C 288 9.14 18.34 -6.03
C TRP C 288 9.59 17.48 -4.88
N SER C 289 10.88 17.22 -4.75
CA SER C 289 11.39 16.44 -3.63
C SER C 289 11.44 17.28 -2.35
N ALA C 290 11.61 16.61 -1.22
CA ALA C 290 11.62 17.28 0.07
C ALA C 290 12.73 18.31 0.05
N SER C 291 13.88 17.90 -0.53
CA SER C 291 15.09 18.70 -0.57
C SER C 291 15.04 19.84 -1.58
N GLU C 292 14.31 19.64 -2.68
CA GLU C 292 14.02 20.75 -3.58
C GLU C 292 13.12 21.80 -2.90
N ALA C 293 12.06 21.35 -2.24
CA ALA C 293 11.20 22.22 -1.45
C ALA C 293 12.01 23.05 -0.44
N ASN C 294 12.96 22.36 0.18
CA ASN C 294 13.85 22.96 1.14
C ASN C 294 14.68 24.06 0.47
N LEU C 295 15.28 23.70 -0.66
CA LEU C 295 16.07 24.64 -1.43
C LEU C 295 15.31 25.90 -1.74
N PHE C 296 14.06 25.72 -2.15
CA PHE C 296 13.20 26.85 -2.47
C PHE C 296 12.98 27.81 -1.31
N GLU C 297 12.76 27.28 -0.11
CA GLU C 297 12.52 28.13 1.05
C GLU C 297 13.77 28.84 1.53
N GLU C 298 14.94 28.36 1.10
CA GLU C 298 16.19 29.05 1.37
C GLU C 298 16.43 30.13 0.34
N ALA C 299 16.12 29.83 -0.91
CA ALA C 299 16.35 30.75 -2.01
C ALA C 299 15.42 31.94 -1.95
N LEU C 300 14.17 31.72 -1.57
CA LEU C 300 13.18 32.79 -1.40
C LEU C 300 13.64 33.70 -0.26
N GLU C 301 13.76 33.14 0.95
CA GLU C 301 14.15 33.90 2.15
C GLU C 301 15.49 34.60 1.93
N LYS C 302 16.26 34.16 0.94
CA LYS C 302 17.50 34.82 0.64
C LYS C 302 17.49 35.75 -0.56
N TYR C 303 16.79 35.42 -1.63
CA TYR C 303 16.74 36.30 -2.81
C TYR C 303 15.36 36.92 -3.06
N GLY C 304 14.47 36.80 -2.09
CA GLY C 304 13.10 37.26 -2.27
C GLY C 304 12.51 36.61 -3.51
N LYS C 305 11.73 37.38 -4.27
CA LYS C 305 10.95 36.84 -5.39
C LYS C 305 11.70 37.04 -6.70
N ASP C 306 13.00 36.79 -6.70
CA ASP C 306 13.80 36.93 -7.91
C ASP C 306 14.03 35.54 -8.52
N PHE C 307 13.05 35.06 -9.28
CA PHE C 307 12.99 33.65 -9.63
C PHE C 307 14.01 33.17 -10.67
N THR C 308 14.63 34.05 -11.44
CA THR C 308 15.71 33.60 -12.33
C THR C 308 16.98 33.32 -11.53
N ASP C 309 17.29 34.18 -10.57
CA ASP C 309 18.44 33.93 -9.71
C ASP C 309 18.20 32.79 -8.76
N ILE C 310 16.94 32.61 -8.34
CA ILE C 310 16.57 31.50 -7.44
C ILE C 310 16.86 30.17 -8.13
N GLN C 311 16.64 30.12 -9.45
CA GLN C 311 17.00 28.94 -10.20
C GLN C 311 18.51 28.85 -10.38
N GLN C 312 19.10 29.87 -11.00
CA GLN C 312 20.53 29.88 -11.32
C GLN C 312 21.38 29.38 -10.16
N ASP C 313 21.15 29.94 -8.98
CA ASP C 313 21.94 29.63 -7.82
C ASP C 313 21.39 28.51 -6.93
N PHE C 314 20.08 28.25 -6.93
CA PHE C 314 19.51 27.26 -5.99
C PHE C 314 18.86 26.02 -6.63
N LEU C 315 18.09 26.22 -7.70
CA LEU C 315 17.39 25.12 -8.40
C LEU C 315 17.63 25.19 -9.91
N PRO C 316 18.90 25.04 -10.34
CA PRO C 316 19.25 25.26 -11.76
C PRO C 316 18.80 24.14 -12.69
N TRP C 317 18.45 22.99 -12.13
CA TRP C 317 17.97 21.86 -12.92
C TRP C 317 16.49 21.96 -13.24
N LYS C 318 15.77 22.84 -12.56
CA LYS C 318 14.34 23.08 -12.81
C LYS C 318 14.16 24.17 -13.82
N SER C 319 13.07 24.11 -14.58
CA SER C 319 12.77 25.16 -15.55
C SER C 319 12.08 26.33 -14.87
N LEU C 320 12.45 27.55 -15.26
CA LEU C 320 11.90 28.73 -14.61
C LEU C 320 10.41 28.59 -14.42
N THR C 321 9.70 28.20 -15.47
CA THR C 321 8.23 28.26 -15.43
C THR C 321 7.68 27.23 -14.45
N SER C 322 8.41 26.16 -14.16
CA SER C 322 7.96 25.23 -13.11
C SER C 322 8.17 25.84 -11.72
N ILE C 323 9.20 26.65 -11.56
CA ILE C 323 9.44 27.31 -10.29
C ILE C 323 8.35 28.34 -10.02
N ILE C 324 7.88 29.01 -11.07
CA ILE C 324 6.78 29.97 -10.93
C ILE C 324 5.54 29.26 -10.42
N GLU C 325 5.09 28.24 -11.17
CA GLU C 325 3.93 27.42 -10.82
C GLU C 325 4.00 26.90 -9.41
N TYR C 326 5.19 26.47 -9.02
CA TYR C 326 5.42 26.03 -7.66
C TYR C 326 5.21 27.19 -6.68
N TYR C 327 5.87 28.31 -6.95
CA TYR C 327 5.78 29.46 -6.06
C TYR C 327 4.32 29.68 -5.62
N TYR C 328 3.46 29.91 -6.60
CA TYR C 328 2.09 30.31 -6.33
C TYR C 328 1.39 29.24 -5.53
N MET C 329 1.65 27.98 -5.86
CA MET C 329 1.03 26.88 -5.11
C MET C 329 1.55 26.83 -3.68
N TRP C 330 2.80 27.21 -3.51
CA TRP C 330 3.44 27.18 -2.22
C TRP C 330 2.91 28.30 -1.32
N LYS C 331 2.58 29.44 -1.91
CA LYS C 331 2.01 30.56 -1.14
C LYS C 331 0.75 30.22 -0.32
N THR C 332 0.07 29.13 -0.65
CA THR C 332 -1.10 28.71 0.11
C THR C 332 -0.75 27.68 1.14
N THR C 333 0.53 27.34 1.22
CA THR C 333 0.99 26.31 2.13
C THR C 333 0.46 26.58 3.52
N ASP C 334 0.20 25.51 4.27
CA ASP C 334 -0.27 25.58 5.65
C ASP C 334 0.88 26.04 6.55
N ARG C 335 1.94 25.22 6.61
CA ARG C 335 3.18 25.57 7.33
C ARG C 335 3.73 26.96 6.95
N TYR C 336 3.25 27.48 5.82
CA TYR C 336 3.52 28.85 5.40
C TYR C 336 2.64 29.88 6.11
N VAL C 337 3.28 30.69 6.96
CA VAL C 337 2.60 31.76 7.64
C VAL C 337 3.55 32.95 7.65
N GLN C 338 3.38 33.77 6.62
CA GLN C 338 4.00 35.08 6.60
C GLN C 338 3.10 36.12 7.29
N GLN C 339 1.78 35.90 7.28
CA GLN C 339 0.83 36.78 7.98
C GLN C 339 0.74 36.49 9.48
N LYS C 340 0.10 37.41 10.20
CA LYS C 340 -0.13 37.28 11.65
C LYS C 340 -1.53 37.76 11.98
N ARG C 468 49.31 83.12 -28.44
CA ARG C 468 49.66 84.57 -28.53
C ARG C 468 51.06 84.76 -29.15
N GLN C 469 52.11 84.84 -28.34
CA GLN C 469 53.50 85.02 -28.81
C GLN C 469 54.45 85.04 -27.61
N ALA C 470 54.93 83.85 -27.22
CA ALA C 470 55.79 83.70 -26.04
C ALA C 470 57.17 84.32 -26.24
N PHE C 471 57.74 84.85 -25.16
CA PHE C 471 59.04 85.52 -25.20
C PHE C 471 59.69 85.62 -23.81
N TYR C 472 60.96 86.01 -23.81
CA TYR C 472 61.76 86.17 -22.60
C TYR C 472 62.46 87.52 -22.67
N LEU C 473 62.73 88.11 -21.49
CA LEU C 473 63.50 89.35 -21.39
C LEU C 473 64.34 89.34 -20.12
N HIS C 474 65.62 89.69 -20.25
CA HIS C 474 66.51 89.89 -19.09
C HIS C 474 67.04 91.32 -18.95
N THR C 475 67.08 92.09 -20.04
CA THR C 475 67.56 93.49 -20.06
C THR C 475 69.07 93.60 -19.74
N THR C 476 69.84 94.12 -20.69
CA THR C 476 71.30 94.24 -20.52
C THR C 476 71.65 95.36 -19.54
N LYS C 477 72.84 95.28 -18.96
CA LYS C 477 73.30 96.29 -17.99
C LYS C 477 73.65 97.66 -18.61
N LEU C 478 73.72 97.74 -19.94
CA LEU C 478 73.77 99.03 -20.64
C LEU C 478 72.41 99.71 -20.62
N THR C 479 71.37 98.98 -21.04
CA THR C 479 70.01 99.54 -21.06
C THR C 479 69.42 99.78 -19.65
N ARG C 480 70.00 99.14 -18.63
CA ARG C 480 69.67 99.45 -17.23
C ARG C 480 70.07 100.88 -16.85
N ILE C 481 71.36 101.21 -17.03
CA ILE C 481 71.86 102.56 -16.67
C ILE C 481 71.57 103.62 -17.73
N ALA C 482 71.14 103.19 -18.93
CA ALA C 482 70.60 104.10 -19.94
C ALA C 482 69.33 104.80 -19.46
N ARG C 483 68.54 104.11 -18.64
CA ARG C 483 67.34 104.68 -18.02
C ARG C 483 67.68 105.74 -16.98
N ARG C 484 68.71 105.46 -16.17
CA ARG C 484 69.18 106.42 -15.16
C ARG C 484 69.86 107.65 -15.77
N LEU C 485 70.69 107.43 -16.78
CA LEU C 485 71.32 108.54 -17.51
C LEU C 485 70.31 109.41 -18.26
N CYS C 486 69.32 108.77 -18.88
CA CYS C 486 68.25 109.49 -19.59
C CYS C 486 66.94 109.43 -18.78
N ARG C 487 67.02 109.90 -17.54
CA ARG C 487 65.85 109.97 -16.64
C ARG C 487 64.84 111.03 -17.10
N GLU C 488 65.33 112.14 -17.65
CA GLU C 488 64.49 113.26 -18.07
C GLU C 488 63.66 112.96 -19.33
N ILE C 489 64.21 112.11 -20.21
CA ILE C 489 63.54 111.75 -21.47
C ILE C 489 62.59 110.58 -21.23
N LEU C 490 63.08 109.54 -20.54
CA LEU C 490 62.28 108.36 -20.20
C LEU C 490 61.10 108.71 -19.30
N ARG C 491 61.42 109.35 -18.16
CA ARG C 491 60.44 109.67 -17.11
C ARG C 491 59.80 108.39 -16.56
N PRO C 492 60.57 107.59 -15.79
CA PRO C 492 60.06 106.31 -15.27
C PRO C 492 58.80 106.44 -14.40
N TRP C 493 58.74 107.50 -13.58
CA TRP C 493 57.54 107.83 -12.80
C TRP C 493 56.29 107.99 -13.67
N HIS C 494 56.45 108.57 -14.86
CA HIS C 494 55.38 108.71 -15.84
C HIS C 494 55.14 107.39 -16.57
N ALA C 495 56.23 106.77 -17.04
CA ALA C 495 56.18 105.53 -17.83
C ALA C 495 55.66 104.32 -17.07
N ALA C 496 55.86 104.30 -15.75
CA ALA C 496 55.38 103.20 -14.89
C ALA C 496 53.85 103.06 -14.91
N ARG C 497 53.15 104.19 -14.91
CA ARG C 497 51.67 104.22 -14.95
C ARG C 497 51.11 104.50 -16.36
N HIS C 498 51.91 104.25 -17.39
CA HIS C 498 51.50 104.41 -18.79
C HIS C 498 52.14 103.31 -19.63
N PRO C 499 51.65 102.07 -19.47
CA PRO C 499 52.22 100.93 -20.22
C PRO C 499 51.87 100.94 -21.71
N TYR C 500 50.76 101.57 -22.08
CA TYR C 500 50.29 101.60 -23.47
C TYR C 500 50.60 102.91 -24.22
N LEU C 501 51.43 103.78 -23.63
CA LEU C 501 52.08 104.88 -24.36
C LEU C 501 53.42 104.35 -24.86
N PRO C 502 53.71 104.55 -26.16
CA PRO C 502 55.03 104.14 -26.67
C PRO C 502 56.12 105.09 -26.19
N ILE C 503 57.14 104.55 -25.53
CA ILE C 503 58.27 105.32 -25.03
C ILE C 503 59.20 105.64 -26.21
N ASN C 504 59.83 106.81 -26.18
CA ASN C 504 60.79 107.21 -27.22
C ASN C 504 62.07 106.38 -27.12
N SER C 505 62.05 105.22 -27.78
CA SER C 505 63.17 104.27 -27.75
C SER C 505 64.41 104.75 -28.51
N ALA C 506 64.22 105.64 -29.48
CA ALA C 506 65.33 106.20 -30.26
C ALA C 506 66.11 107.27 -29.49
N ALA C 507 65.38 108.15 -28.79
CA ALA C 507 65.97 109.33 -28.13
C ALA C 507 66.96 108.97 -27.01
N ILE C 508 66.52 108.13 -26.08
CA ILE C 508 67.39 107.70 -24.98
C ILE C 508 68.62 106.90 -25.46
N LYS C 509 68.44 106.09 -26.51
CA LYS C 509 69.56 105.35 -27.12
C LYS C 509 70.59 106.27 -27.78
N ALA C 510 70.11 107.37 -28.36
CA ALA C 510 70.98 108.40 -28.94
C ALA C 510 71.75 109.15 -27.86
N GLU C 511 71.02 109.59 -26.83
CA GLU C 511 71.62 110.37 -25.73
C GLU C 511 72.51 109.55 -24.80
N CYS C 512 72.20 108.26 -24.61
CA CYS C 512 73.02 107.38 -23.77
C CYS C 512 74.39 107.11 -24.39
N THR C 513 74.40 106.82 -25.69
CA THR C 513 75.65 106.62 -26.44
C THR C 513 76.44 107.93 -26.62
N ALA C 514 75.72 109.03 -26.87
CA ALA C 514 76.34 110.36 -27.00
C ALA C 514 76.92 110.88 -25.67
N ARG C 515 76.25 110.57 -24.57
CA ARG C 515 76.69 110.96 -23.22
C ARG C 515 77.21 109.72 -22.45
N LEU C 516 78.11 108.98 -23.08
CA LEU C 516 78.73 107.79 -22.48
C LEU C 516 79.70 108.10 -21.33
N PRO C 517 80.65 109.06 -21.52
CA PRO C 517 81.69 109.24 -20.51
C PRO C 517 81.19 109.99 -19.27
N GLU C 518 80.92 109.23 -18.20
CA GLU C 518 80.44 109.78 -16.94
C GLU C 518 80.59 108.76 -15.80
N ALA C 529 67.45 103.48 -2.66
CA ALA C 529 66.84 104.62 -1.98
C ALA C 529 66.13 104.18 -0.71
N VAL C 530 66.22 105.01 0.34
CA VAL C 530 65.56 104.74 1.63
C VAL C 530 64.03 104.88 1.50
N ARG C 531 63.30 103.97 2.14
CA ARG C 531 61.85 103.81 1.91
C ARG C 531 60.92 104.53 2.89
N LYS C 532 61.39 104.80 4.10
CA LYS C 532 60.57 105.40 5.19
C LYS C 532 59.59 104.37 5.76
N PRO C 533 59.63 104.12 7.08
CA PRO C 533 58.93 102.96 7.66
C PRO C 533 57.39 103.07 7.71
N LEU C 534 56.75 101.95 8.02
CA LEU C 534 55.30 101.83 8.13
C LEU C 534 54.74 102.59 9.35
N GLU C 535 55.55 102.72 10.39
CA GLU C 535 55.21 103.56 11.55
C GLU C 535 54.95 105.02 11.14
N ALA C 536 55.76 105.54 10.23
CA ALA C 536 55.65 106.92 9.76
C ALA C 536 54.42 107.17 8.88
N VAL C 537 54.06 106.20 8.04
CA VAL C 537 52.96 106.36 7.08
C VAL C 537 51.58 106.21 7.74
N LEU C 538 51.48 105.32 8.73
CA LEU C 538 50.25 105.19 9.53
C LEU C 538 50.03 106.43 10.38
N ARG C 539 51.12 107.00 10.89
CA ARG C 539 51.08 108.27 11.61
C ARG C 539 50.69 109.43 10.67
N TYR C 540 51.20 109.40 9.44
CA TYR C 540 50.77 110.37 8.41
C TYR C 540 49.30 110.23 8.04
N LEU C 541 48.84 108.99 7.86
CA LEU C 541 47.46 108.71 7.44
C LEU C 541 46.41 109.18 8.44
N GLU C 542 46.67 108.95 9.73
CA GLU C 542 45.79 109.47 10.79
C GLU C 542 45.92 111.00 10.91
N THR C 543 47.13 111.54 10.75
CA THR C 543 47.35 113.00 10.76
C THR C 543 46.68 113.71 9.58
N HIS C 544 46.61 113.05 8.42
CA HIS C 544 45.96 113.59 7.22
C HIS C 544 44.83 112.62 6.80
N PRO C 545 43.69 112.66 7.52
CA PRO C 545 42.68 111.59 7.41
C PRO C 545 41.64 111.82 6.32
N ARG C 546 40.77 110.82 6.15
CA ARG C 546 39.67 110.86 5.18
C ARG C 546 38.50 111.66 5.75
N ARG D 8 -16.82 -25.78 -26.03
CA ARG D 8 -16.43 -26.07 -24.61
C ARG D 8 -17.61 -25.98 -23.64
N ARG D 9 -17.70 -26.99 -22.76
CA ARG D 9 -18.89 -27.23 -21.96
C ARG D 9 -19.26 -25.98 -21.16
N LYS D 10 -20.56 -25.76 -20.93
CA LYS D 10 -21.04 -24.65 -20.11
C LYS D 10 -21.23 -25.08 -18.67
N VAL D 11 -20.73 -24.27 -17.74
CA VAL D 11 -20.73 -24.63 -16.32
C VAL D 11 -21.58 -23.67 -15.46
N CYS D 12 -22.35 -24.23 -14.53
CA CYS D 12 -23.16 -23.44 -13.58
C CYS D 12 -22.72 -23.68 -12.17
N TYR D 13 -22.43 -22.62 -11.46
CA TYR D 13 -21.84 -22.75 -10.14
C TYR D 13 -22.83 -22.22 -9.12
N TYR D 14 -23.09 -23.02 -8.09
CA TYR D 14 -24.05 -22.64 -7.03
C TYR D 14 -23.37 -22.39 -5.71
N TYR D 15 -23.68 -21.26 -5.08
CA TYR D 15 -23.03 -20.85 -3.83
C TYR D 15 -23.88 -19.86 -3.05
N ASP D 16 -23.98 -20.05 -1.73
CA ASP D 16 -24.60 -19.06 -0.84
C ASP D 16 -23.61 -18.66 0.23
N GLY D 17 -23.31 -17.38 0.25
CA GLY D 17 -22.30 -16.79 1.14
C GLY D 17 -22.37 -17.25 2.57
N ASP D 18 -23.58 -17.55 3.04
CA ASP D 18 -23.79 -17.98 4.44
C ASP D 18 -23.10 -19.31 4.79
N VAL D 19 -22.93 -20.17 3.79
CA VAL D 19 -22.47 -21.57 3.97
C VAL D 19 -21.11 -21.73 4.66
N GLY D 20 -20.19 -20.81 4.40
CA GLY D 20 -18.91 -20.83 5.08
C GLY D 20 -18.99 -20.53 6.58
N ASN D 21 -20.09 -19.87 6.99
CA ASN D 21 -20.24 -19.33 8.35
C ASN D 21 -20.94 -20.24 9.34
N TYR D 22 -21.64 -21.26 8.84
CA TYR D 22 -22.22 -22.28 9.71
C TYR D 22 -21.11 -23.17 10.29
N TYR D 23 -21.26 -23.55 11.56
CA TYR D 23 -20.17 -24.16 12.30
C TYR D 23 -20.66 -25.41 13.01
N TYR D 24 -19.91 -26.50 12.87
CA TYR D 24 -20.32 -27.82 13.39
C TYR D 24 -20.07 -27.98 14.87
N GLY D 25 -19.01 -27.37 15.37
CA GLY D 25 -18.75 -27.39 16.80
C GLY D 25 -17.29 -27.50 17.09
N GLN D 26 -16.92 -27.06 18.28
CA GLN D 26 -15.55 -27.12 18.72
C GLN D 26 -15.04 -28.55 18.57
N GLY D 27 -13.83 -28.68 18.03
CA GLY D 27 -13.16 -29.97 17.91
C GLY D 27 -13.67 -30.86 16.79
N HIS D 28 -14.66 -30.39 16.04
CA HIS D 28 -15.27 -31.16 14.94
C HIS D 28 -14.54 -30.95 13.61
N PRO D 29 -14.30 -32.03 12.86
CA PRO D 29 -13.46 -31.95 11.66
C PRO D 29 -14.15 -31.34 10.44
N MET D 30 -15.42 -31.65 10.25
CA MET D 30 -16.21 -31.05 9.19
C MET D 30 -16.28 -29.55 9.39
N LYS D 31 -15.70 -28.82 8.44
CA LYS D 31 -15.68 -27.37 8.54
C LYS D 31 -16.20 -26.71 7.26
N PRO D 32 -17.46 -26.24 7.26
CA PRO D 32 -18.07 -25.73 6.04
C PRO D 32 -17.29 -24.58 5.41
N HIS D 33 -16.45 -23.94 6.21
CA HIS D 33 -15.68 -22.79 5.76
C HIS D 33 -14.82 -23.06 4.54
N ARG D 34 -14.49 -24.34 4.31
CA ARG D 34 -13.66 -24.75 3.18
C ARG D 34 -14.28 -24.42 1.81
N ILE D 35 -15.60 -24.31 1.76
CA ILE D 35 -16.33 -23.96 0.53
C ILE D 35 -16.15 -22.47 0.22
N ARG D 36 -16.20 -21.65 1.27
CA ARG D 36 -15.94 -20.23 1.15
C ARG D 36 -14.51 -20.00 0.68
N MET D 37 -13.58 -20.83 1.13
CA MET D 37 -12.17 -20.72 0.71
C MET D 37 -11.99 -20.98 -0.77
N THR D 38 -12.69 -22.01 -1.24
CA THR D 38 -12.76 -22.37 -2.64
C THR D 38 -13.38 -21.23 -3.45
N HIS D 39 -14.60 -20.86 -3.07
CA HIS D 39 -15.31 -19.74 -3.69
C HIS D 39 -14.34 -18.60 -3.93
N ASN D 40 -13.65 -18.19 -2.88
CA ASN D 40 -12.76 -17.05 -2.93
C ASN D 40 -11.57 -17.27 -3.87
N LEU D 41 -11.04 -18.49 -3.93
CA LEU D 41 -9.94 -18.74 -4.85
C LEU D 41 -10.45 -18.63 -6.27
N LEU D 42 -11.58 -19.26 -6.53
CA LEU D 42 -12.22 -19.21 -7.85
C LEU D 42 -12.35 -17.77 -8.37
N LEU D 43 -12.72 -16.84 -7.50
CA LEU D 43 -12.83 -15.43 -7.89
C LEU D 43 -11.49 -14.85 -8.28
N ASN D 44 -10.49 -15.13 -7.46
CA ASN D 44 -9.16 -14.61 -7.69
C ASN D 44 -8.34 -15.35 -8.73
N TYR D 45 -8.69 -16.60 -9.02
CA TYR D 45 -8.08 -17.28 -10.15
C TYR D 45 -8.76 -16.88 -11.45
N GLY D 46 -9.82 -16.06 -11.39
CA GLY D 46 -10.52 -15.55 -12.57
C GLY D 46 -11.51 -16.53 -13.18
N LEU D 47 -11.78 -17.61 -12.47
CA LEU D 47 -12.63 -18.68 -12.96
C LEU D 47 -14.11 -18.30 -12.75
N TYR D 48 -14.40 -17.74 -11.57
CA TYR D 48 -15.74 -17.21 -11.22
C TYR D 48 -16.34 -16.51 -12.44
N ARG D 49 -15.59 -15.51 -12.89
CA ARG D 49 -15.86 -14.78 -14.11
C ARG D 49 -16.46 -15.68 -15.21
N LYS D 50 -15.84 -16.83 -15.44
CA LYS D 50 -16.12 -17.68 -16.62
C LYS D 50 -17.26 -18.67 -16.50
N MET D 51 -18.00 -18.66 -15.41
CA MET D 51 -19.12 -19.58 -15.32
C MET D 51 -20.37 -18.90 -14.75
N GLU D 52 -21.52 -19.51 -14.97
CA GLU D 52 -22.79 -18.92 -14.57
C GLU D 52 -23.03 -19.12 -13.06
N ILE D 53 -23.01 -18.02 -12.30
CA ILE D 53 -23.06 -18.07 -10.83
C ILE D 53 -24.47 -17.86 -10.26
N TYR D 54 -25.00 -18.87 -9.55
CA TYR D 54 -26.35 -18.82 -8.99
C TYR D 54 -26.34 -18.93 -7.47
N ARG D 55 -27.16 -18.10 -6.81
CA ARG D 55 -27.47 -18.25 -5.39
C ARG D 55 -28.66 -19.17 -5.32
N PRO D 56 -28.53 -20.28 -4.59
CA PRO D 56 -29.63 -21.21 -4.41
C PRO D 56 -30.57 -20.78 -3.29
N HIS D 57 -31.84 -20.65 -3.63
CA HIS D 57 -32.85 -20.42 -2.61
C HIS D 57 -32.88 -21.64 -1.71
N LYS D 58 -33.45 -21.45 -0.54
CA LYS D 58 -33.50 -22.48 0.51
C LYS D 58 -34.47 -23.59 0.11
N ALA D 59 -34.02 -24.84 0.22
CA ALA D 59 -34.91 -25.97 -0.06
C ALA D 59 -35.82 -26.17 1.14
N ASN D 60 -37.13 -26.21 0.90
CA ASN D 60 -38.08 -26.38 2.00
C ASN D 60 -38.37 -27.84 2.27
N ALA D 61 -38.91 -28.11 3.45
CA ALA D 61 -39.28 -29.46 3.89
C ALA D 61 -40.08 -30.22 2.83
N GLU D 62 -40.84 -29.47 2.02
CA GLU D 62 -41.61 -29.98 0.88
C GLU D 62 -40.82 -30.96 0.01
N GLU D 63 -39.65 -30.53 -0.44
CA GLU D 63 -38.83 -31.32 -1.36
C GLU D 63 -37.78 -32.21 -0.67
N MET D 64 -37.39 -31.88 0.55
CA MET D 64 -36.57 -32.80 1.36
C MET D 64 -37.33 -34.10 1.75
N THR D 65 -38.66 -34.00 1.90
CA THR D 65 -39.50 -35.17 2.23
C THR D 65 -39.86 -35.98 1.00
N LYS D 66 -39.48 -35.50 -0.19
CA LYS D 66 -39.58 -36.30 -1.40
C LYS D 66 -38.75 -37.60 -1.29
N TYR D 67 -37.79 -37.64 -0.37
CA TYR D 67 -37.08 -38.88 -0.01
C TYR D 67 -37.18 -39.18 1.48
N HIS D 68 -36.94 -38.17 2.32
CA HIS D 68 -36.90 -38.38 3.78
C HIS D 68 -38.26 -38.45 4.46
N SER D 69 -38.25 -38.95 5.70
CA SER D 69 -39.43 -39.11 6.55
C SER D 69 -40.08 -37.77 6.79
N ASP D 70 -41.42 -37.74 6.78
CA ASP D 70 -42.14 -36.52 7.07
C ASP D 70 -41.86 -36.06 8.50
N ASP D 71 -41.43 -36.98 9.35
CA ASP D 71 -41.16 -36.70 10.77
C ASP D 71 -39.66 -36.69 11.14
N TYR D 72 -38.81 -36.99 10.16
CA TYR D 72 -37.36 -36.84 10.34
C TYR D 72 -36.99 -35.40 10.02
N ILE D 73 -37.50 -34.90 8.90
CA ILE D 73 -37.33 -33.51 8.51
C ILE D 73 -38.03 -32.63 9.55
N LYS D 74 -39.25 -33.01 9.92
CA LYS D 74 -39.99 -32.29 10.96
C LYS D 74 -39.09 -32.10 12.18
N PHE D 75 -38.48 -33.20 12.61
CA PHE D 75 -37.52 -33.17 13.72
C PHE D 75 -36.40 -32.14 13.50
N LEU D 76 -35.82 -32.15 12.29
CA LEU D 76 -34.70 -31.23 11.94
C LEU D 76 -35.13 -29.79 11.88
N ARG D 77 -36.30 -29.55 11.31
CA ARG D 77 -36.85 -28.21 11.22
C ARG D 77 -37.00 -27.67 12.64
N SER D 78 -37.40 -28.55 13.56
CA SER D 78 -37.73 -28.16 14.92
C SER D 78 -36.51 -28.07 15.87
N ILE D 79 -35.66 -29.11 15.89
CA ILE D 79 -34.54 -29.18 16.85
C ILE D 79 -33.71 -27.91 16.88
N ARG D 80 -33.22 -27.58 18.07
CA ARG D 80 -32.29 -26.48 18.27
C ARG D 80 -31.33 -26.90 19.39
N PRO D 81 -30.31 -26.07 19.69
CA PRO D 81 -29.54 -26.23 20.94
C PRO D 81 -30.31 -25.76 22.19
N ASP D 82 -31.39 -25.02 22.00
CA ASP D 82 -32.28 -24.63 23.10
C ASP D 82 -32.92 -25.92 23.59
N ASN D 83 -33.81 -26.47 22.76
CA ASN D 83 -34.66 -27.60 23.14
C ASN D 83 -33.90 -28.92 22.97
N MET D 84 -32.60 -28.89 23.25
CA MET D 84 -31.75 -30.05 23.06
C MET D 84 -31.98 -31.10 24.13
N SER D 85 -32.16 -30.69 25.38
CA SER D 85 -32.46 -31.65 26.45
C SER D 85 -33.93 -32.11 26.45
N GLU D 86 -34.84 -31.33 25.87
CA GLU D 86 -36.26 -31.71 25.72
C GLU D 86 -36.47 -32.85 24.68
N TYR D 87 -35.68 -32.84 23.59
CA TYR D 87 -35.85 -33.78 22.46
C TYR D 87 -35.10 -35.10 22.58
N SER D 88 -34.14 -35.17 23.51
CA SER D 88 -33.15 -36.26 23.56
C SER D 88 -33.67 -37.65 23.21
N LYS D 89 -34.95 -37.89 23.51
CA LYS D 89 -35.69 -39.06 23.05
C LYS D 89 -35.48 -39.27 21.55
N GLN D 90 -35.96 -38.32 20.76
CA GLN D 90 -35.82 -38.35 19.30
C GLN D 90 -34.39 -38.20 18.79
N MET D 91 -33.54 -37.54 19.56
CA MET D 91 -32.14 -37.42 19.16
C MET D 91 -31.49 -38.78 18.95
N GLN D 92 -31.76 -39.73 19.84
CA GLN D 92 -31.12 -41.06 19.76
C GLN D 92 -31.69 -41.89 18.60
N ARG D 93 -32.99 -41.80 18.36
CA ARG D 93 -33.61 -42.48 17.24
C ARG D 93 -33.08 -42.00 15.88
N PHE D 94 -32.56 -40.77 15.83
CA PHE D 94 -32.12 -40.13 14.58
C PHE D 94 -30.61 -39.93 14.42
N ASN D 95 -29.82 -40.39 15.39
CA ASN D 95 -28.35 -40.39 15.26
C ASN D 95 -27.64 -39.04 15.46
N VAL D 96 -28.32 -38.06 16.04
CA VAL D 96 -27.76 -36.72 16.18
C VAL D 96 -26.94 -36.55 17.48
N GLY D 97 -25.62 -36.65 17.39
CA GLY D 97 -24.78 -36.52 18.58
C GLY D 97 -23.27 -36.66 18.38
N GLU D 98 -22.69 -37.72 18.93
CA GLU D 98 -21.22 -37.85 19.08
C GLU D 98 -20.39 -37.26 17.94
N ASP D 99 -20.62 -37.75 16.73
CA ASP D 99 -19.94 -37.20 15.56
C ASP D 99 -20.90 -36.51 14.58
N CYS D 100 -22.19 -36.39 14.90
CA CYS D 100 -23.07 -35.47 14.13
C CYS D 100 -23.72 -34.46 15.07
N PRO D 101 -23.00 -33.38 15.45
CA PRO D 101 -23.59 -32.56 16.52
C PRO D 101 -24.85 -31.84 16.09
N VAL D 102 -25.56 -31.34 17.08
CA VAL D 102 -26.57 -30.31 16.87
C VAL D 102 -25.75 -29.02 16.86
N PHE D 103 -26.19 -28.01 16.10
CA PHE D 103 -25.49 -26.73 16.08
C PHE D 103 -26.35 -25.65 15.46
N ASP D 104 -26.10 -24.40 15.88
CA ASP D 104 -26.99 -23.31 15.51
C ASP D 104 -26.94 -23.05 13.99
N GLY D 105 -28.13 -23.13 13.37
CA GLY D 105 -28.27 -22.95 11.93
C GLY D 105 -28.33 -24.25 11.14
N LEU D 106 -28.10 -25.37 11.82
CA LEU D 106 -28.07 -26.69 11.18
C LEU D 106 -29.07 -26.85 10.04
N PHE D 107 -30.34 -26.56 10.29
CA PHE D 107 -31.35 -26.75 9.24
C PHE D 107 -31.16 -25.77 8.08
N GLU D 108 -30.71 -24.56 8.38
CA GLU D 108 -30.38 -23.61 7.34
C GLU D 108 -29.28 -24.21 6.45
N PHE D 109 -28.25 -24.76 7.08
CA PHE D 109 -27.15 -25.40 6.37
C PHE D 109 -27.63 -26.47 5.38
N CYS D 110 -28.53 -27.34 5.84
CA CYS D 110 -29.07 -28.39 5.01
C CYS D 110 -29.83 -27.84 3.82
N GLN D 111 -30.58 -26.76 4.05
CA GLN D 111 -31.41 -26.20 3.00
C GLN D 111 -30.56 -25.68 1.85
N LEU D 112 -29.40 -25.11 2.19
CA LEU D 112 -28.52 -24.55 1.17
C LEU D 112 -27.82 -25.64 0.38
N SER D 113 -27.35 -26.66 1.09
CA SER D 113 -26.68 -27.78 0.46
C SER D 113 -27.62 -28.51 -0.50
N THR D 114 -28.86 -28.69 -0.05
CA THR D 114 -29.87 -29.40 -0.83
C THR D 114 -30.40 -28.53 -1.96
N GLY D 115 -30.57 -27.25 -1.69
CA GLY D 115 -31.04 -26.31 -2.71
C GLY D 115 -30.11 -26.23 -3.90
N GLY D 116 -28.81 -26.22 -3.61
CA GLY D 116 -27.79 -26.17 -4.64
C GLY D 116 -27.82 -27.35 -5.59
N SER D 117 -27.90 -28.53 -5.01
CA SER D 117 -27.95 -29.77 -5.78
C SER D 117 -29.24 -29.91 -6.61
N VAL D 118 -30.38 -29.52 -6.02
CA VAL D 118 -31.69 -29.67 -6.68
C VAL D 118 -31.84 -28.67 -7.82
N ALA D 119 -31.53 -27.42 -7.52
CA ALA D 119 -31.60 -26.37 -8.50
C ALA D 119 -30.78 -26.77 -9.71
N SER D 120 -29.58 -27.29 -9.47
CA SER D 120 -28.66 -27.68 -10.54
C SER D 120 -29.19 -28.87 -11.35
N ALA D 121 -29.72 -29.88 -10.66
CA ALA D 121 -30.39 -30.99 -11.33
C ALA D 121 -31.46 -30.49 -12.30
N VAL D 122 -32.30 -29.60 -11.83
CA VAL D 122 -33.31 -29.00 -12.68
C VAL D 122 -32.61 -28.39 -13.90
N LYS D 123 -31.67 -27.53 -13.62
CA LYS D 123 -30.86 -26.88 -14.64
C LYS D 123 -30.35 -27.89 -15.69
N LEU D 124 -29.94 -29.07 -15.23
CA LEU D 124 -29.48 -30.12 -16.14
C LEU D 124 -30.64 -30.71 -16.92
N ASN D 125 -31.75 -30.99 -16.24
CA ASN D 125 -32.94 -31.50 -16.90
C ASN D 125 -33.48 -30.51 -17.89
N LYS D 126 -33.55 -29.24 -17.49
CA LYS D 126 -33.98 -28.18 -18.40
C LYS D 126 -33.01 -27.96 -19.57
N GLN D 127 -31.89 -28.68 -19.55
CA GLN D 127 -30.98 -28.73 -20.70
C GLN D 127 -30.34 -27.38 -21.00
N GLN D 128 -30.21 -26.56 -19.97
CA GLN D 128 -29.64 -25.21 -20.09
C GLN D 128 -28.27 -25.13 -19.40
N THR D 129 -27.65 -26.28 -19.16
CA THR D 129 -26.24 -26.34 -18.81
C THR D 129 -25.68 -27.69 -19.28
N ASP D 130 -24.37 -27.83 -19.27
CA ASP D 130 -23.73 -29.14 -19.48
C ASP D 130 -23.21 -29.66 -18.15
N ILE D 131 -22.60 -28.78 -17.38
CA ILE D 131 -22.08 -29.12 -16.08
C ILE D 131 -22.67 -28.16 -15.08
N ALA D 132 -22.86 -28.66 -13.88
CA ALA D 132 -23.35 -27.87 -12.79
C ALA D 132 -22.60 -28.28 -11.54
N VAL D 133 -22.16 -27.29 -10.77
CA VAL D 133 -21.25 -27.51 -9.64
C VAL D 133 -21.84 -26.93 -8.35
N ASN D 134 -21.86 -27.76 -7.31
CA ASN D 134 -22.29 -27.35 -5.98
C ASN D 134 -21.42 -28.00 -4.92
N TRP D 135 -20.37 -27.30 -4.52
CA TRP D 135 -19.40 -27.85 -3.56
C TRP D 135 -19.97 -28.05 -2.14
N ALA D 136 -21.01 -27.29 -1.82
CA ALA D 136 -21.69 -27.44 -0.53
C ALA D 136 -22.31 -28.81 -0.41
N GLY D 137 -22.89 -29.27 -1.52
CA GLY D 137 -23.54 -30.57 -1.56
C GLY D 137 -22.57 -31.73 -1.46
N GLY D 138 -23.08 -32.90 -1.85
CA GLY D 138 -22.33 -34.16 -1.85
C GLY D 138 -22.41 -35.00 -0.57
N LEU D 139 -23.28 -34.59 0.36
CA LEU D 139 -23.31 -35.20 1.69
C LEU D 139 -23.99 -36.57 1.67
N HIS D 140 -23.16 -37.59 1.52
CA HIS D 140 -23.59 -38.91 1.01
C HIS D 140 -23.85 -40.04 2.02
N HIS D 141 -23.65 -39.76 3.33
CA HIS D 141 -23.87 -40.79 4.38
C HIS D 141 -25.28 -40.76 4.98
N ALA D 142 -26.03 -39.71 4.65
CA ALA D 142 -27.36 -39.55 5.19
C ALA D 142 -28.28 -40.72 4.79
N LYS D 143 -29.24 -41.04 5.67
CA LYS D 143 -30.22 -42.09 5.42
C LYS D 143 -31.60 -41.48 5.45
N LYS D 144 -32.57 -42.28 5.04
CA LYS D 144 -33.97 -41.85 4.93
C LYS D 144 -34.51 -41.31 6.26
N SER D 145 -34.20 -42.00 7.35
CA SER D 145 -34.77 -41.68 8.66
C SER D 145 -33.74 -41.44 9.74
N GLU D 146 -32.50 -41.15 9.34
CA GLU D 146 -31.45 -40.81 10.32
C GLU D 146 -30.25 -40.13 9.68
N ALA D 147 -29.62 -39.25 10.47
CA ALA D 147 -28.38 -38.62 10.07
C ALA D 147 -27.22 -39.60 10.27
N SER D 148 -26.13 -39.42 9.54
CA SER D 148 -24.93 -40.26 9.70
C SER D 148 -23.70 -39.66 9.03
N GLY D 149 -22.54 -39.85 9.65
CA GLY D 149 -21.29 -39.32 9.09
C GLY D 149 -21.35 -37.88 8.61
N PHE D 150 -21.72 -37.00 9.53
CA PHE D 150 -21.78 -35.56 9.27
C PHE D 150 -22.85 -35.14 8.28
N CYS D 151 -23.59 -36.09 7.73
CA CYS D 151 -24.62 -35.80 6.74
C CYS D 151 -25.99 -35.87 7.41
N TYR D 152 -26.82 -34.86 7.16
CA TYR D 152 -28.15 -34.79 7.74
C TYR D 152 -29.20 -35.03 6.66
N VAL D 153 -29.07 -34.30 5.55
CA VAL D 153 -29.92 -34.51 4.37
C VAL D 153 -29.06 -35.02 3.23
N ASN D 154 -29.53 -36.05 2.53
CA ASN D 154 -28.84 -36.57 1.37
C ASN D 154 -29.27 -35.87 0.11
N ASP D 155 -28.62 -34.74 -0.12
CA ASP D 155 -28.90 -33.89 -1.26
C ASP D 155 -28.74 -34.66 -2.57
N ILE D 156 -27.90 -35.69 -2.53
CA ILE D 156 -27.54 -36.43 -3.72
C ILE D 156 -28.73 -37.23 -4.24
N VAL D 157 -29.35 -37.95 -3.32
CA VAL D 157 -30.52 -38.73 -3.66
C VAL D 157 -31.58 -37.79 -4.29
N LEU D 158 -31.93 -36.75 -3.56
CA LEU D 158 -32.95 -35.76 -4.02
C LEU D 158 -32.64 -35.21 -5.39
N ALA D 159 -31.35 -34.91 -5.60
CA ALA D 159 -30.87 -34.45 -6.88
C ALA D 159 -31.15 -35.50 -7.93
N ILE D 160 -30.75 -36.73 -7.63
CA ILE D 160 -30.92 -37.84 -8.57
C ILE D 160 -32.39 -38.10 -8.88
N LEU D 161 -33.25 -37.98 -7.86
CA LEU D 161 -34.68 -38.21 -8.02
C LEU D 161 -35.31 -37.24 -9.02
N GLU D 162 -34.81 -36.01 -9.05
CA GLU D 162 -35.24 -35.03 -10.04
C GLU D 162 -34.75 -35.40 -11.43
N LEU D 163 -33.52 -35.89 -11.52
CA LEU D 163 -32.94 -36.25 -12.81
C LEU D 163 -33.67 -37.41 -13.47
N LEU D 164 -34.13 -38.36 -12.64
CA LEU D 164 -34.89 -39.50 -13.13
C LEU D 164 -36.16 -39.07 -13.90
N LYS D 165 -36.62 -37.85 -13.65
CA LYS D 165 -37.78 -37.31 -14.35
C LYS D 165 -37.51 -37.14 -15.85
N TYR D 166 -36.25 -36.93 -16.21
CA TYR D 166 -35.87 -36.81 -17.63
C TYR D 166 -34.85 -37.84 -18.11
N HIS D 167 -34.21 -38.54 -17.18
CA HIS D 167 -33.13 -39.46 -17.52
C HIS D 167 -33.47 -40.87 -17.07
N GLN D 168 -33.46 -41.80 -18.03
CA GLN D 168 -33.75 -43.21 -17.79
C GLN D 168 -32.73 -43.84 -16.83
N ARG D 169 -31.46 -43.61 -17.14
CA ARG D 169 -30.36 -44.16 -16.38
C ARG D 169 -29.44 -43.06 -15.87
N VAL D 170 -29.31 -43.00 -14.55
CA VAL D 170 -28.45 -42.03 -13.88
C VAL D 170 -27.29 -42.75 -13.23
N LEU D 171 -26.07 -42.38 -13.59
CA LEU D 171 -24.89 -43.00 -13.01
C LEU D 171 -24.44 -42.18 -11.84
N TYR D 172 -24.13 -42.83 -10.72
CA TYR D 172 -23.56 -42.12 -9.60
C TYR D 172 -22.15 -42.60 -9.26
N ILE D 173 -21.17 -41.73 -9.44
CA ILE D 173 -19.77 -42.05 -9.12
C ILE D 173 -19.34 -41.32 -7.84
N ASP D 174 -18.59 -42.02 -7.00
CA ASP D 174 -18.24 -41.54 -5.67
C ASP D 174 -16.75 -41.80 -5.40
N ILE D 175 -15.94 -40.73 -5.40
CA ILE D 175 -14.47 -40.79 -5.20
C ILE D 175 -14.07 -40.71 -3.72
N ASP D 176 -14.95 -40.13 -2.93
CA ASP D 176 -14.74 -39.91 -1.50
C ASP D 176 -14.06 -41.15 -0.95
N ILE D 177 -13.14 -40.96 -0.02
CA ILE D 177 -12.52 -42.10 0.62
C ILE D 177 -13.54 -42.99 1.36
N HIS D 178 -14.61 -42.41 1.91
CA HIS D 178 -15.64 -43.18 2.62
C HIS D 178 -16.71 -43.73 1.65
N HIS D 179 -17.12 -44.98 1.85
CA HIS D 179 -18.13 -45.63 1.01
C HIS D 179 -19.49 -44.91 1.03
N GLY D 180 -19.99 -44.59 -0.17
CA GLY D 180 -21.21 -43.79 -0.33
C GLY D 180 -22.46 -44.59 -0.12
N ASP D 181 -22.63 -45.04 1.12
CA ASP D 181 -23.71 -45.94 1.54
C ASP D 181 -25.11 -45.28 1.55
N GLY D 182 -25.18 -43.97 1.73
CA GLY D 182 -26.45 -43.28 1.70
C GLY D 182 -27.03 -43.35 0.31
N VAL D 183 -26.22 -43.00 -0.68
CA VAL D 183 -26.72 -42.96 -2.03
C VAL D 183 -26.93 -44.40 -2.50
N GLU D 184 -26.16 -45.33 -1.96
CA GLU D 184 -26.31 -46.74 -2.33
C GLU D 184 -27.61 -47.29 -1.79
N GLU D 185 -27.80 -47.18 -0.49
CA GLU D 185 -28.98 -47.75 0.17
C GLU D 185 -30.30 -47.20 -0.38
N ALA D 186 -30.31 -45.91 -0.71
CA ALA D 186 -31.49 -45.26 -1.23
C ALA D 186 -31.91 -45.83 -2.59
N PHE D 187 -30.95 -46.31 -3.36
CA PHE D 187 -31.22 -46.83 -4.70
C PHE D 187 -30.87 -48.32 -4.82
N TYR D 188 -30.79 -49.00 -3.69
CA TYR D 188 -30.33 -50.40 -3.65
C TYR D 188 -31.16 -51.37 -4.50
N THR D 189 -32.44 -51.09 -4.69
CA THR D 189 -33.35 -52.02 -5.35
C THR D 189 -33.78 -51.58 -6.74
N THR D 190 -33.13 -50.57 -7.31
CA THR D 190 -33.48 -50.09 -8.64
C THR D 190 -32.37 -50.31 -9.68
N ASP D 191 -32.80 -50.49 -10.92
CA ASP D 191 -31.89 -50.68 -12.03
C ASP D 191 -31.66 -49.38 -12.78
N ARG D 192 -32.38 -48.32 -12.42
CA ARG D 192 -32.28 -47.05 -13.15
C ARG D 192 -31.08 -46.22 -12.73
N VAL D 193 -30.53 -46.53 -11.56
CA VAL D 193 -29.40 -45.79 -11.02
C VAL D 193 -28.31 -46.73 -10.56
N MET D 194 -27.11 -46.57 -11.12
CA MET D 194 -25.97 -47.40 -10.76
C MET D 194 -24.95 -46.65 -9.90
N THR D 195 -24.64 -47.23 -8.74
CA THR D 195 -23.80 -46.53 -7.76
C THR D 195 -22.42 -47.17 -7.67
N VAL D 196 -21.43 -46.48 -8.21
CA VAL D 196 -20.05 -46.95 -8.20
C VAL D 196 -19.22 -46.19 -7.18
N SER D 197 -18.45 -46.92 -6.38
CA SER D 197 -17.74 -46.31 -5.25
C SER D 197 -16.36 -46.93 -4.95
N PHE D 198 -15.36 -46.06 -4.84
CA PHE D 198 -13.98 -46.45 -4.57
C PHE D 198 -13.55 -45.89 -3.22
N HIS D 199 -13.20 -46.77 -2.29
CA HIS D 199 -13.04 -46.37 -0.91
C HIS D 199 -12.16 -47.28 -0.11
N LYS D 200 -11.66 -46.76 1.00
CA LYS D 200 -10.96 -47.58 1.96
C LYS D 200 -11.95 -48.58 2.54
N TYR D 201 -11.46 -49.71 2.98
CA TYR D 201 -12.29 -50.73 3.59
C TYR D 201 -11.50 -51.55 4.62
N GLY D 202 -12.13 -51.88 5.74
CA GLY D 202 -11.46 -52.64 6.80
C GLY D 202 -11.04 -51.75 7.94
N GLU D 203 -11.81 -51.79 9.03
CA GLU D 203 -11.62 -50.89 10.18
C GLU D 203 -11.73 -49.44 9.73
N TYR D 204 -12.87 -49.12 9.14
CA TYR D 204 -13.10 -47.78 8.58
C TYR D 204 -14.59 -47.58 8.42
N PHE D 205 -15.00 -46.32 8.36
CA PHE D 205 -16.40 -46.02 8.25
C PHE D 205 -16.78 -46.02 6.78
N PRO D 206 -18.01 -46.45 6.45
CA PRO D 206 -19.14 -46.83 7.32
C PRO D 206 -19.29 -48.34 7.60
N GLY D 207 -18.28 -49.13 7.25
CA GLY D 207 -18.30 -50.58 7.44
C GLY D 207 -18.93 -51.33 6.29
N THR D 208 -19.40 -50.60 5.28
CA THR D 208 -20.12 -51.17 4.17
C THR D 208 -19.42 -50.92 2.86
N GLY D 209 -19.78 -51.68 1.84
CA GLY D 209 -19.25 -51.48 0.49
C GLY D 209 -18.06 -52.36 0.12
N ASP D 210 -18.08 -53.62 0.56
CA ASP D 210 -17.04 -54.55 0.18
C ASP D 210 -17.34 -55.11 -1.21
N LEU D 211 -16.43 -55.95 -1.70
CA LEU D 211 -16.49 -56.55 -3.04
C LEU D 211 -17.85 -57.18 -3.31
N ARG D 212 -18.36 -57.88 -2.30
CA ARG D 212 -19.61 -58.63 -2.43
C ARG D 212 -20.90 -57.81 -2.25
N ASP D 213 -20.78 -56.48 -2.10
CA ASP D 213 -21.95 -55.61 -2.01
C ASP D 213 -22.39 -55.24 -3.43
N ILE D 214 -23.36 -55.98 -3.96
CA ILE D 214 -23.71 -55.93 -5.39
C ILE D 214 -25.08 -55.29 -5.62
N GLY D 215 -25.88 -55.15 -4.57
CA GLY D 215 -27.24 -54.65 -4.69
C GLY D 215 -28.25 -55.69 -4.27
N ALA D 216 -29.51 -55.49 -4.67
CA ALA D 216 -30.60 -56.45 -4.41
C ALA D 216 -31.82 -56.24 -5.33
N GLY D 217 -32.48 -57.34 -5.68
CA GLY D 217 -33.71 -57.31 -6.47
C GLY D 217 -33.44 -56.86 -7.88
N LYS D 218 -34.20 -55.87 -8.35
CA LYS D 218 -33.89 -55.19 -9.60
C LYS D 218 -32.54 -54.45 -9.55
N GLY D 219 -32.11 -54.06 -8.36
CA GLY D 219 -30.85 -53.36 -8.19
C GLY D 219 -29.61 -54.23 -8.08
N LYS D 220 -29.76 -55.54 -8.25
CA LYS D 220 -28.60 -56.44 -8.20
C LYS D 220 -27.82 -56.37 -9.50
N TYR D 221 -26.51 -56.30 -9.35
CA TYR D 221 -25.54 -56.00 -10.42
C TYR D 221 -25.57 -54.54 -10.87
N TYR D 222 -26.09 -53.69 -10.00
CA TYR D 222 -26.13 -52.26 -10.27
C TYR D 222 -25.51 -51.43 -9.15
N ALA D 223 -24.90 -52.08 -8.16
CA ALA D 223 -24.13 -51.37 -7.15
C ALA D 223 -22.71 -51.89 -7.24
N VAL D 224 -21.84 -51.09 -7.84
CA VAL D 224 -20.43 -51.42 -8.01
C VAL D 224 -19.65 -50.85 -6.83
N ASN D 225 -18.67 -51.59 -6.34
CA ASN D 225 -17.83 -51.12 -5.27
C ASN D 225 -16.39 -51.55 -5.53
N TYR D 226 -15.44 -50.70 -5.13
CA TYR D 226 -14.04 -51.06 -5.18
C TYR D 226 -13.42 -50.83 -3.79
N PRO D 227 -13.27 -51.91 -3.01
CA PRO D 227 -12.64 -51.77 -1.70
C PRO D 227 -11.13 -51.62 -1.81
N LEU D 228 -10.53 -50.83 -0.92
CA LEU D 228 -9.10 -50.48 -1.01
C LEU D 228 -8.46 -50.41 0.34
N ARG D 229 -7.18 -50.73 0.42
CA ARG D 229 -6.37 -50.50 1.62
C ARG D 229 -5.69 -49.12 1.54
N ASP D 230 -4.84 -48.86 2.53
CA ASP D 230 -4.16 -47.57 2.65
C ASP D 230 -3.17 -47.27 1.55
N GLY D 231 -2.85 -45.99 1.41
CA GLY D 231 -1.69 -45.52 0.64
C GLY D 231 -1.75 -45.55 -0.86
N ILE D 232 -2.95 -45.54 -1.43
CA ILE D 232 -3.10 -45.64 -2.89
C ILE D 232 -2.54 -44.43 -3.67
N ASP D 233 -1.78 -44.72 -4.73
CA ASP D 233 -1.16 -43.67 -5.54
C ASP D 233 -2.17 -43.12 -6.51
N ASP D 234 -1.77 -42.02 -7.17
CA ASP D 234 -2.46 -41.52 -8.34
C ASP D 234 -2.37 -42.54 -9.46
N GLU D 235 -1.19 -43.15 -9.57
CA GLU D 235 -0.90 -44.11 -10.61
C GLU D 235 -1.74 -45.38 -10.48
N SER D 236 -1.71 -46.03 -9.32
CA SER D 236 -2.62 -47.14 -9.03
C SER D 236 -4.09 -46.76 -9.20
N TYR D 237 -4.52 -45.63 -8.64
CA TYR D 237 -5.92 -45.21 -8.74
C TYR D 237 -6.35 -45.00 -10.17
N GLU D 238 -5.58 -44.22 -10.92
CA GLU D 238 -5.88 -44.01 -12.34
C GLU D 238 -6.02 -45.36 -13.07
N ALA D 239 -5.05 -46.25 -12.85
CA ALA D 239 -5.00 -47.54 -13.54
C ALA D 239 -6.14 -48.47 -13.16
N ILE D 240 -6.89 -48.17 -12.12
CA ILE D 240 -8.09 -48.95 -11.79
C ILE D 240 -9.40 -48.19 -11.95
N PHE D 241 -9.35 -46.87 -12.18
CA PHE D 241 -10.58 -46.09 -12.33
C PHE D 241 -11.07 -46.07 -13.77
N LYS D 242 -10.15 -45.72 -14.67
CA LYS D 242 -10.46 -45.63 -16.10
C LYS D 242 -10.99 -46.96 -16.66
N PRO D 243 -10.29 -48.10 -16.41
CA PRO D 243 -10.79 -49.36 -16.95
C PRO D 243 -12.22 -49.61 -16.52
N VAL D 244 -12.47 -49.55 -15.21
CA VAL D 244 -13.79 -49.83 -14.61
C VAL D 244 -14.88 -48.88 -15.10
N MET D 245 -14.58 -47.59 -15.16
CA MET D 245 -15.58 -46.62 -15.58
C MET D 245 -15.92 -46.72 -17.07
N SER D 246 -14.94 -47.05 -17.91
CA SER D 246 -15.20 -47.29 -19.33
C SER D 246 -16.11 -48.48 -19.57
N LYS D 247 -15.96 -49.50 -18.74
CA LYS D 247 -16.85 -50.65 -18.78
C LYS D 247 -18.21 -50.20 -18.29
N VAL D 248 -18.25 -49.54 -17.15
CA VAL D 248 -19.50 -49.03 -16.63
C VAL D 248 -20.26 -48.26 -17.73
N MET D 249 -19.67 -47.24 -18.31
CA MET D 249 -20.32 -46.53 -19.41
C MET D 249 -20.72 -47.53 -20.47
N GLU D 250 -19.79 -48.38 -20.86
CA GLU D 250 -20.06 -49.39 -21.90
C GLU D 250 -21.36 -50.13 -21.58
N MET D 251 -21.46 -50.65 -20.37
CA MET D 251 -22.61 -51.50 -19.99
C MET D 251 -23.84 -50.71 -19.55
N PHE D 252 -23.72 -49.87 -18.51
CA PHE D 252 -24.84 -49.12 -17.93
C PHE D 252 -25.33 -47.92 -18.77
N GLN D 253 -24.55 -47.50 -19.77
CA GLN D 253 -25.01 -46.53 -20.82
C GLN D 253 -25.85 -45.35 -20.31
N PRO D 254 -25.35 -44.63 -19.31
CA PRO D 254 -26.20 -43.63 -18.63
C PRO D 254 -26.43 -42.40 -19.48
N SER D 255 -27.39 -41.57 -19.06
CA SER D 255 -27.71 -40.32 -19.75
C SER D 255 -27.55 -39.08 -18.86
N ALA D 256 -26.98 -39.28 -17.68
CA ALA D 256 -26.63 -38.18 -16.78
C ALA D 256 -25.75 -38.73 -15.68
N VAL D 257 -24.65 -38.03 -15.41
CA VAL D 257 -23.68 -38.49 -14.42
C VAL D 257 -23.74 -37.59 -13.22
N VAL D 258 -23.56 -38.17 -12.05
CA VAL D 258 -23.39 -37.38 -10.85
C VAL D 258 -22.13 -37.85 -10.14
N LEU D 259 -21.11 -37.00 -10.18
CA LEU D 259 -19.80 -37.32 -9.64
C LEU D 259 -19.64 -36.65 -8.29
N GLN D 260 -19.53 -37.45 -7.25
CA GLN D 260 -19.25 -36.89 -5.92
C GLN D 260 -17.73 -36.83 -5.80
N CYS D 261 -17.21 -35.62 -5.62
CA CYS D 261 -15.77 -35.38 -5.67
C CYS D 261 -15.18 -35.19 -4.28
N GLY D 262 -15.37 -36.21 -3.44
CA GLY D 262 -14.94 -36.17 -2.04
C GLY D 262 -13.44 -35.93 -2.00
N SER D 263 -13.02 -34.98 -1.18
CA SER D 263 -11.63 -34.59 -1.16
C SER D 263 -10.86 -35.15 0.03
N ASP D 264 -11.45 -36.08 0.77
CA ASP D 264 -10.73 -36.73 1.89
C ASP D 264 -9.97 -37.95 1.40
N SER D 265 -10.14 -38.28 0.11
CA SER D 265 -9.27 -39.25 -0.58
C SER D 265 -7.90 -38.68 -1.00
N LEU D 266 -7.65 -37.40 -0.75
CA LEU D 266 -6.35 -36.79 -1.02
C LEU D 266 -5.37 -37.17 0.06
N SER D 267 -4.10 -36.92 -0.26
CA SER D 267 -3.00 -37.19 0.66
C SER D 267 -3.04 -36.19 1.79
N GLY D 268 -2.51 -36.60 2.94
CA GLY D 268 -2.44 -35.76 4.12
C GLY D 268 -3.78 -35.23 4.62
N ASP D 269 -4.86 -36.00 4.42
CA ASP D 269 -6.12 -35.63 5.01
C ASP D 269 -6.08 -35.96 6.48
N ARG D 270 -6.94 -35.31 7.24
CA ARG D 270 -6.94 -35.45 8.67
C ARG D 270 -7.55 -36.80 8.99
N LEU D 271 -8.64 -37.16 8.29
CA LEU D 271 -9.37 -38.44 8.52
C LEU D 271 -8.98 -39.52 7.52
N GLY D 272 -8.70 -39.11 6.29
CA GLY D 272 -8.32 -40.04 5.22
C GLY D 272 -6.92 -40.61 5.34
N CYS D 273 -6.69 -41.73 4.67
CA CYS D 273 -5.39 -42.39 4.61
C CYS D 273 -5.10 -42.94 3.20
N PHE D 274 -5.33 -42.10 2.19
CA PHE D 274 -4.96 -42.36 0.80
C PHE D 274 -3.88 -41.38 0.44
N ASN D 275 -3.21 -41.62 -0.68
CA ASN D 275 -2.04 -40.82 -1.06
C ASN D 275 -2.21 -40.19 -2.45
N LEU D 276 -3.37 -39.57 -2.66
CA LEU D 276 -3.67 -38.93 -3.93
C LEU D 276 -3.31 -37.46 -3.93
N THR D 277 -2.92 -36.97 -5.10
CA THR D 277 -2.66 -35.56 -5.33
C THR D 277 -3.85 -34.99 -6.03
N ILE D 278 -3.95 -33.67 -5.96
CA ILE D 278 -5.00 -32.93 -6.66
C ILE D 278 -5.00 -33.40 -8.10
N LYS D 279 -3.81 -33.52 -8.68
CA LYS D 279 -3.70 -33.91 -10.06
C LYS D 279 -4.39 -35.23 -10.30
N GLY D 280 -4.02 -36.24 -9.53
CA GLY D 280 -4.60 -37.56 -9.70
C GLY D 280 -6.10 -37.54 -9.48
N HIS D 281 -6.50 -36.95 -8.35
CA HIS D 281 -7.89 -36.81 -7.99
C HIS D 281 -8.68 -36.21 -9.15
N ALA D 282 -8.18 -35.12 -9.72
CA ALA D 282 -8.86 -34.44 -10.83
C ALA D 282 -8.91 -35.24 -12.13
N LYS D 283 -7.86 -36.02 -12.40
CA LYS D 283 -7.82 -36.88 -13.58
C LYS D 283 -9.11 -37.69 -13.71
N CYS D 284 -9.74 -38.01 -12.57
CA CYS D 284 -11.01 -38.70 -12.57
C CYS D 284 -12.12 -37.82 -13.09
N VAL D 285 -12.20 -36.60 -12.58
CA VAL D 285 -13.20 -35.63 -13.04
C VAL D 285 -13.06 -35.39 -14.55
N GLU D 286 -11.82 -35.27 -15.01
CA GLU D 286 -11.53 -35.01 -16.41
C GLU D 286 -11.97 -36.19 -17.27
N PHE D 287 -11.71 -37.39 -16.78
CA PHE D 287 -12.09 -38.63 -17.50
C PHE D 287 -13.61 -38.75 -17.64
N VAL D 288 -14.31 -38.45 -16.56
CA VAL D 288 -15.76 -38.46 -16.55
C VAL D 288 -16.28 -37.42 -17.54
N LYS D 289 -15.88 -36.17 -17.33
CA LYS D 289 -16.26 -35.07 -18.22
C LYS D 289 -16.12 -35.46 -19.68
N SER D 290 -15.06 -36.21 -20.02
CA SER D 290 -14.75 -36.64 -21.40
C SER D 290 -15.90 -37.41 -22.07
N PHE D 291 -16.64 -38.17 -21.26
CA PHE D 291 -17.85 -38.87 -21.71
C PHE D 291 -19.04 -37.94 -21.96
N ASN D 292 -18.79 -36.64 -22.01
CA ASN D 292 -19.76 -35.69 -22.54
C ASN D 292 -21.20 -36.00 -22.20
N LEU D 293 -21.48 -36.20 -20.92
CA LEU D 293 -22.85 -36.38 -20.48
C LEU D 293 -23.18 -35.22 -19.56
N PRO D 294 -24.46 -34.86 -19.46
CA PRO D 294 -24.86 -33.90 -18.44
C PRO D 294 -24.28 -34.34 -17.11
N MET D 295 -23.53 -33.45 -16.46
CA MET D 295 -22.72 -33.82 -15.31
C MET D 295 -23.00 -32.92 -14.15
N LEU D 296 -23.04 -33.50 -12.96
CA LEU D 296 -23.34 -32.75 -11.76
C LEU D 296 -22.30 -33.01 -10.68
N MET D 297 -21.33 -32.11 -10.61
CA MET D 297 -20.25 -32.24 -9.64
C MET D 297 -20.67 -31.74 -8.27
N LEU D 298 -20.50 -32.61 -7.28
CA LEU D 298 -20.72 -32.25 -5.90
C LEU D 298 -19.46 -32.46 -5.10
N GLY D 299 -19.39 -31.89 -3.95
CA GLY D 299 -18.26 -32.15 -3.11
C GLY D 299 -18.60 -33.25 -2.20
N GLY D 300 -18.33 -33.10 -0.90
CA GLY D 300 -18.33 -34.24 0.01
C GLY D 300 -17.31 -34.05 1.12
N GLY D 301 -16.75 -35.15 1.60
CA GLY D 301 -15.69 -35.11 2.59
C GLY D 301 -14.42 -34.35 2.15
N GLY D 302 -13.53 -34.18 3.13
CA GLY D 302 -12.29 -33.40 3.00
C GLY D 302 -12.05 -32.69 4.31
N TYR D 303 -10.92 -32.95 4.96
CA TYR D 303 -10.69 -32.43 6.31
C TYR D 303 -9.34 -31.76 6.61
N THR D 304 -8.48 -31.66 5.61
CA THR D 304 -7.32 -30.74 5.60
C THR D 304 -7.68 -29.58 4.66
N ILE D 305 -8.47 -28.64 5.18
CA ILE D 305 -9.24 -27.70 4.34
C ILE D 305 -8.41 -26.88 3.32
N ARG D 306 -7.16 -26.61 3.67
CA ARG D 306 -6.25 -25.95 2.75
C ARG D 306 -6.22 -26.69 1.42
N ASN D 307 -6.17 -28.02 1.49
CA ASN D 307 -6.15 -28.86 0.29
C ASN D 307 -7.52 -29.10 -0.33
N VAL D 308 -8.55 -29.16 0.52
CA VAL D 308 -9.91 -29.20 0.02
C VAL D 308 -10.16 -28.00 -0.89
N ALA D 309 -9.77 -26.82 -0.41
CA ALA D 309 -9.84 -25.58 -1.17
C ALA D 309 -9.13 -25.73 -2.51
N ARG D 310 -7.85 -26.10 -2.43
CA ARG D 310 -7.03 -26.34 -3.62
C ARG D 310 -7.75 -27.25 -4.61
N CYS D 311 -8.11 -28.43 -4.13
CA CYS D 311 -8.71 -29.47 -4.99
C CYS D 311 -9.88 -28.99 -5.82
N TRP D 312 -10.93 -28.56 -5.14
CA TRP D 312 -12.16 -28.19 -5.80
C TRP D 312 -12.00 -26.93 -6.64
N THR D 313 -11.06 -26.07 -6.26
CA THR D 313 -10.69 -24.96 -7.12
C THR D 313 -10.14 -25.52 -8.43
N TYR D 314 -9.16 -26.42 -8.32
CA TYR D 314 -8.57 -27.02 -9.50
C TYR D 314 -9.63 -27.76 -10.31
N GLU D 315 -10.38 -28.62 -9.66
CA GLU D 315 -11.39 -29.40 -10.36
C GLU D 315 -12.48 -28.54 -11.02
N THR D 316 -12.67 -27.32 -10.53
CA THR D 316 -13.56 -26.41 -11.20
C THR D 316 -12.93 -26.00 -12.51
N ALA D 317 -11.66 -25.61 -12.48
CA ALA D 317 -10.94 -25.33 -13.73
C ALA D 317 -11.11 -26.44 -14.76
N VAL D 318 -11.06 -27.68 -14.29
CA VAL D 318 -11.16 -28.82 -15.17
C VAL D 318 -12.49 -28.85 -15.91
N ALA D 319 -13.56 -28.46 -15.22
CA ALA D 319 -14.88 -28.39 -15.83
C ALA D 319 -14.96 -27.29 -16.86
N LEU D 320 -14.14 -26.25 -16.70
CA LEU D 320 -13.98 -25.17 -17.69
C LEU D 320 -12.81 -25.41 -18.64
N ASP D 321 -12.14 -26.56 -18.51
CA ASP D 321 -10.96 -26.86 -19.29
C ASP D 321 -10.17 -25.56 -19.56
N THR D 322 -9.87 -24.82 -18.49
CA THR D 322 -8.91 -23.72 -18.55
C THR D 322 -7.73 -24.01 -17.64
N GLU D 323 -6.59 -23.47 -17.99
CA GLU D 323 -5.36 -23.70 -17.24
C GLU D 323 -5.30 -22.69 -16.08
N ILE D 324 -4.77 -23.10 -14.94
CA ILE D 324 -4.45 -22.13 -13.89
C ILE D 324 -3.04 -22.38 -13.36
N PRO D 325 -2.35 -21.30 -12.97
CA PRO D 325 -1.00 -21.45 -12.45
C PRO D 325 -0.95 -22.06 -11.06
N ASN D 326 0.19 -22.64 -10.74
CA ASN D 326 0.42 -23.24 -9.44
C ASN D 326 0.50 -22.13 -8.39
N GLU D 327 0.92 -20.95 -8.83
CA GLU D 327 0.91 -19.75 -7.99
C GLU D 327 -0.53 -19.45 -7.53
N LEU D 328 -0.78 -19.58 -6.24
CA LEU D 328 -2.07 -19.22 -5.70
C LEU D 328 -2.27 -17.70 -5.75
N PRO D 329 -3.44 -17.24 -6.19
CA PRO D 329 -3.66 -15.81 -6.22
C PRO D 329 -3.93 -15.29 -4.82
N TYR D 330 -3.58 -14.04 -4.57
CA TYR D 330 -3.88 -13.44 -3.29
C TYR D 330 -5.37 -13.55 -3.01
N ASN D 331 -5.70 -13.68 -1.74
CA ASN D 331 -7.09 -13.72 -1.33
C ASN D 331 -7.17 -13.50 0.16
N ASP D 332 -8.39 -13.32 0.64
CA ASP D 332 -8.60 -13.08 2.06
C ASP D 332 -7.94 -14.14 2.93
N TYR D 333 -7.86 -15.39 2.45
CA TYR D 333 -7.31 -16.48 3.25
C TYR D 333 -5.97 -16.96 2.73
N PHE D 334 -5.33 -16.13 1.91
CA PHE D 334 -4.02 -16.45 1.31
C PHE D 334 -3.03 -17.00 2.31
N GLU D 335 -3.05 -16.46 3.52
CA GLU D 335 -2.06 -16.78 4.52
C GLU D 335 -2.28 -18.19 5.04
N TYR D 336 -3.47 -18.76 4.82
CA TYR D 336 -3.73 -20.15 5.20
C TYR D 336 -2.79 -21.12 4.51
N PHE D 337 -2.33 -20.81 3.31
CA PHE D 337 -1.63 -21.81 2.47
C PHE D 337 -0.10 -21.90 2.66
N GLY D 338 0.30 -22.35 3.84
CA GLY D 338 1.67 -22.71 4.11
C GLY D 338 2.69 -21.64 3.76
N PRO D 339 3.99 -21.99 3.81
CA PRO D 339 5.06 -21.11 3.33
C PRO D 339 5.12 -21.02 1.80
N ASP D 340 4.59 -22.05 1.14
CA ASP D 340 4.66 -22.24 -0.32
C ASP D 340 3.67 -21.42 -1.17
N PHE D 341 2.42 -21.33 -0.71
CA PHE D 341 1.35 -20.65 -1.46
C PHE D 341 1.23 -21.18 -2.86
N LYS D 342 1.25 -22.50 -2.98
CA LYS D 342 1.03 -23.16 -4.25
C LYS D 342 -0.27 -23.94 -4.26
N LEU D 343 -0.75 -24.20 -5.47
CA LEU D 343 -2.02 -24.91 -5.68
C LEU D 343 -1.91 -26.41 -5.47
N HIS D 344 -0.83 -26.99 -5.96
CA HIS D 344 -0.70 -28.43 -5.99
C HIS D 344 -0.11 -28.99 -4.73
N ILE D 345 -0.40 -30.26 -4.46
CA ILE D 345 0.27 -31.03 -3.43
C ILE D 345 0.93 -32.23 -4.11
N SER D 346 2.01 -32.72 -3.49
CA SER D 346 2.76 -33.90 -3.95
C SER D 346 2.46 -35.06 -3.00
N PRO D 347 2.69 -36.31 -3.43
CA PRO D 347 2.34 -37.45 -2.55
C PRO D 347 3.37 -37.66 -1.45
N SER D 348 3.00 -38.35 -0.37
CA SER D 348 3.93 -38.61 0.75
C SER D 348 4.74 -39.90 0.57
N ASN D 349 5.74 -40.12 1.42
CA ASN D 349 6.55 -41.36 1.39
C ASN D 349 5.72 -42.58 1.80
N MET D 350 4.52 -42.33 2.25
CA MET D 350 3.60 -43.35 2.70
C MET D 350 3.47 -44.50 1.76
N THR D 351 3.40 -45.69 2.34
CA THR D 351 3.51 -46.97 1.62
C THR D 351 2.19 -47.48 1.06
N ASN D 352 2.16 -47.74 -0.23
CA ASN D 352 0.93 -48.17 -0.89
C ASN D 352 0.67 -49.66 -0.70
N GLN D 353 -0.23 -50.01 0.20
CA GLN D 353 -0.53 -51.42 0.50
C GLN D 353 -1.56 -52.04 -0.44
N ASN D 354 -1.69 -51.48 -1.63
CA ASN D 354 -2.55 -52.02 -2.67
C ASN D 354 -1.72 -52.66 -3.79
N THR D 355 -1.22 -53.85 -3.51
CA THR D 355 -0.36 -54.54 -4.47
C THR D 355 -1.11 -54.79 -5.75
N ASN D 356 -0.38 -54.82 -6.85
CA ASN D 356 -0.97 -55.08 -8.16
C ASN D 356 -1.84 -56.34 -8.19
N GLU D 357 -1.43 -57.36 -7.45
CA GLU D 357 -2.16 -58.62 -7.38
C GLU D 357 -3.54 -58.38 -6.76
N TYR D 358 -3.59 -57.61 -5.68
CA TYR D 358 -4.85 -57.37 -4.98
C TYR D 358 -5.85 -56.54 -5.77
N LEU D 359 -5.36 -55.58 -6.57
CA LEU D 359 -6.22 -54.70 -7.38
C LEU D 359 -6.79 -55.43 -8.59
N GLU D 360 -5.98 -56.27 -9.22
CA GLU D 360 -6.41 -57.10 -10.38
C GLU D 360 -7.37 -58.21 -10.01
N LYS D 361 -7.24 -58.79 -8.83
CA LYS D 361 -8.26 -59.74 -8.35
C LYS D 361 -9.62 -59.04 -8.35
N ILE D 362 -9.70 -57.90 -7.66
CA ILE D 362 -10.95 -57.17 -7.51
C ILE D 362 -11.48 -56.68 -8.85
N LYS D 363 -10.62 -56.02 -9.60
CA LYS D 363 -10.97 -55.55 -10.93
C LYS D 363 -11.71 -56.65 -11.71
N GLN D 364 -11.08 -57.80 -11.84
CA GLN D 364 -11.69 -58.88 -12.59
C GLN D 364 -13.08 -59.21 -12.04
N ARG D 365 -13.21 -59.36 -10.72
CA ARG D 365 -14.53 -59.70 -10.13
C ARG D 365 -15.59 -58.70 -10.57
N LEU D 366 -15.20 -57.42 -10.67
CA LEU D 366 -16.15 -56.34 -11.04
C LEU D 366 -16.51 -56.39 -12.50
N PHE D 367 -15.51 -56.68 -13.34
CA PHE D 367 -15.71 -56.84 -14.79
C PHE D 367 -16.71 -57.95 -15.08
N GLU D 368 -16.67 -59.01 -14.27
CA GLU D 368 -17.68 -60.06 -14.33
C GLU D 368 -19.06 -59.53 -13.95
N ASN D 369 -19.13 -58.86 -12.80
CA ASN D 369 -20.39 -58.29 -12.36
C ASN D 369 -20.97 -57.41 -13.45
N LEU D 370 -20.17 -56.51 -14.01
CA LEU D 370 -20.69 -55.61 -15.02
C LEU D 370 -21.14 -56.35 -16.28
N ARG D 371 -20.48 -57.44 -16.64
CA ARG D 371 -20.88 -58.19 -17.84
C ARG D 371 -22.31 -58.75 -17.75
N MET D 372 -22.80 -58.96 -16.52
CA MET D 372 -24.14 -59.50 -16.28
C MET D 372 -25.29 -58.59 -16.77
N LEU D 373 -24.98 -57.31 -16.98
CA LEU D 373 -25.96 -56.38 -17.52
C LEU D 373 -26.28 -56.68 -18.98
N PRO D 374 -27.44 -56.21 -19.45
CA PRO D 374 -27.81 -56.41 -20.85
C PRO D 374 -27.01 -55.53 -21.82
N HIS D 375 -26.71 -56.05 -23.00
CA HIS D 375 -25.94 -55.35 -24.04
C HIS D 375 -26.17 -56.05 -25.39
N ALA D 376 -25.45 -55.66 -26.44
CA ALA D 376 -25.58 -56.33 -27.76
C ALA D 376 -24.22 -56.53 -28.42
N ARG E 8 -30.37 30.76 -24.98
CA ARG E 8 -29.23 31.37 -24.20
C ARG E 8 -27.90 31.32 -24.95
N ARG E 9 -27.20 32.44 -24.93
CA ARG E 9 -26.05 32.68 -25.81
C ARG E 9 -25.01 31.57 -25.64
N LYS E 10 -24.30 31.23 -26.71
CA LYS E 10 -23.22 30.24 -26.67
C LYS E 10 -21.88 30.91 -26.43
N VAL E 11 -21.10 30.39 -25.50
CA VAL E 11 -19.84 31.01 -25.09
C VAL E 11 -18.61 30.13 -25.41
N CYS E 12 -17.54 30.76 -25.91
CA CYS E 12 -16.28 30.07 -26.17
C CYS E 12 -15.15 30.64 -25.35
N TYR E 13 -14.46 29.78 -24.63
CA TYR E 13 -13.48 30.25 -23.68
C TYR E 13 -12.12 29.80 -24.13
N TYR E 14 -11.17 30.74 -24.19
CA TYR E 14 -9.80 30.46 -24.64
C TYR E 14 -8.80 30.56 -23.52
N TYR E 15 -7.95 29.54 -23.38
CA TYR E 15 -6.99 29.47 -22.27
C TYR E 15 -5.81 28.55 -22.60
N ASP E 16 -4.58 28.98 -22.30
CA ASP E 16 -3.41 28.12 -22.37
C ASP E 16 -2.75 28.07 -21.02
N GLY E 17 -2.64 26.87 -20.48
CA GLY E 17 -2.13 26.61 -19.15
C GLY E 17 -0.84 27.32 -18.81
N ASP E 18 0.01 27.55 -19.83
CA ASP E 18 1.30 28.20 -19.63
C ASP E 18 1.20 29.65 -19.14
N VAL E 19 0.09 30.33 -19.49
CA VAL E 19 -0.10 31.77 -19.28
C VAL E 19 0.02 32.25 -17.83
N GLY E 20 -0.43 31.43 -16.89
CA GLY E 20 -0.27 31.76 -15.48
C GLY E 20 1.18 31.75 -15.00
N ASN E 21 2.05 31.04 -15.74
CA ASN E 21 3.43 30.76 -15.31
C ASN E 21 4.47 31.74 -15.80
N TYR E 22 4.12 32.55 -16.82
CA TYR E 22 5.00 33.63 -17.27
C TYR E 22 5.01 34.75 -16.22
N TYR E 23 6.17 35.35 -16.00
CA TYR E 23 6.39 36.23 -14.88
C TYR E 23 7.06 37.53 -15.32
N TYR E 24 6.50 38.66 -14.89
CA TYR E 24 6.95 39.98 -15.35
C TYR E 24 8.20 40.47 -14.65
N GLY E 25 8.36 40.11 -13.40
CA GLY E 25 9.58 40.45 -12.69
C GLY E 25 9.30 40.81 -11.26
N GLN E 26 10.32 40.65 -10.43
CA GLN E 26 10.21 40.99 -9.03
C GLN E 26 9.70 42.42 -8.90
N GLY E 27 8.75 42.60 -7.99
CA GLY E 27 8.21 43.93 -7.66
C GLY E 27 7.24 44.50 -8.68
N HIS E 28 6.98 43.76 -9.76
CA HIS E 28 6.09 44.21 -10.83
C HIS E 28 4.62 43.85 -10.58
N PRO E 29 3.70 44.79 -10.81
CA PRO E 29 2.30 44.59 -10.43
C PRO E 29 1.51 43.66 -11.37
N MET E 30 1.75 43.76 -12.66
CA MET E 30 1.14 42.86 -13.62
C MET E 30 1.55 41.42 -13.32
N LYS E 31 0.58 40.61 -12.96
CA LYS E 31 0.85 39.23 -12.63
C LYS E 31 -0.06 38.26 -13.41
N PRO E 32 0.48 37.64 -14.48
CA PRO E 32 -0.35 36.81 -15.36
C PRO E 32 -1.06 35.68 -14.62
N HIS E 33 -0.55 35.34 -13.44
CA HIS E 33 -1.10 34.24 -12.67
C HIS E 33 -2.57 34.38 -12.34
N ARG E 34 -3.07 35.62 -12.35
CA ARG E 34 -4.47 35.90 -12.05
C ARG E 34 -5.46 35.24 -13.01
N ILE E 35 -5.01 34.93 -14.23
CA ILE E 35 -5.83 34.25 -15.24
C ILE E 35 -5.98 32.77 -14.89
N ARG E 36 -4.89 32.18 -14.43
CA ARG E 36 -4.89 30.81 -13.95
C ARG E 36 -5.83 30.68 -12.75
N MET E 37 -5.87 31.70 -11.90
CA MET E 37 -6.74 31.71 -10.72
C MET E 37 -8.21 31.70 -11.10
N THR E 38 -8.52 32.51 -12.11
CA THR E 38 -9.84 32.57 -12.72
C THR E 38 -10.20 31.22 -13.32
N HIS E 39 -9.36 30.77 -14.26
CA HIS E 39 -9.52 29.47 -14.90
C HIS E 39 -9.94 28.44 -13.87
N ASN E 40 -9.17 28.35 -12.80
CA ASN E 40 -9.39 27.35 -11.77
C ASN E 40 -10.71 27.54 -11.03
N LEU E 41 -11.13 28.78 -10.80
CA LEU E 41 -12.41 29.01 -10.15
C LEU E 41 -13.52 28.54 -11.07
N LEU E 42 -13.43 28.96 -12.33
CA LEU E 42 -14.40 28.57 -13.35
C LEU E 42 -14.65 27.04 -13.36
N LEU E 43 -13.58 26.26 -13.23
CA LEU E 43 -13.71 24.80 -13.18
C LEU E 43 -14.48 24.33 -11.97
N ASN E 44 -14.12 24.90 -10.82
CA ASN E 44 -14.75 24.53 -9.57
C ASN E 44 -16.11 25.17 -9.32
N TYR E 45 -16.42 26.27 -9.98
CA TYR E 45 -17.78 26.79 -9.92
C TYR E 45 -18.67 26.06 -10.92
N GLY E 46 -18.11 25.14 -11.71
CA GLY E 46 -18.89 24.30 -12.64
C GLY E 46 -19.22 25.01 -13.96
N LEU E 47 -18.60 26.15 -14.18
CA LEU E 47 -18.90 26.98 -15.34
C LEU E 47 -18.11 26.45 -16.55
N TYR E 48 -16.85 26.10 -16.32
CA TYR E 48 -15.96 25.48 -17.33
C TYR E 48 -16.76 24.48 -18.15
N ARG E 49 -17.32 23.53 -17.42
CA ARG E 49 -18.24 22.54 -17.94
C ARG E 49 -19.16 23.11 -19.03
N LYS E 50 -19.76 24.27 -18.76
CA LYS E 50 -20.85 24.82 -19.58
C LYS E 50 -20.47 25.65 -20.79
N MET E 51 -19.18 25.75 -21.10
CA MET E 51 -18.81 26.52 -22.29
C MET E 51 -17.75 25.81 -23.11
N GLU E 52 -17.62 26.20 -24.36
CA GLU E 52 -16.70 25.54 -25.29
C GLU E 52 -15.25 25.99 -25.04
N ILE E 53 -14.42 25.07 -24.55
CA ILE E 53 -13.05 25.40 -24.11
C ILE E 53 -11.97 25.13 -25.18
N TYR E 54 -11.26 26.17 -25.62
CA TYR E 54 -10.25 26.06 -26.68
C TYR E 54 -8.87 26.45 -26.17
N ARG E 55 -7.85 25.66 -26.55
CA ARG E 55 -6.45 26.05 -26.39
C ARG E 55 -6.07 26.80 -27.64
N PRO E 56 -5.59 28.03 -27.48
CA PRO E 56 -5.15 28.83 -28.62
C PRO E 56 -3.72 28.50 -29.03
N HIS E 57 -3.55 28.13 -30.29
CA HIS E 57 -2.23 27.97 -30.84
C HIS E 57 -1.55 29.34 -30.80
N LYS E 58 -0.22 29.31 -30.88
CA LYS E 58 0.62 30.50 -30.78
C LYS E 58 0.45 31.36 -32.03
N ALA E 59 0.22 32.66 -31.83
CA ALA E 59 0.13 33.59 -32.96
C ALA E 59 1.55 33.88 -33.43
N ASN E 60 1.79 33.71 -34.72
CA ASN E 60 3.13 33.95 -35.27
C ASN E 60 3.29 35.39 -35.73
N ALA E 61 4.54 35.81 -35.89
CA ALA E 61 4.89 37.15 -36.34
C ALA E 61 4.10 37.57 -37.59
N GLU E 62 3.74 36.59 -38.41
CA GLU E 62 2.89 36.76 -39.60
C GLU E 62 1.68 37.65 -39.36
N GLU E 63 0.90 37.29 -38.35
CA GLU E 63 -0.36 37.99 -38.05
C GLU E 63 -0.23 39.13 -37.04
N MET E 64 0.80 39.11 -36.19
CA MET E 64 1.14 40.27 -35.36
C MET E 64 1.60 41.50 -36.17
N THR E 65 2.22 41.26 -37.33
CA THR E 65 2.68 42.34 -38.22
C THR E 65 1.56 42.84 -39.13
N LYS E 66 0.40 42.19 -39.08
CA LYS E 66 -0.79 42.72 -39.74
C LYS E 66 -1.17 44.11 -39.19
N TYR E 67 -0.68 44.47 -38.00
CA TYR E 67 -0.77 45.84 -37.47
C TYR E 67 0.60 46.40 -37.11
N HIS E 68 1.43 45.62 -36.42
CA HIS E 68 2.72 46.13 -35.95
C HIS E 68 3.85 46.12 -36.97
N SER E 69 4.90 46.87 -36.64
CA SER E 69 6.09 47.03 -37.47
C SER E 69 6.75 45.69 -37.74
N ASP E 70 7.22 45.48 -38.96
CA ASP E 70 7.92 44.25 -39.30
C ASP E 70 9.19 44.12 -38.45
N ASP E 71 9.70 45.25 -37.96
CA ASP E 71 10.94 45.29 -37.18
C ASP E 71 10.74 45.55 -35.69
N TYR E 72 9.49 45.75 -35.27
CA TYR E 72 9.14 45.85 -33.86
C TYR E 72 8.90 44.43 -33.33
N ILE E 73 8.13 43.66 -34.08
CA ILE E 73 7.89 42.26 -33.79
C ILE E 73 9.22 41.52 -33.91
N LYS E 74 9.96 41.79 -34.99
CA LYS E 74 11.29 41.20 -35.18
C LYS E 74 12.11 41.38 -33.90
N PHE E 75 12.14 42.61 -33.40
CA PHE E 75 12.81 42.92 -32.15
C PHE E 75 12.33 42.03 -30.99
N LEU E 76 11.01 41.88 -30.86
CA LEU E 76 10.40 41.08 -29.77
C LEU E 76 10.70 39.61 -29.90
N ARG E 77 10.63 39.10 -31.12
CA ARG E 77 10.93 37.71 -31.39
C ARG E 77 12.37 37.44 -30.95
N SER E 78 13.23 38.42 -31.18
CA SER E 78 14.66 38.28 -30.94
C SER E 78 15.10 38.53 -29.49
N ILE E 79 14.68 39.66 -28.91
CA ILE E 79 15.14 40.07 -27.57
C ILE E 79 15.03 38.95 -26.54
N ARG E 80 16.00 38.92 -25.62
CA ARG E 80 16.00 38.02 -24.48
C ARG E 80 16.62 38.78 -23.30
N PRO E 81 16.64 38.17 -22.10
CA PRO E 81 17.49 38.68 -21.01
C PRO E 81 18.99 38.37 -21.20
N ASP E 82 19.31 37.45 -22.12
CA ASP E 82 20.69 37.18 -22.48
C ASP E 82 21.20 38.44 -23.17
N ASN E 83 20.69 38.69 -24.37
CA ASN E 83 21.19 39.75 -25.25
C ASN E 83 20.58 41.10 -24.87
N MET E 84 20.37 41.30 -23.57
CA MET E 84 19.73 42.50 -23.08
C MET E 84 20.65 43.71 -23.14
N SER E 85 21.92 43.53 -22.80
CA SER E 85 22.90 44.62 -22.90
C SER E 85 23.37 44.88 -24.35
N GLU E 86 23.26 43.87 -25.23
CA GLU E 86 23.59 44.03 -26.66
C GLU E 86 22.56 44.89 -27.43
N TYR E 87 21.28 44.78 -27.06
CA TYR E 87 20.17 45.45 -27.79
C TYR E 87 19.82 46.87 -27.31
N SER E 88 20.32 47.24 -26.14
CA SER E 88 19.85 48.43 -25.41
C SER E 88 19.54 49.66 -26.29
N LYS E 89 20.25 49.76 -27.41
CA LYS E 89 19.93 50.72 -28.48
C LYS E 89 18.45 50.67 -28.83
N GLN E 90 18.03 49.52 -29.34
CA GLN E 90 16.63 49.27 -29.72
C GLN E 90 15.66 49.23 -28.54
N MET E 91 16.14 48.85 -27.37
CA MET E 91 15.28 48.84 -26.20
C MET E 91 14.66 50.21 -25.94
N GLN E 92 15.46 51.28 -26.07
CA GLN E 92 14.97 52.63 -25.77
C GLN E 92 14.00 53.14 -26.84
N ARG E 93 14.26 52.83 -28.10
CA ARG E 93 13.36 53.19 -29.18
C ARG E 93 11.99 52.52 -29.05
N PHE E 94 11.91 51.38 -28.35
CA PHE E 94 10.69 50.58 -28.24
C PHE E 94 10.02 50.55 -26.86
N ASN E 95 10.56 51.30 -25.89
CA ASN E 95 9.90 51.48 -24.59
C ASN E 95 10.02 50.29 -23.60
N VAL E 96 10.94 49.38 -23.84
CA VAL E 96 11.04 48.17 -23.01
C VAL E 96 11.95 48.36 -21.81
N GLY E 97 11.38 48.63 -20.63
CA GLY E 97 12.20 48.85 -19.43
C GLY E 97 11.43 49.15 -18.14
N GLU E 98 11.58 50.37 -17.62
CA GLU E 98 11.17 50.71 -16.25
C GLU E 98 9.89 50.03 -15.75
N ASP E 99 8.79 50.25 -16.46
CA ASP E 99 7.54 49.58 -16.12
C ASP E 99 7.09 48.58 -17.20
N CYS E 100 7.86 48.35 -18.26
CA CYS E 100 7.61 47.19 -19.14
C CYS E 100 8.85 46.30 -19.23
N PRO E 101 9.08 45.42 -18.23
CA PRO E 101 10.38 44.76 -18.25
C PRO E 101 10.54 43.82 -19.41
N VAL E 102 11.79 43.42 -19.64
CA VAL E 102 12.09 42.24 -20.44
C VAL E 102 11.96 41.09 -19.44
N PHE E 103 11.56 39.91 -19.90
CA PHE E 103 11.46 38.76 -19.01
C PHE E 103 11.36 37.46 -19.78
N ASP E 104 11.81 36.38 -19.19
CA ASP E 104 11.95 35.11 -19.90
C ASP E 104 10.56 34.58 -20.33
N GLY E 105 10.42 34.36 -21.63
CA GLY E 105 9.16 33.89 -22.22
C GLY E 105 8.29 35.00 -22.80
N LEU E 106 8.67 36.26 -22.57
CA LEU E 106 7.89 37.41 -23.02
C LEU E 106 7.18 37.20 -24.36
N PHE E 107 7.91 36.80 -25.39
CA PHE E 107 7.30 36.64 -26.70
C PHE E 107 6.28 35.49 -26.74
N GLU E 108 6.56 34.43 -25.99
CA GLU E 108 5.61 33.35 -25.82
C GLU E 108 4.31 33.91 -25.24
N PHE E 109 4.45 34.71 -24.19
CA PHE E 109 3.30 35.34 -23.54
C PHE E 109 2.42 36.11 -24.52
N CYS E 110 3.06 36.93 -25.36
CA CYS E 110 2.34 37.72 -26.35
C CYS E 110 1.61 36.84 -27.35
N GLN E 111 2.23 35.74 -27.74
CA GLN E 111 1.65 34.88 -28.75
C GLN E 111 0.35 34.27 -28.25
N LEU E 112 0.31 33.94 -26.96
CA LEU E 112 -0.87 33.30 -26.37
C LEU E 112 -2.01 34.32 -26.21
N SER E 113 -1.66 35.50 -25.74
CA SER E 113 -2.64 36.55 -25.56
C SER E 113 -3.27 36.95 -26.89
N THR E 114 -2.44 37.05 -27.92
CA THR E 114 -2.88 37.44 -29.24
C THR E 114 -3.61 36.30 -29.94
N GLY E 115 -3.13 35.08 -29.76
CA GLY E 115 -3.77 33.91 -30.36
C GLY E 115 -5.19 33.73 -29.88
N GLY E 116 -5.39 33.95 -28.59
CA GLY E 116 -6.71 33.84 -27.97
C GLY E 116 -7.73 34.80 -28.55
N SER E 117 -7.32 36.05 -28.67
CA SER E 117 -8.19 37.10 -29.22
C SER E 117 -8.51 36.89 -30.71
N VAL E 118 -7.50 36.48 -31.49
CA VAL E 118 -7.64 36.31 -32.94
C VAL E 118 -8.51 35.10 -33.27
N ALA E 119 -8.17 33.98 -32.64
CA ALA E 119 -8.91 32.76 -32.82
C ALA E 119 -10.38 33.02 -32.56
N SER E 120 -10.66 33.74 -31.47
CA SER E 120 -12.03 34.03 -31.06
C SER E 120 -12.75 34.96 -32.05
N ALA E 121 -12.05 35.99 -32.51
CA ALA E 121 -12.57 36.87 -33.56
C ALA E 121 -13.02 36.05 -34.78
N VAL E 122 -12.15 35.16 -35.22
CA VAL E 122 -12.49 34.27 -36.32
C VAL E 122 -13.79 33.53 -35.97
N LYS E 123 -13.76 32.87 -34.83
CA LYS E 123 -14.90 32.16 -34.30
C LYS E 123 -16.19 33.00 -34.37
N LEU E 124 -16.07 34.28 -34.08
CA LEU E 124 -17.23 35.20 -34.17
C LEU E 124 -17.61 35.46 -35.62
N ASN E 125 -16.60 35.71 -36.46
CA ASN E 125 -16.84 35.93 -37.89
C ASN E 125 -17.44 34.69 -38.52
N LYS E 126 -16.87 33.53 -38.20
CA LYS E 126 -17.40 32.26 -38.70
C LYS E 126 -18.80 31.95 -38.16
N GLN E 127 -19.29 32.81 -37.25
CA GLN E 127 -20.69 32.76 -36.82
C GLN E 127 -21.01 31.47 -36.06
N GLN E 128 -20.00 30.89 -35.42
CA GLN E 128 -20.13 29.64 -34.69
C GLN E 128 -19.99 29.87 -33.17
N THR E 129 -20.16 31.12 -32.74
CA THR E 129 -20.36 31.45 -31.34
C THR E 129 -21.17 32.73 -31.26
N ASP E 130 -21.67 33.06 -30.07
CA ASP E 130 -22.26 34.37 -29.81
C ASP E 130 -21.31 35.20 -28.98
N ILE E 131 -20.70 34.58 -27.98
CA ILE E 131 -19.74 35.23 -27.14
C ILE E 131 -18.47 34.41 -27.15
N ALA E 132 -17.36 35.11 -27.03
CA ALA E 132 -16.06 34.48 -26.96
C ALA E 132 -15.25 35.24 -25.92
N VAL E 133 -14.56 34.48 -25.06
CA VAL E 133 -13.88 35.03 -23.90
C VAL E 133 -12.40 34.66 -23.89
N ASN E 134 -11.55 35.67 -23.72
CA ASN E 134 -10.10 35.46 -23.59
C ASN E 134 -9.54 36.42 -22.56
N TRP E 135 -9.46 35.96 -21.31
CA TRP E 135 -9.00 36.81 -20.21
C TRP E 135 -7.52 37.21 -20.30
N ALA E 136 -6.73 36.40 -21.00
CA ALA E 136 -5.32 36.71 -21.23
C ALA E 136 -5.18 37.98 -22.03
N GLY E 137 -6.04 38.13 -23.02
CA GLY E 137 -6.02 39.29 -23.89
C GLY E 137 -6.44 40.57 -23.19
N GLY E 138 -6.76 41.56 -24.02
CA GLY E 138 -7.21 42.88 -23.57
C GLY E 138 -6.12 43.94 -23.39
N LEU E 139 -4.89 43.61 -23.79
CA LEU E 139 -3.74 44.46 -23.49
C LEU E 139 -3.69 45.70 -24.39
N HIS E 140 -4.26 46.77 -23.89
CA HIS E 140 -4.75 47.89 -24.72
C HIS E 140 -3.88 49.15 -24.82
N HIS E 141 -2.72 49.17 -24.15
CA HIS E 141 -1.80 50.34 -24.20
C HIS E 141 -0.74 50.23 -25.29
N ALA E 142 -0.63 49.05 -25.89
CA ALA E 142 0.38 48.83 -26.90
C ALA E 142 0.19 49.75 -28.12
N LYS E 143 1.30 50.11 -28.75
CA LYS E 143 1.29 50.94 -29.96
C LYS E 143 1.91 50.17 -31.10
N LYS E 144 1.77 50.74 -32.29
CA LYS E 144 2.24 50.12 -33.53
C LYS E 144 3.74 49.77 -33.48
N SER E 145 4.53 50.70 -32.95
CA SER E 145 5.98 50.57 -32.98
C SER E 145 6.64 50.68 -31.61
N GLU E 146 5.87 50.49 -30.54
CA GLU E 146 6.43 50.49 -29.19
C GLU E 146 5.49 49.87 -28.16
N ALA E 147 6.10 49.26 -27.15
CA ALA E 147 5.38 48.73 -26.01
C ALA E 147 5.00 49.89 -25.08
N SER E 148 3.95 49.71 -24.28
CA SER E 148 3.56 50.73 -23.28
C SER E 148 2.56 50.19 -22.27
N GLY E 149 2.68 50.63 -21.02
CA GLY E 149 1.78 50.19 -19.95
C GLY E 149 1.56 48.68 -19.89
N PHE E 150 2.66 47.95 -19.74
CA PHE E 150 2.64 46.51 -19.61
C PHE E 150 2.18 45.76 -20.84
N CYS E 151 1.82 46.47 -21.89
CA CYS E 151 1.31 45.85 -23.12
C CYS E 151 2.42 45.86 -24.17
N TYR E 152 2.63 44.73 -24.82
CA TYR E 152 3.66 44.59 -25.84
C TYR E 152 3.02 44.47 -27.22
N VAL E 153 2.03 43.57 -27.33
CA VAL E 153 1.24 43.41 -28.54
C VAL E 153 -0.20 43.81 -28.22
N ASN E 154 -0.80 44.60 -29.11
CA ASN E 154 -2.20 44.99 -28.96
C ASN E 154 -3.11 44.00 -29.64
N ASP E 155 -3.40 42.94 -28.90
CA ASP E 155 -4.25 41.85 -29.38
C ASP E 155 -5.60 42.37 -29.83
N ILE E 156 -6.01 43.49 -29.23
CA ILE E 156 -7.34 44.03 -29.45
C ILE E 156 -7.49 44.54 -30.87
N VAL E 157 -6.52 45.34 -31.29
CA VAL E 157 -6.51 45.86 -32.63
C VAL E 157 -6.59 44.69 -33.63
N LEU E 158 -5.64 43.76 -33.51
CA LEU E 158 -5.55 42.59 -34.40
C LEU E 158 -6.86 41.82 -34.47
N ALA E 159 -7.47 41.67 -33.30
CA ALA E 159 -8.76 41.02 -33.19
C ALA E 159 -9.78 41.80 -34.00
N ILE E 160 -9.81 43.12 -33.79
CA ILE E 160 -10.76 43.98 -34.46
C ILE E 160 -10.55 43.97 -35.98
N LEU E 161 -9.29 43.94 -36.40
CA LEU E 161 -8.94 43.93 -37.82
C LEU E 161 -9.50 42.72 -38.55
N GLU E 162 -9.53 41.59 -37.85
CA GLU E 162 -10.16 40.39 -38.39
C GLU E 162 -11.68 40.53 -38.47
N LEU E 163 -12.27 41.16 -37.47
CA LEU E 163 -13.71 41.33 -37.44
C LEU E 163 -14.22 42.24 -38.56
N LEU E 164 -13.41 43.25 -38.90
CA LEU E 164 -13.75 44.16 -39.99
C LEU E 164 -13.94 43.43 -41.32
N LYS E 165 -13.37 42.23 -41.43
CA LYS E 165 -13.52 41.40 -42.62
C LYS E 165 -14.97 40.99 -42.85
N TYR E 166 -15.75 40.88 -41.78
CA TYR E 166 -17.17 40.54 -41.88
C TYR E 166 -18.12 41.58 -41.30
N HIS E 167 -17.59 42.52 -40.53
CA HIS E 167 -18.43 43.50 -39.84
C HIS E 167 -18.08 44.92 -40.27
N GLN E 168 -19.08 45.63 -40.77
CA GLN E 168 -18.95 47.02 -41.23
C GLN E 168 -18.52 47.95 -40.09
N ARG E 169 -19.24 47.84 -38.98
CA ARG E 169 -19.02 48.67 -37.82
C ARG E 169 -18.73 47.82 -36.58
N VAL E 170 -17.56 48.05 -36.00
CA VAL E 170 -17.12 47.34 -34.79
C VAL E 170 -17.04 48.33 -33.66
N LEU E 171 -17.79 48.06 -32.58
CA LEU E 171 -17.75 48.94 -31.42
C LEU E 171 -16.73 48.44 -30.44
N TYR E 172 -15.90 49.33 -29.92
CA TYR E 172 -14.98 48.94 -28.87
C TYR E 172 -15.24 49.66 -27.56
N ILE E 173 -15.64 48.91 -26.53
CA ILE E 173 -15.90 49.47 -25.21
C ILE E 173 -14.80 49.07 -24.23
N ASP E 174 -14.39 50.02 -23.40
CA ASP E 174 -13.22 49.86 -22.53
C ASP E 174 -13.55 50.36 -21.12
N ILE E 175 -13.70 49.43 -20.17
CA ILE E 175 -14.05 49.74 -18.76
C ILE E 175 -12.83 50.00 -17.87
N ASP E 176 -11.70 49.47 -18.31
CA ASP E 176 -10.43 49.56 -17.59
C ASP E 176 -10.34 50.96 -17.03
N ILE E 177 -9.80 51.09 -15.83
CA ILE E 177 -9.59 52.41 -15.26
C ILE E 177 -8.67 53.28 -16.13
N HIS E 178 -7.69 52.68 -16.81
CA HIS E 178 -6.76 53.43 -17.68
C HIS E 178 -7.33 53.63 -19.10
N HIS E 179 -7.16 54.83 -19.65
CA HIS E 179 -7.66 55.16 -21.00
C HIS E 179 -7.05 54.27 -22.10
N GLY E 180 -7.93 53.66 -22.89
CA GLY E 180 -7.53 52.68 -23.92
C GLY E 180 -6.98 53.34 -25.16
N ASP E 181 -5.83 53.99 -24.98
CA ASP E 181 -5.18 54.80 -26.02
C ASP E 181 -4.56 53.99 -27.18
N GLY E 182 -4.20 52.73 -26.92
CA GLY E 182 -3.68 51.88 -27.96
C GLY E 182 -4.75 51.60 -28.98
N VAL E 183 -5.91 51.17 -28.49
CA VAL E 183 -6.97 50.81 -29.40
C VAL E 183 -7.52 52.09 -30.04
N GLU E 184 -7.43 53.20 -29.33
CA GLU E 184 -7.91 54.47 -29.86
C GLU E 184 -7.01 54.94 -31.00
N GLU E 185 -5.72 55.06 -30.72
CA GLU E 185 -4.76 55.58 -31.69
C GLU E 185 -4.70 54.76 -32.98
N ALA E 186 -4.83 53.45 -32.84
CA ALA E 186 -4.79 52.55 -33.99
C ALA E 186 -5.98 52.79 -34.95
N PHE E 187 -7.10 53.23 -34.41
CA PHE E 187 -8.30 53.43 -35.21
C PHE E 187 -8.74 54.90 -35.22
N TYR E 188 -7.83 55.80 -34.91
CA TYR E 188 -8.14 57.22 -34.73
C TYR E 188 -8.76 57.90 -35.97
N THR E 189 -8.44 57.40 -37.17
CA THR E 189 -8.83 58.06 -38.41
C THR E 189 -9.90 57.29 -39.18
N THR E 190 -10.52 56.29 -38.57
CA THR E 190 -11.55 55.52 -39.27
C THR E 190 -12.94 55.68 -38.62
N ASP E 191 -13.96 55.56 -39.47
CA ASP E 191 -15.33 55.64 -39.03
C ASP E 191 -15.93 54.26 -38.82
N ARG E 192 -15.20 53.21 -39.16
CA ARG E 192 -15.74 51.85 -39.07
C ARG E 192 -15.67 51.29 -37.66
N VAL E 193 -14.84 51.90 -36.82
CA VAL E 193 -14.65 51.43 -35.45
C VAL E 193 -14.76 52.58 -34.48
N MET E 194 -15.68 52.47 -33.52
CA MET E 194 -15.89 53.51 -32.51
C MET E 194 -15.36 53.09 -31.14
N THR E 195 -14.48 53.91 -30.58
CA THR E 195 -13.79 53.54 -29.34
C THR E 195 -14.29 54.38 -28.16
N VAL E 196 -15.06 53.73 -27.30
CA VAL E 196 -15.63 54.37 -26.12
C VAL E 196 -14.88 53.95 -24.85
N SER E 197 -14.51 54.92 -24.02
CA SER E 197 -13.66 54.64 -22.86
C SER E 197 -13.98 55.48 -21.62
N PHE E 198 -14.12 54.80 -20.49
CA PHE E 198 -14.42 55.41 -19.21
C PHE E 198 -13.26 55.20 -18.25
N HIS E 199 -12.65 56.29 -17.78
CA HIS E 199 -11.38 56.18 -17.10
C HIS E 199 -11.09 57.35 -16.19
N LYS E 200 -10.18 57.13 -15.26
CA LYS E 200 -9.66 58.21 -14.45
C LYS E 200 -8.90 59.15 -15.35
N TYR E 201 -8.83 60.41 -14.99
CA TYR E 201 -8.10 61.41 -15.75
C TYR E 201 -7.56 62.51 -14.83
N GLY E 202 -6.34 62.97 -15.10
CA GLY E 202 -5.71 63.99 -14.28
C GLY E 202 -4.68 63.41 -13.33
N GLU E 203 -3.41 63.56 -13.68
CA GLU E 203 -2.30 62.94 -12.95
C GLU E 203 -2.47 61.43 -12.92
N TYR E 204 -2.55 60.84 -14.10
CA TYR E 204 -2.81 59.41 -14.24
C TYR E 204 -2.39 58.97 -15.62
N PHE E 205 -2.13 57.69 -15.78
CA PHE E 205 -1.67 57.18 -17.05
C PHE E 205 -2.89 56.85 -17.89
N PRO E 206 -2.80 57.03 -19.22
CA PRO E 206 -1.64 57.42 -20.03
C PRO E 206 -1.53 58.92 -20.37
N GLY E 207 -2.33 59.76 -19.72
CA GLY E 207 -2.33 61.20 -19.96
C GLY E 207 -3.28 61.62 -21.08
N THR E 208 -3.94 60.65 -21.70
CA THR E 208 -4.78 60.89 -22.85
C THR E 208 -6.21 60.48 -22.59
N GLY E 209 -7.11 60.96 -23.42
CA GLY E 209 -8.52 60.58 -23.34
C GLY E 209 -9.41 61.53 -22.55
N ASP E 210 -9.16 62.83 -22.67
CA ASP E 210 -10.02 63.81 -22.02
C ASP E 210 -11.27 64.03 -22.87
N LEU E 211 -12.17 64.88 -22.35
CA LEU E 211 -13.45 65.18 -22.98
C LEU E 211 -13.29 65.57 -24.45
N ARG E 212 -12.29 66.37 -24.72
CA ARG E 212 -12.04 66.90 -26.06
C ARG E 212 -11.29 65.97 -27.02
N ASP E 213 -11.03 64.73 -26.60
CA ASP E 213 -10.40 63.73 -27.48
C ASP E 213 -11.50 63.05 -28.29
N ILE E 214 -11.72 63.53 -29.51
CA ILE E 214 -12.90 63.15 -30.30
C ILE E 214 -12.54 62.30 -31.52
N GLY E 215 -11.26 62.26 -31.86
CA GLY E 215 -10.80 61.56 -33.06
C GLY E 215 -10.19 62.52 -34.06
N ALA E 216 -10.07 62.08 -35.32
CA ALA E 216 -9.57 62.92 -36.42
C ALA E 216 -9.94 62.38 -37.81
N GLY E 217 -10.16 63.28 -38.76
CA GLY E 217 -10.44 62.93 -40.14
C GLY E 217 -11.79 62.25 -40.28
N LYS E 218 -11.81 61.11 -40.94
CA LYS E 218 -12.98 60.23 -40.94
C LYS E 218 -13.33 59.71 -39.54
N GLY E 219 -12.33 59.61 -38.67
CA GLY E 219 -12.54 59.13 -37.32
C GLY E 219 -13.01 60.17 -36.31
N LYS E 220 -13.28 61.40 -36.75
CA LYS E 220 -13.79 62.44 -35.86
C LYS E 220 -15.26 62.22 -35.56
N TYR E 221 -15.59 62.35 -34.28
CA TYR E 221 -16.90 61.99 -33.69
C TYR E 221 -17.10 60.47 -33.57
N TYR E 222 -15.99 59.74 -33.61
CA TYR E 222 -16.03 58.31 -33.45
C TYR E 222 -15.11 57.81 -32.34
N ALA E 223 -14.50 58.71 -31.57
CA ALA E 223 -13.77 58.32 -30.38
C ALA E 223 -14.42 59.00 -29.21
N VAL E 224 -15.19 58.22 -28.45
CA VAL E 224 -15.91 58.71 -27.29
C VAL E 224 -15.03 58.48 -26.06
N ASN E 225 -15.04 59.43 -25.13
CA ASN E 225 -14.29 59.30 -23.90
C ASN E 225 -15.11 59.85 -22.75
N TYR E 226 -14.98 59.24 -21.58
CA TYR E 226 -15.58 59.77 -20.37
C TYR E 226 -14.50 59.90 -19.29
N PRO E 227 -13.97 61.12 -19.10
CA PRO E 227 -12.99 61.33 -18.04
C PRO E 227 -13.62 61.36 -16.68
N LEU E 228 -12.92 60.85 -15.66
CA LEU E 228 -13.47 60.70 -14.31
C LEU E 228 -12.44 60.96 -13.24
N ARG E 229 -12.88 61.47 -12.10
CA ARG E 229 -12.05 61.59 -10.91
C ARG E 229 -12.17 60.33 -10.04
N ASP E 230 -11.55 60.37 -8.87
CA ASP E 230 -11.50 59.25 -7.95
C ASP E 230 -12.85 58.87 -7.35
N GLY E 231 -12.91 57.64 -6.85
CA GLY E 231 -13.98 57.19 -5.95
C GLY E 231 -15.34 56.93 -6.52
N ILE E 232 -15.44 56.64 -7.81
CA ILE E 232 -16.74 56.43 -8.45
C ILE E 232 -17.49 55.18 -7.96
N ASP E 233 -18.78 55.35 -7.67
CA ASP E 233 -19.62 54.26 -7.17
C ASP E 233 -20.08 53.40 -8.32
N ASP E 234 -20.67 52.26 -7.96
CA ASP E 234 -21.43 51.45 -8.90
C ASP E 234 -22.64 52.23 -9.39
N GLU E 235 -23.25 52.96 -8.46
CA GLU E 235 -24.44 53.73 -8.73
C GLU E 235 -24.19 54.87 -9.71
N SER E 236 -23.22 55.73 -9.40
CA SER E 236 -22.77 56.75 -10.37
C SER E 236 -22.33 56.15 -11.71
N TYR E 237 -21.51 55.10 -11.70
CA TYR E 237 -21.04 54.49 -12.94
C TYR E 237 -22.18 53.94 -13.78
N GLU E 238 -23.04 53.15 -13.17
CA GLU E 238 -24.20 52.62 -13.88
C GLU E 238 -25.01 53.77 -14.51
N ALA E 239 -25.29 54.81 -13.72
CA ALA E 239 -26.11 55.94 -14.16
C ALA E 239 -25.47 56.77 -15.27
N ILE E 240 -24.20 56.57 -15.55
CA ILE E 240 -23.57 57.22 -16.70
C ILE E 240 -23.12 56.27 -17.80
N PHE E 241 -23.17 54.97 -17.58
CA PHE E 241 -22.75 54.01 -18.61
C PHE E 241 -23.91 53.64 -19.53
N LYS E 242 -25.03 53.25 -18.93
CA LYS E 242 -26.22 52.85 -19.68
C LYS E 242 -26.73 53.95 -20.61
N PRO E 243 -26.90 55.20 -20.11
CA PRO E 243 -27.39 56.25 -21.00
C PRO E 243 -26.50 56.39 -22.22
N VAL E 244 -25.20 56.55 -22.00
CA VAL E 244 -24.20 56.76 -23.07
C VAL E 244 -24.13 55.59 -24.06
N MET E 245 -24.11 54.37 -23.54
CA MET E 245 -24.01 53.20 -24.42
C MET E 245 -25.26 52.97 -25.25
N SER E 246 -26.44 53.26 -24.69
CA SER E 246 -27.69 53.17 -25.46
C SER E 246 -27.74 54.16 -26.60
N LYS E 247 -27.17 55.34 -26.39
CA LYS E 247 -27.03 56.32 -27.44
C LYS E 247 -26.03 55.81 -28.45
N VAL E 248 -24.87 55.38 -27.97
CA VAL E 248 -23.87 54.81 -28.85
C VAL E 248 -24.50 53.75 -29.77
N MET E 249 -25.12 52.72 -29.21
CA MET E 249 -25.80 51.73 -30.05
C MET E 249 -26.76 52.43 -30.97
N GLU E 250 -27.58 53.32 -30.41
CA GLU E 250 -28.56 54.05 -31.20
C GLU E 250 -27.90 54.65 -32.44
N MET E 251 -26.82 55.39 -32.23
CA MET E 251 -26.16 56.12 -33.32
C MET E 251 -25.21 55.28 -34.16
N PHE E 252 -24.18 54.70 -33.53
CA PHE E 252 -23.13 53.92 -34.23
C PHE E 252 -23.56 52.54 -34.72
N GLN E 253 -24.72 52.04 -34.26
CA GLN E 253 -25.38 50.83 -34.84
C GLN E 253 -24.44 49.67 -35.22
N PRO E 254 -23.60 49.22 -34.28
CA PRO E 254 -22.54 48.28 -34.64
C PRO E 254 -23.07 46.88 -34.89
N SER E 255 -22.22 46.04 -35.47
CA SER E 255 -22.57 44.64 -35.76
C SER E 255 -21.64 43.63 -35.07
N ALA E 256 -20.78 44.13 -34.18
CA ALA E 256 -19.93 43.28 -33.35
C ALA E 256 -19.31 44.16 -32.26
N VAL E 257 -19.38 43.68 -31.03
CA VAL E 257 -18.89 44.45 -29.89
C VAL E 257 -17.64 43.81 -29.37
N VAL E 258 -16.70 44.61 -28.93
CA VAL E 258 -15.55 44.10 -28.21
C VAL E 258 -15.43 44.87 -26.90
N LEU E 259 -15.71 44.18 -25.81
CA LEU E 259 -15.73 44.77 -24.48
C LEU E 259 -14.47 44.40 -23.75
N GLN E 260 -13.64 45.40 -23.45
CA GLN E 260 -12.46 45.16 -22.64
C GLN E 260 -12.89 45.32 -21.19
N CYS E 261 -12.74 44.26 -20.41
CA CYS E 261 -13.28 44.21 -19.05
C CYS E 261 -12.19 44.38 -18.01
N GLY E 262 -11.49 45.51 -18.10
CA GLY E 262 -10.36 45.81 -17.23
C GLY E 262 -10.83 45.77 -15.79
N SER E 263 -10.10 45.07 -14.94
CA SER E 263 -10.54 44.89 -13.57
C SER E 263 -9.80 45.76 -12.56
N ASP E 264 -9.03 46.73 -13.04
CA ASP E 264 -8.35 47.69 -12.14
C ASP E 264 -9.24 48.88 -11.83
N SER E 265 -10.40 48.93 -12.49
CA SER E 265 -11.50 49.84 -12.11
C SER E 265 -12.31 49.40 -10.88
N LEU E 266 -12.00 48.23 -10.32
CA LEU E 266 -12.62 47.75 -9.09
C LEU E 266 -12.05 48.47 -7.90
N SER E 267 -12.77 48.35 -6.80
CA SER E 267 -12.36 48.93 -5.52
C SER E 267 -11.17 48.18 -4.97
N GLY E 268 -10.36 48.88 -4.18
CA GLY E 268 -9.17 48.29 -3.56
C GLY E 268 -8.16 47.71 -4.53
N ASP E 269 -8.06 48.27 -5.73
CA ASP E 269 -7.00 47.84 -6.62
C ASP E 269 -5.70 48.47 -6.15
N ARG E 270 -4.61 47.87 -6.57
CA ARG E 270 -3.31 48.28 -6.12
C ARG E 270 -2.97 49.57 -6.84
N LEU E 271 -3.27 49.64 -8.13
CA LEU E 271 -2.96 50.82 -8.98
C LEU E 271 -4.17 51.74 -9.17
N GLY E 272 -5.36 51.13 -9.25
CA GLY E 272 -6.61 51.88 -9.45
C GLY E 272 -7.08 52.65 -8.23
N CYS E 273 -7.94 53.63 -8.47
CA CYS E 273 -8.55 54.44 -7.41
C CYS E 273 -10.04 54.73 -7.71
N PHE E 274 -10.76 53.68 -8.11
CA PHE E 274 -12.20 53.71 -8.29
C PHE E 274 -12.81 52.83 -7.23
N ASN E 275 -14.12 52.95 -7.03
CA ASN E 275 -14.80 52.25 -5.92
C ASN E 275 -15.92 51.35 -6.42
N LEU E 276 -15.61 50.54 -7.44
CA LEU E 276 -16.58 49.63 -8.02
C LEU E 276 -16.50 48.25 -7.40
N THR E 277 -17.67 47.61 -7.34
CA THR E 277 -17.79 46.23 -6.90
C THR E 277 -17.92 45.37 -8.12
N ILE E 278 -17.63 44.09 -7.93
CA ILE E 278 -17.79 43.10 -8.99
C ILE E 278 -19.20 43.26 -9.56
N LYS E 279 -20.17 43.43 -8.68
CA LYS E 279 -21.54 43.55 -9.13
C LYS E 279 -21.69 44.69 -10.10
N GLY E 280 -21.24 45.88 -9.69
CA GLY E 280 -21.37 47.04 -10.55
C GLY E 280 -20.62 46.87 -11.84
N HIS E 281 -19.35 46.46 -11.72
CA HIS E 281 -18.49 46.21 -12.86
C HIS E 281 -19.19 45.29 -13.85
N ALA E 282 -19.75 44.18 -13.37
CA ALA E 282 -20.42 43.21 -14.24
C ALA E 282 -21.72 43.74 -14.88
N LYS E 283 -22.45 44.57 -14.16
CA LYS E 283 -23.68 45.19 -14.69
C LYS E 283 -23.44 45.78 -16.08
N CYS E 284 -22.21 46.23 -16.34
CA CYS E 284 -21.84 46.73 -17.64
C CYS E 284 -21.78 45.62 -18.67
N VAL E 285 -21.12 44.52 -18.33
CA VAL E 285 -21.05 43.35 -19.22
C VAL E 285 -22.46 42.84 -19.54
N GLU E 286 -23.32 42.81 -18.53
CA GLU E 286 -24.68 42.32 -18.69
C GLU E 286 -25.47 43.23 -19.62
N PHE E 287 -25.28 44.53 -19.46
CA PHE E 287 -25.97 45.54 -20.27
C PHE E 287 -25.57 45.43 -21.74
N VAL E 288 -24.27 45.26 -21.97
CA VAL E 288 -23.73 45.07 -23.31
C VAL E 288 -24.32 43.79 -23.90
N LYS E 289 -24.10 42.68 -23.22
CA LYS E 289 -24.63 41.38 -23.66
C LYS E 289 -26.09 41.49 -24.10
N SER E 290 -26.88 42.29 -23.37
CA SER E 290 -28.32 42.48 -23.65
C SER E 290 -28.62 42.95 -25.08
N PHE E 291 -27.71 43.75 -25.64
CA PHE E 291 -27.78 44.16 -27.04
C PHE E 291 -27.45 43.06 -28.04
N ASN E 292 -27.41 41.82 -27.57
CA ASN E 292 -27.42 40.67 -28.46
C ASN E 292 -26.62 40.85 -29.74
N LEU E 293 -25.37 41.25 -29.60
CA LEU E 293 -24.49 41.31 -30.75
C LEU E 293 -23.36 40.33 -30.51
N PRO E 294 -22.75 39.82 -31.60
CA PRO E 294 -21.53 39.05 -31.43
C PRO E 294 -20.59 39.81 -30.53
N MET E 295 -20.14 39.18 -29.46
CA MET E 295 -19.43 39.87 -28.39
C MET E 295 -18.12 39.18 -28.08
N LEU E 296 -17.09 39.98 -27.82
CA LEU E 296 -15.78 39.44 -27.56
C LEU E 296 -15.19 40.04 -26.30
N MET E 297 -15.36 39.32 -25.20
CA MET E 297 -14.89 39.78 -23.90
C MET E 297 -13.40 39.51 -23.72
N LEU E 298 -12.67 40.57 -23.40
CA LEU E 298 -11.27 40.46 -23.08
C LEU E 298 -11.02 40.99 -21.69
N GLY E 299 -9.91 40.67 -21.12
CA GLY E 299 -9.59 41.23 -19.85
C GLY E 299 -8.77 42.44 -20.07
N GLY E 300 -7.65 42.59 -19.36
CA GLY E 300 -6.98 43.87 -19.28
C GLY E 300 -6.29 44.04 -17.93
N GLY E 301 -6.21 45.28 -17.47
CA GLY E 301 -5.68 45.57 -16.14
C GLY E 301 -6.43 44.93 -14.98
N GLY E 302 -5.84 45.07 -13.80
CA GLY E 302 -6.31 44.45 -12.55
C GLY E 302 -5.09 44.05 -11.75
N TYR E 303 -4.94 44.59 -10.54
CA TYR E 303 -3.70 44.38 -9.77
C TYR E 303 -3.82 43.98 -8.29
N THR E 304 -5.06 43.79 -7.82
CA THR E 304 -5.36 43.05 -6.59
C THR E 304 -5.93 41.70 -7.00
N ILE E 305 -5.03 40.77 -7.37
CA ILE E 305 -5.41 39.59 -8.18
C ILE E 305 -6.54 38.72 -7.59
N ARG E 306 -6.64 38.68 -6.27
CA ARG E 306 -7.72 37.99 -5.61
C ARG E 306 -9.07 38.45 -6.17
N ASN E 307 -9.20 39.76 -6.36
CA ASN E 307 -10.43 40.35 -6.91
C ASN E 307 -10.52 40.26 -8.43
N VAL E 308 -9.38 40.35 -9.10
CA VAL E 308 -9.34 40.11 -10.54
C VAL E 308 -9.94 38.74 -10.83
N ALA E 309 -9.47 37.75 -10.09
CA ALA E 309 -9.99 36.37 -10.16
C ALA E 309 -11.49 36.36 -9.98
N ARG E 310 -11.94 36.90 -8.86
CA ARG E 310 -13.37 37.00 -8.54
C ARG E 310 -14.14 37.61 -9.71
N CYS E 311 -13.72 38.79 -10.13
CA CYS E 311 -14.43 39.56 -11.16
C CYS E 311 -14.71 38.77 -12.43
N TRP E 312 -13.65 38.35 -13.08
CA TRP E 312 -13.76 37.68 -14.37
C TRP E 312 -14.42 36.32 -14.25
N THR E 313 -14.30 35.69 -13.08
CA THR E 313 -15.07 34.48 -12.83
C THR E 313 -16.56 34.86 -12.85
N TYR E 314 -16.93 35.88 -12.10
CA TYR E 314 -18.32 36.32 -12.07
C TYR E 314 -18.77 36.72 -13.46
N GLU E 315 -18.01 37.59 -14.10
CA GLU E 315 -18.40 38.07 -15.42
C GLU E 315 -18.49 36.96 -16.48
N THR E 316 -17.81 35.85 -16.25
CA THR E 316 -17.98 34.72 -17.13
C THR E 316 -19.36 34.14 -16.89
N ALA E 317 -19.75 33.93 -15.64
CA ALA E 317 -21.12 33.51 -15.34
C ALA E 317 -22.14 34.38 -16.07
N VAL E 318 -21.92 35.68 -16.10
CA VAL E 318 -22.84 36.61 -16.72
C VAL E 318 -23.03 36.31 -18.19
N ALA E 319 -21.95 35.91 -18.86
CA ALA E 319 -22.03 35.56 -20.28
C ALA E 319 -22.81 34.27 -20.48
N LEU E 320 -22.81 33.40 -19.46
CA LEU E 320 -23.63 32.18 -19.44
C LEU E 320 -24.97 32.39 -18.72
N ASP E 321 -25.24 33.61 -18.30
CA ASP E 321 -26.44 33.90 -17.54
C ASP E 321 -26.81 32.72 -16.65
N THR E 322 -25.83 32.24 -15.86
CA THR E 322 -26.07 31.29 -14.78
C THR E 322 -25.72 31.90 -13.45
N GLU E 323 -26.39 31.46 -12.40
CA GLU E 323 -26.17 32.00 -11.06
C GLU E 323 -24.99 31.26 -10.43
N ILE E 324 -24.18 31.95 -9.63
CA ILE E 324 -23.20 31.26 -8.79
C ILE E 324 -23.26 31.80 -7.37
N PRO E 325 -23.01 30.92 -6.39
CA PRO E 325 -23.04 31.34 -4.99
C PRO E 325 -21.86 32.22 -4.60
N ASN E 326 -22.06 33.00 -3.54
CA ASN E 326 -21.03 33.86 -3.03
C ASN E 326 -19.95 33.00 -2.38
N GLU E 327 -20.34 31.83 -1.90
CA GLU E 327 -19.40 30.82 -1.41
C GLU E 327 -18.41 30.44 -2.51
N LEU E 328 -17.14 30.78 -2.34
CA LEU E 328 -16.13 30.35 -3.28
C LEU E 328 -15.90 28.85 -3.17
N PRO E 329 -15.82 28.15 -4.32
CA PRO E 329 -15.56 26.73 -4.25
C PRO E 329 -14.11 26.47 -3.93
N TYR E 330 -13.84 25.34 -3.27
CA TYR E 330 -12.47 24.96 -3.00
C TYR E 330 -11.69 24.94 -4.30
N ASN E 331 -10.41 25.27 -4.20
CA ASN E 331 -9.53 25.19 -5.35
C ASN E 331 -8.10 25.27 -4.89
N ASP E 332 -7.18 25.02 -5.81
CA ASP E 332 -5.78 25.04 -5.48
C ASP E 332 -5.35 26.33 -4.79
N TYR E 333 -5.99 27.45 -5.12
CA TYR E 333 -5.60 28.74 -4.56
C TYR E 333 -6.63 29.29 -3.60
N PHE E 334 -7.51 28.41 -3.11
CA PHE E 334 -8.58 28.79 -2.18
C PHE E 334 -8.10 29.64 -1.03
N GLU E 335 -6.91 29.35 -0.55
CA GLU E 335 -6.39 30.00 0.64
C GLU E 335 -6.02 31.44 0.34
N TYR E 336 -5.87 31.78 -0.94
CA TYR E 336 -5.62 33.17 -1.32
C TYR E 336 -6.72 34.11 -0.89
N PHE E 337 -7.95 33.64 -0.80
CA PHE E 337 -9.11 34.53 -0.62
C PHE E 337 -9.52 34.86 0.81
N GLY E 338 -8.63 35.59 1.49
CA GLY E 338 -8.94 36.18 2.78
C GLY E 338 -9.48 35.21 3.81
N PRO E 339 -9.95 35.73 4.95
CA PRO E 339 -10.66 34.93 5.95
C PRO E 339 -12.09 34.55 5.52
N ASP E 340 -12.63 35.35 4.61
CA ASP E 340 -14.04 35.25 4.14
C ASP E 340 -14.35 34.16 3.10
N PHE E 341 -13.46 33.98 2.13
CA PHE E 341 -13.66 33.05 1.02
C PHE E 341 -14.99 33.26 0.32
N LYS E 342 -15.28 34.53 0.05
CA LYS E 342 -16.45 34.89 -0.71
C LYS E 342 -16.10 35.47 -2.06
N LEU E 343 -17.07 35.42 -2.96
CA LEU E 343 -16.90 35.90 -4.34
C LEU E 343 -16.95 37.40 -4.46
N HIS E 344 -17.87 38.02 -3.75
CA HIS E 344 -18.14 39.44 -3.91
C HIS E 344 -17.27 40.30 -3.06
N ILE E 345 -17.09 41.54 -3.49
CA ILE E 345 -16.49 42.60 -2.67
C ILE E 345 -17.52 43.72 -2.52
N SER E 346 -17.41 44.46 -1.41
CA SER E 346 -18.26 45.61 -1.12
C SER E 346 -17.43 46.88 -1.32
N PRO E 347 -18.08 48.04 -1.48
CA PRO E 347 -17.31 49.27 -1.72
C PRO E 347 -16.70 49.84 -0.45
N SER E 348 -15.65 50.66 -0.57
CA SER E 348 -15.00 51.26 0.62
C SER E 348 -15.63 52.60 1.04
N ASN E 349 -15.24 53.11 2.22
CA ASN E 349 -15.74 54.42 2.71
C ASN E 349 -15.21 55.57 1.84
N MET E 350 -14.32 55.25 0.93
CA MET E 350 -13.72 56.21 0.04
C MET E 350 -14.69 57.13 -0.62
N THR E 351 -14.29 58.39 -0.73
CA THR E 351 -15.17 59.50 -1.10
C THR E 351 -15.27 59.70 -2.62
N ASN E 352 -16.49 59.70 -3.14
CA ASN E 352 -16.72 59.83 -4.57
C ASN E 352 -16.64 61.28 -5.03
N GLN E 353 -15.51 61.67 -5.63
CA GLN E 353 -15.32 63.06 -6.08
C GLN E 353 -15.90 63.33 -7.48
N ASN E 354 -16.88 62.54 -7.89
CA ASN E 354 -17.59 62.75 -9.12
C ASN E 354 -19.01 63.25 -8.86
N THR E 355 -19.11 64.54 -8.54
CA THR E 355 -20.39 65.14 -8.21
C THR E 355 -21.33 65.03 -9.38
N ASN E 356 -22.62 64.94 -9.08
CA ASN E 356 -23.64 64.85 -10.13
C ASN E 356 -23.52 65.95 -11.18
N GLU E 357 -23.13 67.14 -10.74
CA GLU E 357 -22.97 68.29 -11.64
C GLU E 357 -21.87 67.99 -12.66
N TYR E 358 -20.75 67.45 -12.20
CA TYR E 358 -19.62 67.17 -13.07
C TYR E 358 -19.86 66.07 -14.10
N LEU E 359 -20.64 65.06 -13.73
CA LEU E 359 -20.96 63.94 -14.61
C LEU E 359 -21.96 64.32 -15.69
N GLU E 360 -22.96 65.13 -15.32
CA GLU E 360 -23.98 65.65 -16.26
C GLU E 360 -23.44 66.66 -17.25
N LYS E 361 -22.47 67.48 -16.85
CA LYS E 361 -21.79 68.35 -17.81
C LYS E 361 -21.20 67.49 -18.92
N ILE E 362 -20.37 66.51 -18.54
CA ILE E 362 -19.69 65.66 -19.51
C ILE E 362 -20.66 64.85 -20.35
N LYS E 363 -21.58 64.17 -19.68
CA LYS E 363 -22.62 63.41 -20.35
C LYS E 363 -23.21 64.23 -21.51
N GLN E 364 -23.71 65.41 -21.20
CA GLN E 364 -24.33 66.23 -22.23
C GLN E 364 -23.36 66.47 -23.39
N ARG E 365 -22.12 66.86 -23.09
CA ARG E 365 -21.14 67.12 -24.18
C ARG E 365 -21.01 65.92 -25.10
N LEU E 366 -21.09 64.71 -24.53
CA LEU E 366 -20.93 63.47 -25.31
C LEU E 366 -22.16 63.17 -26.15
N PHE E 367 -23.33 63.43 -25.57
CA PHE E 367 -24.61 63.28 -26.27
C PHE E 367 -24.67 64.16 -27.50
N GLU E 368 -24.07 65.35 -27.41
CA GLU E 368 -23.91 66.22 -28.56
C GLU E 368 -22.98 65.60 -29.59
N ASN E 369 -21.81 65.17 -29.15
CA ASN E 369 -20.87 64.52 -30.05
C ASN E 369 -21.53 63.37 -30.78
N LEU E 370 -22.21 62.51 -30.05
CA LEU E 370 -22.84 61.37 -30.70
C LEU E 370 -23.94 61.76 -31.67
N ARG E 371 -24.65 62.85 -31.41
CA ARG E 371 -25.71 63.29 -32.32
C ARG E 371 -25.18 63.66 -33.71
N MET E 372 -23.90 64.04 -33.79
CA MET E 372 -23.26 64.43 -35.07
C MET E 372 -23.18 63.30 -36.09
N LEU E 373 -23.31 62.05 -35.64
CA LEU E 373 -23.34 60.90 -36.54
C LEU E 373 -24.59 60.86 -37.39
N PRO E 374 -24.54 60.16 -38.52
CA PRO E 374 -25.73 60.04 -39.37
C PRO E 374 -26.78 59.10 -38.78
N HIS E 375 -28.06 59.42 -39.01
CA HIS E 375 -29.20 58.63 -38.51
C HIS E 375 -30.45 59.02 -39.31
N ALA E 376 -31.63 58.53 -38.92
CA ALA E 376 -32.88 58.90 -39.61
C ALA E 376 -34.02 59.15 -38.62
N ASP F 10 -11.78 -107.95 2.25
CA ASP F 10 -12.36 -109.09 3.03
C ASP F 10 -11.44 -110.31 3.03
N ALA F 11 -11.00 -110.72 1.84
CA ALA F 11 -10.12 -111.87 1.67
C ALA F 11 -8.76 -111.69 2.36
N VAL F 12 -8.21 -110.48 2.27
CA VAL F 12 -6.92 -110.16 2.90
C VAL F 12 -7.07 -110.06 4.41
N GLU F 13 -8.05 -109.26 4.85
CA GLU F 13 -8.23 -108.99 6.28
C GLU F 13 -8.60 -110.25 7.08
N GLU F 14 -9.38 -111.15 6.48
CA GLU F 14 -9.72 -112.43 7.12
C GLU F 14 -8.51 -113.36 7.27
N ARG F 15 -7.64 -113.39 6.27
CA ARG F 15 -6.37 -114.14 6.37
C ARG F 15 -5.46 -113.60 7.47
N VAL F 16 -5.39 -112.27 7.60
CA VAL F 16 -4.61 -111.61 8.64
C VAL F 16 -5.20 -111.89 10.03
N ILE F 17 -6.52 -111.84 10.14
CA ILE F 17 -7.23 -112.19 11.38
C ILE F 17 -7.05 -113.68 11.71
N ASN F 18 -7.17 -114.55 10.71
CA ASN F 18 -7.02 -116.00 10.89
C ASN F 18 -5.62 -116.37 11.40
N GLU F 19 -4.59 -115.76 10.81
CA GLU F 19 -3.20 -116.00 11.24
C GLU F 19 -2.98 -115.55 12.69
N GLU F 20 -3.49 -114.37 13.01
CA GLU F 20 -3.39 -113.81 14.37
C GLU F 20 -4.12 -114.66 15.43
N TYR F 21 -5.22 -115.30 15.05
CA TYR F 21 -5.91 -116.25 15.92
C TYR F 21 -5.05 -117.49 16.23
N LYS F 22 -4.32 -117.98 15.22
CA LYS F 22 -3.40 -119.10 15.40
C LYS F 22 -2.19 -118.75 16.27
N ILE F 23 -1.67 -117.53 16.11
CA ILE F 23 -0.56 -117.03 16.94
C ILE F 23 -1.02 -116.94 18.39
N TRP F 24 -2.20 -116.37 18.59
CA TRP F 24 -2.85 -116.31 19.90
C TRP F 24 -3.04 -117.69 20.52
N LYS F 25 -3.54 -118.63 19.72
CA LYS F 25 -3.83 -120.00 20.18
C LYS F 25 -2.59 -120.73 20.71
N LYS F 26 -1.44 -120.52 20.07
CA LYS F 26 -0.18 -121.10 20.52
C LYS F 26 0.34 -120.46 21.82
N ASN F 27 0.03 -119.16 22.01
CA ASN F 27 0.40 -118.43 23.22
C ASN F 27 -0.45 -118.71 24.46
N THR F 28 -1.60 -119.38 24.30
CA THR F 28 -2.58 -119.50 25.39
C THR F 28 -2.10 -120.14 26.72
N PRO F 29 -1.17 -121.12 26.66
CA PRO F 29 -0.64 -121.64 27.94
C PRO F 29 0.19 -120.64 28.74
N PHE F 30 0.81 -119.67 28.05
CA PHE F 30 1.61 -118.63 28.70
C PHE F 30 0.78 -117.40 29.10
N LEU F 31 -0.31 -117.14 28.37
CA LEU F 31 -1.20 -116.01 28.64
C LEU F 31 -2.41 -116.35 29.51
N TYR F 32 -2.84 -117.62 29.51
CA TYR F 32 -4.04 -118.05 30.24
C TYR F 32 -3.79 -119.24 31.15
N ASP F 33 -4.66 -119.37 32.15
CA ASP F 33 -4.79 -120.61 32.95
C ASP F 33 -5.98 -121.46 32.50
N LEU F 34 -6.93 -120.87 31.79
CA LEU F 34 -8.13 -121.58 31.33
C LEU F 34 -8.67 -120.96 30.05
N VAL F 35 -8.94 -121.78 29.05
CA VAL F 35 -9.60 -121.35 27.80
C VAL F 35 -10.55 -122.45 27.34
N MET F 36 -11.84 -122.14 27.22
CA MET F 36 -12.83 -123.07 26.69
C MET F 36 -13.58 -122.43 25.52
N THR F 37 -13.23 -122.83 24.30
CA THR F 37 -13.91 -122.36 23.10
C THR F 37 -15.06 -123.31 22.75
N HIS F 38 -16.16 -122.74 22.24
CA HIS F 38 -17.34 -123.51 21.84
C HIS F 38 -18.16 -122.74 20.81
N ALA F 39 -18.29 -123.28 19.60
CA ALA F 39 -19.08 -122.67 18.55
C ALA F 39 -20.57 -122.90 18.79
N LEU F 40 -21.35 -121.81 18.82
CA LEU F 40 -22.80 -121.89 18.91
C LEU F 40 -23.39 -122.08 17.51
N GLU F 41 -24.64 -122.56 17.46
CA GLU F 41 -25.36 -122.70 16.19
C GLU F 41 -25.66 -121.33 15.58
N TRP F 42 -26.07 -120.39 16.43
CA TRP F 42 -26.30 -119.00 16.04
C TRP F 42 -25.54 -118.07 16.98
N PRO F 43 -25.13 -116.88 16.49
CA PRO F 43 -24.40 -115.94 17.35
C PRO F 43 -25.31 -115.33 18.42
N SER F 44 -24.71 -114.94 19.55
CA SER F 44 -25.44 -114.39 20.68
C SER F 44 -24.99 -112.97 20.99
N LEU F 45 -25.96 -112.08 21.18
CA LEU F 45 -25.72 -110.68 21.56
C LEU F 45 -25.77 -110.47 23.07
N THR F 46 -25.97 -111.55 23.84
CA THR F 46 -26.12 -111.48 25.30
C THR F 46 -25.34 -112.60 25.99
N ALA F 47 -24.92 -112.33 27.22
CA ALA F 47 -24.20 -113.30 28.04
C ALA F 47 -24.22 -112.84 29.50
N GLN F 48 -24.54 -113.77 30.40
CA GLN F 48 -24.52 -113.49 31.84
C GLN F 48 -24.45 -114.78 32.65
N TRP F 49 -23.55 -114.81 33.63
CA TRP F 49 -23.44 -115.95 34.54
C TRP F 49 -24.57 -115.89 35.56
N LEU F 50 -25.30 -117.00 35.71
CA LEU F 50 -26.27 -117.14 36.80
C LEU F 50 -25.50 -117.33 38.11
N PRO F 51 -26.04 -116.81 39.23
CA PRO F 51 -25.25 -116.71 40.46
C PRO F 51 -24.97 -118.05 41.15
N ASP F 52 -25.89 -119.00 41.05
CA ASP F 52 -25.77 -120.31 41.72
C ASP F 52 -24.71 -121.22 41.07
N VAL F 53 -24.10 -122.06 41.89
CA VAL F 53 -23.14 -123.08 41.45
C VAL F 53 -23.44 -124.42 42.15
N THR F 54 -23.39 -125.50 41.39
CA THR F 54 -23.61 -126.86 41.90
C THR F 54 -22.33 -127.66 41.72
N ARG F 55 -21.64 -127.93 42.83
CA ARG F 55 -20.36 -128.64 42.82
C ARG F 55 -20.61 -130.11 43.16
N PRO F 56 -20.55 -131.01 42.14
CA PRO F 56 -20.96 -132.41 42.34
C PRO F 56 -20.01 -133.21 43.24
N GLU F 57 -20.51 -134.35 43.71
CA GLU F 57 -19.82 -135.17 44.72
C GLU F 57 -18.66 -135.96 44.12
N GLY F 58 -17.45 -135.73 44.62
CA GLY F 58 -16.27 -136.51 44.25
C GLY F 58 -15.76 -136.26 42.83
N LYS F 59 -15.88 -135.02 42.36
CA LYS F 59 -15.39 -134.63 41.03
C LYS F 59 -14.28 -133.60 41.17
N ASP F 60 -13.64 -133.27 40.05
CA ASP F 60 -12.61 -132.23 39.98
C ASP F 60 -13.07 -130.99 39.20
N PHE F 61 -14.39 -130.77 39.14
CA PHE F 61 -14.98 -129.62 38.46
C PHE F 61 -16.29 -129.17 39.12
N SER F 62 -16.83 -128.05 38.67
CA SER F 62 -18.09 -127.48 39.18
C SER F 62 -18.93 -126.96 38.03
N ILE F 63 -20.24 -127.22 38.06
CA ILE F 63 -21.15 -126.80 36.99
C ILE F 63 -21.64 -125.36 37.26
N HIS F 64 -21.26 -124.44 36.38
CA HIS F 64 -21.78 -123.07 36.35
C HIS F 64 -22.69 -122.91 35.14
N ARG F 65 -23.65 -122.00 35.23
CA ARG F 65 -24.68 -121.83 34.17
C ARG F 65 -24.74 -120.40 33.63
N LEU F 66 -25.05 -120.29 32.33
CA LEU F 66 -25.07 -119.02 31.59
C LEU F 66 -26.48 -118.63 31.18
N VAL F 67 -26.61 -117.43 30.63
CA VAL F 67 -27.84 -116.98 29.97
C VAL F 67 -27.46 -116.38 28.60
N LEU F 68 -27.56 -117.20 27.56
CA LEU F 68 -27.24 -116.82 26.19
C LEU F 68 -28.55 -116.64 25.40
N GLY F 69 -28.43 -116.30 24.10
CA GLY F 69 -29.60 -116.21 23.24
C GLY F 69 -29.25 -115.86 21.81
N THR F 70 -29.96 -116.47 20.86
CA THR F 70 -29.69 -116.31 19.42
C THR F 70 -30.14 -114.94 18.92
N HIS F 71 -29.80 -114.59 17.68
CA HIS F 71 -30.39 -113.38 17.05
C HIS F 71 -30.64 -113.51 15.54
N THR F 72 -30.85 -114.74 15.06
CA THR F 72 -31.11 -114.97 13.64
C THR F 72 -32.46 -114.37 13.20
N SER F 73 -32.46 -113.72 12.05
CA SER F 73 -33.65 -113.07 11.48
C SER F 73 -34.20 -113.89 10.29
N ASP F 74 -34.34 -115.20 10.52
CA ASP F 74 -34.80 -116.15 9.49
C ASP F 74 -35.43 -117.36 10.16
N GLU F 75 -34.62 -118.09 10.94
CA GLU F 75 -35.08 -119.25 11.69
C GLU F 75 -35.67 -118.82 13.05
N GLN F 76 -36.22 -119.78 13.78
CA GLN F 76 -36.80 -119.53 15.10
C GLN F 76 -35.71 -119.24 16.12
N ASN F 77 -35.85 -118.11 16.83
CA ASN F 77 -34.90 -117.72 17.88
C ASN F 77 -35.18 -118.44 19.19
N HIS F 78 -34.17 -118.47 20.07
CA HIS F 78 -34.27 -119.16 21.36
C HIS F 78 -33.59 -118.39 22.48
N LEU F 79 -34.17 -118.47 23.68
CA LEU F 79 -33.51 -118.04 24.92
C LEU F 79 -32.82 -119.27 25.50
N VAL F 80 -31.49 -119.23 25.55
CA VAL F 80 -30.68 -120.41 25.90
C VAL F 80 -30.06 -120.27 27.29
N ILE F 81 -30.14 -121.35 28.08
CA ILE F 81 -29.36 -121.50 29.31
C ILE F 81 -28.40 -122.67 29.05
N ALA F 82 -27.10 -122.38 29.08
CA ALA F 82 -26.05 -123.38 28.84
C ALA F 82 -25.20 -123.56 30.10
N SER F 83 -24.84 -124.81 30.39
CA SER F 83 -24.02 -125.14 31.55
C SER F 83 -22.58 -125.42 31.13
N VAL F 84 -21.63 -124.77 31.80
CA VAL F 84 -20.19 -125.02 31.61
C VAL F 84 -19.63 -125.64 32.89
N GLN F 85 -18.57 -126.45 32.77
CA GLN F 85 -17.95 -127.08 33.95
C GLN F 85 -16.50 -126.63 34.15
N LEU F 86 -16.30 -125.73 35.11
CA LEU F 86 -14.99 -125.17 35.43
C LEU F 86 -14.24 -126.11 36.38
N PRO F 87 -12.92 -126.32 36.17
CA PRO F 87 -12.14 -127.13 37.11
C PRO F 87 -11.97 -126.52 38.51
N ASN F 88 -11.41 -127.31 39.42
CA ASN F 88 -11.12 -126.90 40.79
C ASN F 88 -9.65 -126.53 40.97
N ASP F 89 -9.31 -125.31 40.53
CA ASP F 89 -7.95 -124.73 40.58
C ASP F 89 -6.81 -125.73 40.35
N GLY F 103 4.89 -133.29 35.11
CA GLY F 103 5.54 -132.15 34.48
C GLY F 103 5.76 -132.39 33.00
N GLU F 104 4.85 -131.90 32.17
CA GLU F 104 4.86 -132.13 30.71
C GLU F 104 4.67 -130.89 29.81
N PHE F 105 4.49 -129.70 30.39
CA PHE F 105 4.22 -128.44 29.68
C PHE F 105 2.90 -128.40 28.88
N GLY F 106 2.43 -127.19 28.59
CA GLY F 106 1.15 -126.98 27.91
C GLY F 106 -0.03 -127.39 28.77
N GLY F 107 -1.09 -127.84 28.12
CA GLY F 107 -2.24 -128.42 28.81
C GLY F 107 -3.56 -128.37 28.05
N PHE F 108 -3.56 -128.91 26.84
CA PHE F 108 -4.76 -128.94 25.98
C PHE F 108 -5.54 -130.24 26.21
N GLY F 109 -6.76 -130.30 25.66
CA GLY F 109 -7.62 -131.48 25.80
C GLY F 109 -9.04 -131.23 25.34
N SER F 110 -9.20 -131.03 24.02
CA SER F 110 -10.46 -130.65 23.35
C SER F 110 -11.77 -130.82 24.13
N VAL F 111 -12.45 -129.70 24.40
CA VAL F 111 -13.69 -129.61 25.20
C VAL F 111 -14.50 -130.92 25.41
N SER F 112 -15.37 -131.28 24.46
CA SER F 112 -16.15 -132.53 24.50
C SER F 112 -17.06 -132.67 25.72
N GLY F 113 -18.29 -132.17 25.60
CA GLY F 113 -19.31 -132.31 26.65
C GLY F 113 -19.09 -131.48 27.91
N LYS F 114 -18.31 -130.40 27.81
CA LYS F 114 -18.08 -129.48 28.92
C LYS F 114 -19.08 -128.34 28.85
N ILE F 115 -19.15 -127.68 27.70
CA ILE F 115 -20.16 -126.66 27.41
C ILE F 115 -21.32 -127.36 26.69
N GLU F 116 -22.48 -127.40 27.35
CA GLU F 116 -23.68 -128.02 26.78
C GLU F 116 -24.94 -127.22 27.13
N ILE F 117 -25.91 -127.26 26.22
CA ILE F 117 -27.18 -126.54 26.39
C ILE F 117 -28.08 -127.36 27.31
N GLU F 118 -28.62 -126.71 28.34
CA GLU F 118 -29.59 -127.33 29.25
C GLU F 118 -31.02 -127.02 28.83
N ILE F 119 -31.31 -125.74 28.56
CA ILE F 119 -32.66 -125.28 28.22
C ILE F 119 -32.64 -124.43 26.95
N LYS F 120 -33.68 -124.61 26.13
CA LYS F 120 -33.99 -123.71 25.00
C LYS F 120 -35.47 -123.33 25.09
N ILE F 121 -35.75 -122.03 25.07
CA ILE F 121 -37.12 -121.52 25.11
C ILE F 121 -37.35 -120.70 23.83
N ASN F 122 -38.43 -120.99 23.12
CA ASN F 122 -38.76 -120.30 21.86
C ASN F 122 -39.10 -118.83 22.11
N HIS F 123 -38.33 -117.94 21.48
CA HIS F 123 -38.47 -116.49 21.68
C HIS F 123 -39.10 -115.82 20.45
N GLU F 124 -39.98 -114.86 20.69
CA GLU F 124 -40.62 -114.07 19.62
C GLU F 124 -39.61 -113.05 19.10
N GLY F 125 -39.03 -113.33 17.93
CA GLY F 125 -37.99 -112.48 17.34
C GLY F 125 -36.66 -112.64 18.04
N GLU F 126 -35.67 -111.86 17.60
CA GLU F 126 -34.30 -111.94 18.13
C GLU F 126 -34.15 -111.37 19.55
N VAL F 127 -33.19 -111.90 20.30
CA VAL F 127 -32.90 -111.44 21.67
C VAL F 127 -31.61 -110.61 21.64
N ASN F 128 -31.76 -109.30 21.84
CA ASN F 128 -30.63 -108.36 21.88
C ASN F 128 -29.91 -108.40 23.21
N ARG F 129 -30.68 -108.43 24.30
CA ARG F 129 -30.12 -108.62 25.65
C ARG F 129 -31.10 -109.40 26.54
N ALA F 130 -30.55 -110.13 27.51
CA ALA F 130 -31.34 -110.91 28.46
C ALA F 130 -30.64 -110.95 29.81
N ARG F 131 -31.37 -110.62 30.88
CA ARG F 131 -30.80 -110.51 32.23
C ARG F 131 -31.69 -111.19 33.27
N TYR F 132 -31.07 -111.86 34.24
CA TYR F 132 -31.81 -112.56 35.31
C TYR F 132 -32.15 -111.59 36.45
N MET F 133 -33.27 -111.86 37.13
CA MET F 133 -33.69 -111.06 38.29
C MET F 133 -32.87 -111.49 39.52
N PRO F 134 -32.13 -110.55 40.15
CA PRO F 134 -31.31 -110.89 41.34
C PRO F 134 -32.04 -111.63 42.46
N GLN F 135 -33.30 -111.27 42.70
CA GLN F 135 -34.11 -111.87 43.77
C GLN F 135 -34.63 -113.26 43.41
N ASN F 136 -34.89 -113.50 42.12
CA ASN F 136 -35.36 -114.80 41.61
C ASN F 136 -34.66 -115.12 40.28
N PRO F 137 -33.45 -115.72 40.34
CA PRO F 137 -32.66 -116.11 39.15
C PRO F 137 -33.37 -116.96 38.08
N CYS F 138 -34.44 -117.67 38.46
CA CYS F 138 -35.25 -118.42 37.49
C CYS F 138 -36.00 -117.53 36.49
N ILE F 139 -36.40 -116.33 36.93
CA ILE F 139 -37.09 -115.37 36.06
C ILE F 139 -36.07 -114.54 35.27
N ILE F 140 -36.21 -114.54 33.94
CA ILE F 140 -35.30 -113.83 33.02
C ILE F 140 -36.09 -112.83 32.17
N ALA F 141 -35.69 -111.56 32.23
CA ALA F 141 -36.21 -110.54 31.28
C ALA F 141 -35.41 -110.63 29.98
N THR F 142 -36.03 -110.19 28.88
CA THR F 142 -35.41 -110.24 27.56
C THR F 142 -35.84 -109.07 26.69
N LYS F 143 -34.88 -108.24 26.27
CA LYS F 143 -35.14 -107.15 25.33
C LYS F 143 -35.18 -107.67 23.89
N THR F 144 -36.11 -107.13 23.12
CA THR F 144 -36.33 -107.49 21.70
C THR F 144 -36.03 -106.21 20.88
N PRO F 145 -35.90 -106.32 19.54
CA PRO F 145 -35.78 -105.09 18.73
C PRO F 145 -36.94 -104.08 18.84
N SER F 146 -38.13 -104.55 19.22
CA SER F 146 -39.25 -103.67 19.56
C SER F 146 -39.01 -102.97 20.91
N SER F 147 -39.81 -101.95 21.20
CA SER F 147 -39.67 -101.15 22.43
C SER F 147 -40.01 -101.92 23.72
N ASP F 148 -40.91 -102.88 23.63
CA ASP F 148 -41.35 -103.68 24.79
C ASP F 148 -40.34 -104.76 25.20
N VAL F 149 -40.55 -105.33 26.39
CA VAL F 149 -39.68 -106.35 26.99
C VAL F 149 -40.51 -107.60 27.32
N LEU F 150 -39.92 -108.78 27.08
CA LEU F 150 -40.55 -110.07 27.38
C LEU F 150 -39.87 -110.71 28.59
N VAL F 151 -40.66 -111.23 29.52
CA VAL F 151 -40.17 -111.88 30.72
C VAL F 151 -40.54 -113.36 30.69
N PHE F 152 -39.56 -114.22 30.91
CA PHE F 152 -39.75 -115.68 30.92
C PHE F 152 -39.30 -116.28 32.25
N ASP F 153 -39.78 -117.49 32.50
CA ASP F 153 -39.37 -118.28 33.67
C ASP F 153 -39.05 -119.69 33.16
N TYR F 154 -37.76 -120.03 33.13
CA TYR F 154 -37.32 -121.31 32.51
C TYR F 154 -37.76 -122.58 33.26
N THR F 155 -38.14 -122.45 34.54
CA THR F 155 -38.74 -123.56 35.29
C THR F 155 -40.13 -123.96 34.76
N LYS F 156 -40.88 -122.99 34.23
CA LYS F 156 -42.22 -123.24 33.68
C LYS F 156 -42.18 -123.97 32.34
N HIS F 157 -41.33 -123.49 31.43
CA HIS F 157 -41.23 -124.06 30.07
C HIS F 157 -40.45 -125.38 30.06
N PRO F 158 -40.70 -126.24 29.05
CA PRO F 158 -39.91 -127.48 28.93
C PRO F 158 -38.48 -127.22 28.48
N SER F 159 -37.60 -128.20 28.72
CA SER F 159 -36.18 -128.08 28.40
C SER F 159 -35.95 -128.08 26.89
N LYS F 160 -36.46 -129.12 26.22
CA LYS F 160 -36.43 -129.21 24.76
C LYS F 160 -37.70 -128.58 24.19
N PRO F 161 -37.56 -127.56 23.32
CA PRO F 161 -38.73 -127.03 22.61
C PRO F 161 -39.02 -127.87 21.36
N ASP F 162 -40.27 -127.87 20.93
CA ASP F 162 -40.69 -128.59 19.71
C ASP F 162 -40.26 -127.74 18.50
N PRO F 163 -40.39 -128.28 17.27
CA PRO F 163 -40.08 -127.44 16.09
C PRO F 163 -41.10 -126.34 15.77
N SER F 164 -41.99 -126.00 16.70
CA SER F 164 -42.99 -124.96 16.50
C SER F 164 -42.36 -123.56 16.43
N GLY F 165 -42.12 -122.94 17.58
CA GLY F 165 -41.81 -121.51 17.65
C GLY F 165 -43.08 -120.72 17.89
N GLU F 166 -43.78 -121.07 18.97
CA GLU F 166 -44.97 -120.36 19.43
C GLU F 166 -44.63 -119.79 20.80
N CYS F 167 -43.96 -118.63 20.77
CA CYS F 167 -43.39 -118.00 21.96
C CYS F 167 -44.44 -117.78 23.05
N ASN F 168 -44.10 -118.20 24.27
CA ASN F 168 -45.02 -118.21 25.41
C ASN F 168 -44.43 -117.43 26.58
N PRO F 169 -44.37 -116.08 26.46
CA PRO F 169 -43.80 -115.26 27.54
C PRO F 169 -44.74 -115.18 28.73
N ASP F 170 -44.18 -115.25 29.94
CA ASP F 170 -44.97 -115.19 31.18
C ASP F 170 -45.56 -113.80 31.40
N LEU F 171 -44.77 -112.75 31.10
CA LEU F 171 -45.24 -111.37 31.14
C LEU F 171 -44.62 -110.55 30.01
N ARG F 172 -45.47 -109.91 29.20
CA ARG F 172 -45.04 -108.90 28.24
C ARG F 172 -45.12 -107.54 28.93
N LEU F 173 -44.05 -106.76 28.83
CA LEU F 173 -43.94 -105.45 29.47
C LEU F 173 -43.91 -104.36 28.38
N ARG F 174 -45.07 -103.74 28.14
CA ARG F 174 -45.29 -102.86 26.98
C ARG F 174 -44.70 -101.46 27.22
N GLY F 175 -44.27 -100.81 26.14
CA GLY F 175 -43.69 -99.47 26.20
C GLY F 175 -43.89 -98.69 24.92
N GLY F 180 -31.52 -99.12 21.38
CA GLY F 180 -30.55 -99.42 22.43
C GLY F 180 -30.90 -100.68 23.20
N TYR F 181 -29.88 -101.32 23.77
CA TYR F 181 -30.05 -102.59 24.51
C TYR F 181 -30.05 -102.39 26.03
N GLY F 182 -30.72 -101.36 26.52
CA GLY F 182 -30.77 -101.09 27.95
C GLY F 182 -31.65 -102.08 28.68
N LEU F 183 -31.14 -102.66 29.76
CA LEU F 183 -31.92 -103.58 30.60
C LEU F 183 -31.27 -103.72 31.98
N SER F 184 -32.07 -103.56 33.03
CA SER F 184 -31.54 -103.62 34.41
C SER F 184 -32.66 -103.86 35.43
N TRP F 185 -32.56 -104.96 36.17
CA TRP F 185 -33.39 -105.20 37.35
C TRP F 185 -32.81 -104.43 38.52
N ASN F 186 -33.67 -103.91 39.40
CA ASN F 186 -33.24 -103.26 40.62
C ASN F 186 -32.86 -104.35 41.63
N PRO F 187 -31.60 -104.36 42.12
CA PRO F 187 -31.21 -105.40 43.10
C PRO F 187 -31.85 -105.26 44.48
N ASN F 188 -32.23 -104.04 44.88
CA ASN F 188 -32.78 -103.78 46.20
C ASN F 188 -34.30 -103.99 46.24
N LEU F 189 -35.01 -103.32 45.34
CA LEU F 189 -36.47 -103.44 45.23
C LEU F 189 -36.86 -104.47 44.17
N SER F 190 -37.44 -105.59 44.61
CA SER F 190 -37.79 -106.68 43.71
C SER F 190 -38.94 -106.29 42.77
N GLY F 191 -38.71 -106.46 41.47
CA GLY F 191 -39.75 -106.26 40.45
C GLY F 191 -39.57 -105.06 39.54
N HIS F 192 -38.81 -104.05 39.97
CA HIS F 192 -38.61 -102.85 39.16
C HIS F 192 -37.56 -103.10 38.05
N LEU F 193 -37.99 -102.86 36.80
CA LEU F 193 -37.16 -103.09 35.61
C LEU F 193 -37.05 -101.79 34.81
N LEU F 194 -35.82 -101.44 34.41
CA LEU F 194 -35.56 -100.31 33.51
C LEU F 194 -35.23 -100.80 32.11
N SER F 195 -35.32 -99.89 31.14
CA SER F 195 -35.05 -100.22 29.74
C SER F 195 -34.85 -98.99 28.87
N ALA F 196 -34.33 -99.23 27.66
CA ALA F 196 -34.30 -98.23 26.60
C ALA F 196 -35.61 -98.30 25.80
N SER F 197 -35.78 -97.37 24.87
CA SER F 197 -36.89 -97.37 23.93
C SER F 197 -36.54 -96.59 22.67
N ASP F 198 -37.25 -96.89 21.58
CA ASP F 198 -37.02 -96.23 20.28
C ASP F 198 -37.43 -94.74 20.24
N ASP F 199 -38.26 -94.29 21.19
CA ASP F 199 -38.69 -92.88 21.27
C ASP F 199 -37.83 -91.99 22.19
N HIS F 200 -36.56 -92.36 22.38
CA HIS F 200 -35.57 -91.57 23.13
C HIS F 200 -35.89 -91.43 24.64
N THR F 201 -36.60 -92.41 25.21
CA THR F 201 -37.01 -92.37 26.63
C THR F 201 -36.67 -93.64 27.38
N ILE F 202 -36.70 -93.55 28.71
CA ILE F 202 -36.39 -94.65 29.62
C ILE F 202 -37.69 -95.12 30.28
N CYS F 203 -38.10 -96.36 29.99
CA CYS F 203 -39.29 -96.96 30.62
C CYS F 203 -38.98 -97.50 32.01
N LEU F 204 -40.04 -97.71 32.80
CA LEU F 204 -39.94 -98.30 34.13
C LEU F 204 -41.19 -99.13 34.42
N TRP F 205 -41.03 -100.44 34.53
CA TRP F 205 -42.13 -101.35 34.89
C TRP F 205 -42.03 -101.80 36.33
N ASP F 206 -43.11 -102.43 36.80
CA ASP F 206 -43.16 -103.07 38.11
C ASP F 206 -44.03 -104.31 38.02
N ILE F 207 -43.49 -105.46 38.44
CA ILE F 207 -44.20 -106.74 38.41
C ILE F 207 -44.22 -107.39 39.80
N SER F 208 -44.24 -106.56 40.84
CA SER F 208 -44.28 -107.03 42.22
C SER F 208 -45.64 -107.63 42.57
N ALA F 209 -46.70 -106.95 42.14
CA ALA F 209 -48.07 -107.42 42.30
C ALA F 209 -48.83 -107.30 40.98
N VAL F 210 -48.42 -108.13 40.01
CA VAL F 210 -49.10 -108.21 38.71
C VAL F 210 -50.48 -108.89 38.89
N PRO F 211 -51.50 -108.47 38.10
CA PRO F 211 -52.79 -109.18 38.17
C PRO F 211 -52.72 -110.64 37.68
N LYS F 212 -53.63 -111.47 38.19
CA LYS F 212 -53.75 -112.86 37.77
C LYS F 212 -54.28 -112.93 36.34
N GLU F 213 -55.40 -112.23 36.11
CA GLU F 213 -55.96 -112.07 34.77
C GLU F 213 -55.35 -110.81 34.15
N GLY F 214 -54.11 -110.95 33.68
CA GLY F 214 -53.37 -109.83 33.10
C GLY F 214 -51.92 -110.16 32.83
N LYS F 215 -51.67 -110.82 31.69
CA LYS F 215 -50.31 -111.16 31.27
C LYS F 215 -49.51 -109.93 30.83
N VAL F 216 -50.18 -109.03 30.09
CA VAL F 216 -49.54 -107.81 29.60
C VAL F 216 -49.45 -106.78 30.73
N VAL F 217 -48.34 -106.04 30.78
CA VAL F 217 -48.09 -104.99 31.78
C VAL F 217 -47.64 -103.71 31.09
N ASP F 218 -48.10 -102.57 31.61
CA ASP F 218 -47.71 -101.24 31.10
C ASP F 218 -46.79 -100.53 32.08
N ALA F 219 -46.14 -99.46 31.59
CA ALA F 219 -45.07 -98.78 32.33
C ALA F 219 -45.59 -97.94 33.49
N LYS F 220 -44.86 -97.98 34.61
CA LYS F 220 -45.12 -97.12 35.76
C LYS F 220 -44.71 -95.68 35.46
N THR F 221 -43.49 -95.51 34.95
CA THR F 221 -42.91 -94.20 34.62
C THR F 221 -42.19 -94.24 33.27
N ILE F 222 -42.22 -93.11 32.56
CA ILE F 222 -41.42 -92.90 31.36
C ILE F 222 -40.60 -91.62 31.55
N PHE F 223 -39.28 -91.78 31.67
CA PHE F 223 -38.37 -90.66 31.89
C PHE F 223 -37.86 -90.15 30.54
N THR F 224 -38.15 -88.88 30.22
CA THR F 224 -37.83 -88.33 28.90
C THR F 224 -36.34 -87.99 28.77
N GLY F 225 -35.88 -86.92 29.43
CA GLY F 225 -34.47 -86.53 29.47
C GLY F 225 -33.72 -86.39 28.15
N HIS F 226 -33.24 -87.52 27.64
CA HIS F 226 -32.36 -87.56 26.47
C HIS F 226 -33.04 -87.06 25.19
N THR F 227 -32.22 -86.54 24.28
CA THR F 227 -32.69 -86.07 22.97
C THR F 227 -32.59 -87.19 21.94
N ALA F 228 -31.40 -87.80 21.86
CA ALA F 228 -31.13 -88.91 20.96
C ALA F 228 -31.46 -90.26 21.64
N VAL F 229 -31.28 -91.37 20.91
CA VAL F 229 -31.68 -92.69 21.40
C VAL F 229 -30.90 -93.14 22.65
N VAL F 230 -31.63 -93.54 23.70
CA VAL F 230 -31.03 -94.07 24.93
C VAL F 230 -30.47 -95.47 24.66
N GLU F 231 -29.19 -95.67 25.00
CA GLU F 231 -28.48 -96.91 24.66
C GLU F 231 -28.52 -97.91 25.80
N ASP F 232 -28.13 -97.47 26.99
CA ASP F 232 -28.04 -98.34 28.16
C ASP F 232 -28.53 -97.62 29.42
N VAL F 233 -29.13 -98.41 30.32
CA VAL F 233 -29.59 -97.93 31.63
C VAL F 233 -29.13 -98.92 32.69
N SER F 234 -28.96 -98.44 33.92
CA SER F 234 -28.47 -99.27 35.01
C SER F 234 -28.91 -98.72 36.36
N TRP F 235 -29.50 -99.58 37.19
CA TRP F 235 -29.82 -99.23 38.57
C TRP F 235 -28.55 -99.09 39.38
N HIS F 236 -28.58 -98.21 40.38
CA HIS F 236 -27.51 -98.12 41.36
C HIS F 236 -27.66 -99.28 42.34
N LEU F 237 -26.53 -99.80 42.82
CA LEU F 237 -26.50 -101.06 43.57
C LEU F 237 -26.94 -100.90 45.03
N LEU F 238 -26.34 -99.95 45.73
CA LEU F 238 -26.72 -99.63 47.13
C LEU F 238 -27.93 -98.69 47.31
N HIS F 239 -28.40 -98.05 46.24
CA HIS F 239 -29.39 -96.96 46.36
C HIS F 239 -30.69 -97.24 45.59
N GLU F 240 -31.56 -98.00 46.25
CA GLU F 240 -33.00 -98.15 45.92
C GLU F 240 -33.57 -97.30 44.78
N SER F 241 -33.54 -95.98 44.95
CA SER F 241 -34.28 -95.04 44.10
C SER F 241 -33.55 -94.55 42.86
N LEU F 242 -32.29 -94.15 43.00
CA LEU F 242 -31.54 -93.50 41.92
C LEU F 242 -30.91 -94.50 40.93
N PHE F 243 -30.91 -94.11 39.64
CA PHE F 243 -30.34 -94.92 38.55
C PHE F 243 -29.69 -94.03 37.49
N GLY F 244 -28.81 -94.63 36.68
CA GLY F 244 -28.10 -93.92 35.60
C GLY F 244 -28.60 -94.30 34.22
N SER F 245 -28.30 -93.44 33.24
CA SER F 245 -28.62 -93.71 31.83
C SER F 245 -27.59 -93.09 30.89
N VAL F 246 -27.63 -93.53 29.63
CA VAL F 246 -26.59 -93.24 28.65
C VAL F 246 -27.21 -93.26 27.24
N ALA F 247 -26.82 -92.30 26.39
CA ALA F 247 -27.47 -92.12 25.09
C ALA F 247 -26.54 -91.56 24.00
N ASP F 248 -27.05 -91.52 22.76
CA ASP F 248 -26.30 -91.01 21.60
C ASP F 248 -26.00 -89.52 21.60
N ASP F 249 -26.72 -88.74 22.43
CA ASP F 249 -26.48 -87.30 22.58
C ASP F 249 -25.33 -86.93 23.56
N GLN F 250 -24.39 -87.85 23.76
CA GLN F 250 -23.15 -87.61 24.54
C GLN F 250 -23.39 -87.39 26.04
N LYS F 251 -24.53 -87.84 26.56
CA LYS F 251 -24.96 -87.53 27.93
C LYS F 251 -24.91 -88.73 28.88
N LEU F 252 -24.49 -88.45 30.12
CA LEU F 252 -24.66 -89.35 31.26
C LEU F 252 -25.65 -88.68 32.20
N MET F 253 -26.88 -89.18 32.24
CA MET F 253 -27.94 -88.60 33.09
C MET F 253 -28.21 -89.51 34.28
N ILE F 254 -27.96 -88.99 35.49
CA ILE F 254 -28.30 -89.68 36.74
C ILE F 254 -29.73 -89.28 37.12
N TRP F 255 -30.56 -90.28 37.43
CA TRP F 255 -31.99 -90.09 37.67
C TRP F 255 -32.35 -90.36 39.13
N ASP F 256 -33.61 -90.06 39.47
CA ASP F 256 -34.17 -90.36 40.79
C ASP F 256 -35.68 -90.60 40.65
N THR F 257 -36.15 -91.77 41.07
CA THR F 257 -37.57 -92.15 40.96
C THR F 257 -38.49 -91.35 41.89
N ARG F 258 -37.96 -90.92 43.04
CA ARG F 258 -38.72 -90.11 44.00
C ARG F 258 -39.02 -88.69 43.50
N SER F 259 -38.15 -88.15 42.66
CA SER F 259 -38.35 -86.82 42.06
C SER F 259 -39.62 -86.78 41.21
N ASN F 260 -40.46 -85.78 41.44
CA ASN F 260 -41.77 -85.67 40.78
C ASN F 260 -41.66 -85.38 39.28
N ASN F 261 -40.71 -84.52 38.90
CA ASN F 261 -40.47 -84.20 37.50
C ASN F 261 -39.70 -85.33 36.79
N THR F 262 -40.42 -86.06 35.94
CA THR F 262 -39.84 -87.14 35.13
C THR F 262 -39.53 -86.59 33.73
N SER F 263 -38.57 -85.68 33.69
CA SER F 263 -38.16 -84.99 32.45
C SER F 263 -36.76 -84.41 32.60
N LYS F 264 -36.57 -83.56 33.62
CA LYS F 264 -35.25 -83.11 34.02
C LYS F 264 -34.66 -84.15 34.96
N PRO F 265 -33.45 -84.67 34.66
CA PRO F 265 -32.80 -85.63 35.57
C PRO F 265 -32.16 -84.94 36.77
N SER F 266 -31.71 -85.75 37.73
CA SER F 266 -31.03 -85.24 38.94
C SER F 266 -29.71 -84.57 38.59
N HIS F 267 -28.92 -85.21 37.72
CA HIS F 267 -27.68 -84.65 37.19
C HIS F 267 -27.58 -84.94 35.69
N SER F 268 -26.68 -84.22 35.01
CA SER F 268 -26.48 -84.36 33.57
C SER F 268 -25.06 -83.92 33.20
N VAL F 269 -24.36 -84.76 32.45
CA VAL F 269 -22.95 -84.55 32.13
C VAL F 269 -22.70 -84.74 30.64
N ASP F 270 -21.95 -83.82 30.03
CA ASP F 270 -21.39 -84.04 28.70
C ASP F 270 -20.25 -85.04 28.88
N ALA F 271 -20.56 -86.33 28.73
CA ALA F 271 -19.66 -87.40 29.12
C ALA F 271 -18.51 -87.61 28.13
N HIS F 272 -18.85 -87.73 26.85
CA HIS F 272 -17.89 -88.04 25.78
C HIS F 272 -18.08 -87.13 24.57
N THR F 273 -17.21 -87.30 23.58
CA THR F 273 -17.29 -86.57 22.30
C THR F 273 -18.06 -87.32 21.21
N ALA F 274 -18.67 -88.46 21.55
CA ALA F 274 -19.44 -89.28 20.60
C ALA F 274 -20.57 -90.02 21.32
N GLU F 275 -21.25 -90.91 20.59
CA GLU F 275 -22.39 -91.67 21.14
C GLU F 275 -21.92 -92.57 22.28
N VAL F 276 -22.48 -92.35 23.48
CA VAL F 276 -22.15 -93.16 24.65
C VAL F 276 -23.03 -94.42 24.60
N ASN F 277 -22.41 -95.59 24.74
CA ASN F 277 -23.09 -96.88 24.50
C ASN F 277 -23.40 -97.72 25.74
N CYS F 278 -22.70 -97.49 26.85
CA CYS F 278 -22.88 -98.32 28.05
C CYS F 278 -22.43 -97.64 29.34
N LEU F 279 -22.84 -98.20 30.47
CA LEU F 279 -22.42 -97.76 31.79
C LEU F 279 -22.48 -98.89 32.81
N SER F 280 -21.70 -98.76 33.89
CA SER F 280 -21.67 -99.75 34.96
C SER F 280 -21.11 -99.15 36.25
N PHE F 281 -21.81 -99.39 37.36
CA PHE F 281 -21.38 -98.92 38.68
C PHE F 281 -20.42 -99.91 39.34
N ASN F 282 -19.50 -99.38 40.14
CA ASN F 282 -18.56 -100.19 40.91
C ASN F 282 -19.31 -100.88 42.06
N PRO F 283 -19.15 -102.21 42.22
CA PRO F 283 -19.83 -102.91 43.32
C PRO F 283 -19.28 -102.65 44.72
N TYR F 284 -18.05 -102.15 44.84
CA TYR F 284 -17.42 -101.85 46.13
C TYR F 284 -17.44 -100.36 46.53
N SER F 285 -17.90 -99.48 45.64
CA SER F 285 -18.02 -98.05 45.93
C SER F 285 -19.33 -97.48 45.37
N GLU F 286 -20.13 -96.90 46.24
CA GLU F 286 -21.40 -96.26 45.85
C GLU F 286 -21.23 -95.03 44.95
N PHE F 287 -20.09 -94.35 45.05
CA PHE F 287 -19.87 -93.09 44.30
C PHE F 287 -19.31 -93.29 42.89
N ILE F 288 -18.50 -94.35 42.68
CA ILE F 288 -17.76 -94.53 41.44
C ILE F 288 -18.59 -95.28 40.39
N LEU F 289 -18.48 -94.85 39.14
CA LEU F 289 -19.10 -95.52 37.99
C LEU F 289 -18.24 -95.31 36.75
N ALA F 290 -18.46 -96.16 35.74
CA ALA F 290 -17.75 -96.05 34.47
C ALA F 290 -18.73 -96.00 33.30
N THR F 291 -18.35 -95.32 32.22
CA THR F 291 -19.15 -95.25 30.99
C THR F 291 -18.25 -95.49 29.76
N GLY F 292 -18.73 -96.30 28.83
CA GLY F 292 -18.03 -96.56 27.55
C GLY F 292 -18.73 -95.86 26.41
N SER F 293 -17.98 -95.50 25.38
CA SER F 293 -18.51 -94.66 24.29
C SER F 293 -17.85 -94.90 22.93
N ALA F 294 -18.50 -94.34 21.90
CA ALA F 294 -18.06 -94.47 20.51
C ALA F 294 -16.79 -93.69 20.15
N ASP F 295 -16.36 -92.78 21.03
CA ASP F 295 -15.07 -92.08 20.87
C ASP F 295 -13.85 -92.89 21.36
N LYS F 296 -13.99 -94.22 21.43
CA LYS F 296 -12.87 -95.14 21.71
C LYS F 296 -12.28 -94.97 23.12
N THR F 297 -13.11 -94.56 24.08
CA THR F 297 -12.66 -94.32 25.46
C THR F 297 -13.69 -94.74 26.50
N VAL F 298 -13.21 -95.28 27.62
CA VAL F 298 -14.03 -95.56 28.79
C VAL F 298 -13.73 -94.48 29.83
N ALA F 299 -14.75 -93.71 30.19
CA ALA F 299 -14.61 -92.62 31.17
C ALA F 299 -14.97 -93.11 32.57
N LEU F 300 -14.16 -92.72 33.55
CA LEU F 300 -14.40 -93.04 34.97
C LEU F 300 -14.95 -91.78 35.65
N TRP F 301 -16.04 -91.94 36.40
CA TRP F 301 -16.74 -90.81 37.05
C TRP F 301 -16.89 -91.01 38.56
N ASP F 302 -17.29 -89.92 39.22
CA ASP F 302 -17.63 -89.91 40.64
C ASP F 302 -18.93 -89.14 40.80
N LEU F 303 -19.90 -89.73 41.53
CA LEU F 303 -21.21 -89.09 41.73
C LEU F 303 -21.19 -87.89 42.69
N ARG F 304 -20.12 -87.77 43.48
CA ARG F 304 -19.93 -86.58 44.34
C ARG F 304 -19.47 -85.35 43.55
N ASN F 305 -18.85 -85.56 42.39
CA ASN F 305 -18.47 -84.47 41.48
C ASN F 305 -18.42 -84.94 40.02
N LEU F 306 -19.52 -84.74 39.31
CA LEU F 306 -19.67 -85.21 37.91
C LEU F 306 -19.15 -84.22 36.86
N LYS F 307 -18.69 -83.05 37.29
CA LYS F 307 -18.10 -82.06 36.36
C LYS F 307 -16.71 -82.54 35.96
N LEU F 308 -15.91 -82.93 36.97
CA LEU F 308 -14.58 -83.50 36.77
C LEU F 308 -14.69 -84.97 36.32
N LYS F 309 -14.08 -85.27 35.17
CA LYS F 309 -13.90 -86.65 34.72
C LYS F 309 -12.58 -87.16 35.34
N LEU F 310 -12.67 -88.25 36.09
CA LEU F 310 -11.51 -88.75 36.87
C LEU F 310 -10.42 -89.34 35.98
N HIS F 311 -10.81 -90.23 35.08
CA HIS F 311 -9.88 -90.87 34.15
C HIS F 311 -10.60 -91.28 32.86
N SER F 312 -9.86 -91.23 31.75
CA SER F 312 -10.34 -91.67 30.45
C SER F 312 -9.40 -92.76 29.92
N PHE F 313 -9.86 -94.01 29.93
CA PHE F 313 -9.04 -95.15 29.51
C PHE F 313 -8.92 -95.20 27.98
N GLU F 314 -7.70 -95.03 27.48
CA GLU F 314 -7.43 -95.02 26.04
C GLU F 314 -6.53 -96.20 25.65
N SER F 315 -6.86 -96.83 24.51
CA SER F 315 -6.10 -97.95 23.90
C SER F 315 -6.95 -98.73 22.90
N HIS F 316 -8.24 -98.93 23.23
CA HIS F 316 -9.21 -99.55 22.32
C HIS F 316 -9.14 -98.97 20.90
N LYS F 317 -9.16 -99.85 19.91
CA LYS F 317 -8.99 -99.46 18.51
C LYS F 317 -10.26 -98.81 17.94
N ASP F 318 -11.42 -99.25 18.43
CA ASP F 318 -12.72 -98.81 17.89
C ASP F 318 -13.75 -98.58 19.04
N GLU F 319 -15.04 -98.55 18.71
CA GLU F 319 -16.10 -98.18 19.66
C GLU F 319 -16.25 -99.18 20.81
N ILE F 320 -16.42 -98.67 22.03
CA ILE F 320 -16.72 -99.50 23.20
C ILE F 320 -18.25 -99.62 23.32
N PHE F 321 -18.76 -100.85 23.38
CA PHE F 321 -20.19 -101.14 23.52
C PHE F 321 -20.58 -101.81 24.85
N GLN F 322 -19.59 -102.23 25.64
CA GLN F 322 -19.86 -102.87 26.93
C GLN F 322 -18.69 -102.63 27.90
N VAL F 323 -19.03 -102.54 29.18
CA VAL F 323 -18.04 -102.32 30.25
C VAL F 323 -18.59 -102.93 31.55
N GLN F 324 -17.73 -103.67 32.26
CA GLN F 324 -18.13 -104.39 33.47
C GLN F 324 -17.04 -104.35 34.54
N TRP F 325 -17.44 -104.08 35.78
CA TRP F 325 -16.54 -104.17 36.94
C TRP F 325 -16.49 -105.61 37.42
N SER F 326 -15.34 -106.00 37.99
CA SER F 326 -15.16 -107.35 38.53
C SER F 326 -15.90 -107.51 39.86
N PRO F 327 -16.66 -108.61 40.03
CA PRO F 327 -17.33 -108.89 41.31
C PRO F 327 -16.40 -109.04 42.53
N HIS F 328 -15.18 -109.53 42.31
CA HIS F 328 -14.26 -109.85 43.39
C HIS F 328 -13.29 -108.72 43.75
N ASN F 329 -12.79 -108.03 42.73
CA ASN F 329 -11.77 -106.98 42.91
C ASN F 329 -12.26 -105.60 42.46
N GLU F 330 -12.26 -104.65 43.40
CA GLU F 330 -12.71 -103.29 43.16
C GLU F 330 -11.88 -102.50 42.14
N THR F 331 -10.57 -102.76 42.11
CA THR F 331 -9.63 -101.96 41.33
C THR F 331 -9.38 -102.42 39.88
N ILE F 332 -10.13 -103.41 39.39
CA ILE F 332 -10.05 -103.79 37.96
C ILE F 332 -11.42 -103.91 37.30
N LEU F 333 -11.47 -103.57 36.02
CA LEU F 333 -12.68 -103.65 35.18
C LEU F 333 -12.30 -104.01 33.75
N ALA F 334 -13.23 -104.62 33.02
CA ALA F 334 -13.03 -104.99 31.62
C ALA F 334 -13.97 -104.22 30.70
N SER F 335 -13.62 -104.17 29.42
CA SER F 335 -14.42 -103.47 28.41
C SER F 335 -14.23 -104.09 27.02
N SER F 336 -15.35 -104.35 26.33
CA SER F 336 -15.33 -104.92 24.98
C SER F 336 -16.00 -103.97 24.00
N GLY F 337 -15.88 -104.29 22.71
CA GLY F 337 -16.44 -103.44 21.65
C GLY F 337 -16.37 -104.06 20.28
N THR F 338 -16.21 -103.22 19.25
CA THR F 338 -16.24 -103.65 17.85
C THR F 338 -14.88 -104.02 17.26
N ASP F 339 -13.81 -103.99 18.06
CA ASP F 339 -12.44 -104.16 17.58
C ASP F 339 -11.81 -105.52 17.90
N ARG F 340 -12.63 -106.55 18.08
CA ARG F 340 -12.19 -107.94 18.32
C ARG F 340 -11.55 -108.26 19.69
N ARG F 341 -10.96 -107.25 20.36
CA ARG F 341 -10.30 -107.45 21.65
C ARG F 341 -11.20 -107.06 22.82
N LEU F 342 -10.88 -107.63 24.00
CA LEU F 342 -11.51 -107.29 25.26
C LEU F 342 -10.38 -106.86 26.21
N ASN F 343 -10.23 -105.56 26.39
CA ASN F 343 -9.22 -105.00 27.28
C ASN F 343 -9.64 -105.12 28.74
N VAL F 344 -8.69 -105.50 29.60
CA VAL F 344 -8.91 -105.58 31.04
C VAL F 344 -8.03 -104.53 31.71
N TRP F 345 -8.66 -103.60 32.43
CA TRP F 345 -8.00 -102.46 33.03
C TRP F 345 -7.83 -102.67 34.53
N ASP F 346 -6.59 -102.53 35.02
CA ASP F 346 -6.29 -102.54 36.45
C ASP F 346 -5.97 -101.11 36.87
N LEU F 347 -6.95 -100.42 37.45
CA LEU F 347 -6.80 -99.00 37.82
C LEU F 347 -6.02 -98.75 39.13
N SER F 348 -5.53 -99.80 39.79
CA SER F 348 -4.59 -99.67 40.90
C SER F 348 -3.17 -99.30 40.48
N LYS F 349 -2.87 -99.38 39.18
CA LYS F 349 -1.56 -99.04 38.64
C LYS F 349 -1.66 -97.91 37.60
N ILE F 350 -2.46 -96.89 37.90
CA ILE F 350 -2.53 -95.67 37.08
C ILE F 350 -1.33 -94.81 37.44
N GLY F 351 -0.63 -94.31 36.41
CA GLY F 351 0.53 -93.45 36.59
C GLY F 351 1.75 -94.11 37.22
N GLU F 352 1.88 -95.43 37.04
CA GLU F 352 3.05 -96.17 37.53
C GLU F 352 4.20 -96.02 36.55
N GLU F 353 5.42 -95.94 37.09
CA GLU F 353 6.61 -95.77 36.27
C GLU F 353 7.00 -97.08 35.59
N GLN F 354 6.61 -97.21 34.33
CA GLN F 354 6.98 -98.37 33.50
C GLN F 354 8.10 -97.98 32.53
N SER F 355 8.66 -98.97 31.85
CA SER F 355 9.78 -98.76 30.93
C SER F 355 9.38 -97.95 29.68
N PRO F 356 10.37 -97.32 29.00
CA PRO F 356 10.05 -96.58 27.77
C PRO F 356 9.58 -97.47 26.61
N GLU F 357 10.15 -98.67 26.50
CA GLU F 357 9.66 -99.68 25.54
C GLU F 357 8.23 -100.17 25.83
N ASP F 358 7.87 -100.21 27.11
CA ASP F 358 6.50 -100.60 27.53
C ASP F 358 5.43 -99.54 27.24
N ALA F 359 5.86 -98.31 26.95
CA ALA F 359 4.94 -97.25 26.50
C ALA F 359 4.28 -97.57 25.16
N GLU F 360 5.05 -98.18 24.25
CA GLU F 360 4.52 -98.59 22.93
C GLU F 360 3.50 -99.75 23.03
N ASP F 361 3.59 -100.55 24.10
CA ASP F 361 2.58 -101.58 24.37
C ASP F 361 1.25 -100.92 24.75
N GLY F 362 1.32 -100.00 25.69
CA GLY F 362 0.16 -99.26 26.17
C GLY F 362 0.41 -98.63 27.53
N PRO F 363 -0.61 -98.00 28.12
CA PRO F 363 -0.47 -97.44 29.47
C PRO F 363 -0.45 -98.54 30.54
N PRO F 364 0.11 -98.25 31.73
CA PRO F 364 0.26 -99.27 32.77
C PRO F 364 -1.06 -99.80 33.33
N GLU F 365 -2.09 -98.95 33.36
CA GLU F 365 -3.42 -99.35 33.83
C GLU F 365 -4.10 -100.43 32.99
N LEU F 366 -3.70 -100.58 31.73
CA LEU F 366 -4.14 -101.71 30.89
C LEU F 366 -3.43 -103.00 31.32
N LEU F 367 -4.17 -103.91 31.97
CA LEU F 367 -3.61 -105.14 32.53
C LEU F 367 -3.43 -106.23 31.49
N PHE F 368 -4.48 -106.51 30.72
CA PHE F 368 -4.50 -107.65 29.79
C PHE F 368 -5.37 -107.35 28.56
N ILE F 369 -4.94 -107.89 27.41
CA ILE F 369 -5.71 -107.83 26.17
C ILE F 369 -6.06 -109.27 25.77
N HIS F 370 -7.34 -109.52 25.54
CA HIS F 370 -7.85 -110.83 25.15
C HIS F 370 -8.10 -110.87 23.64
N GLY F 371 -7.21 -111.54 22.91
CA GLY F 371 -7.31 -111.65 21.44
C GLY F 371 -7.90 -112.95 20.92
N GLY F 372 -8.76 -113.59 21.72
CA GLY F 372 -9.36 -114.88 21.35
C GLY F 372 -10.38 -114.81 20.23
N HIS F 373 -11.15 -113.72 20.18
CA HIS F 373 -12.21 -113.56 19.19
C HIS F 373 -11.71 -112.97 17.88
N THR F 374 -12.36 -113.36 16.78
CA THR F 374 -12.03 -112.88 15.44
C THR F 374 -13.17 -112.02 14.86
N ALA F 375 -13.93 -111.37 15.73
CA ALA F 375 -15.11 -110.59 15.34
C ALA F 375 -15.58 -109.68 16.48
N LYS F 376 -16.51 -108.79 16.17
CA LYS F 376 -17.12 -107.86 17.13
C LYS F 376 -17.62 -108.59 18.37
N ILE F 377 -17.04 -108.29 19.54
CA ILE F 377 -17.50 -108.83 20.82
C ILE F 377 -18.79 -108.10 21.20
N SER F 378 -19.90 -108.80 21.12
CA SER F 378 -21.22 -108.22 21.41
C SER F 378 -21.43 -107.98 22.90
N ASP F 379 -21.10 -108.99 23.71
CA ASP F 379 -21.27 -108.92 25.16
C ASP F 379 -20.31 -109.87 25.88
N PHE F 380 -20.03 -109.58 27.15
CA PHE F 380 -19.30 -110.49 28.02
C PHE F 380 -19.82 -110.38 29.47
N SER F 381 -19.29 -111.22 30.35
CA SER F 381 -19.72 -111.22 31.77
C SER F 381 -18.70 -111.91 32.68
N TRP F 382 -18.40 -111.26 33.81
CA TRP F 382 -17.52 -111.84 34.84
C TRP F 382 -18.25 -112.95 35.60
N ASN F 383 -17.53 -114.03 35.91
CA ASN F 383 -18.06 -115.09 36.75
C ASN F 383 -18.09 -114.61 38.21
N PRO F 384 -19.26 -114.68 38.87
CA PRO F 384 -19.39 -114.17 40.24
C PRO F 384 -18.78 -115.09 41.32
N ASN F 385 -18.71 -116.39 41.06
CA ASN F 385 -18.24 -117.38 42.05
C ASN F 385 -16.75 -117.70 41.93
N GLU F 386 -16.26 -117.85 40.69
CA GLU F 386 -14.86 -118.15 40.40
C GLU F 386 -14.13 -116.87 39.96
N PRO F 387 -13.12 -116.41 40.74
CA PRO F 387 -12.36 -115.20 40.39
C PRO F 387 -11.64 -115.23 39.02
N TRP F 388 -11.61 -114.06 38.36
CA TRP F 388 -10.89 -113.83 37.09
C TRP F 388 -11.40 -114.62 35.87
N VAL F 389 -12.55 -115.28 35.98
CA VAL F 389 -13.14 -116.01 34.86
C VAL F 389 -14.14 -115.11 34.17
N ILE F 390 -13.99 -114.96 32.85
CA ILE F 390 -14.90 -114.16 32.02
C ILE F 390 -15.45 -115.06 30.91
N CYS F 391 -16.74 -114.86 30.58
CA CYS F 391 -17.34 -115.45 29.39
C CYS F 391 -17.63 -114.32 28.42
N SER F 392 -17.10 -114.41 27.21
CA SER F 392 -17.29 -113.39 26.17
C SER F 392 -17.82 -114.05 24.90
N VAL F 393 -18.66 -113.30 24.17
CA VAL F 393 -19.31 -113.79 22.94
C VAL F 393 -19.12 -112.78 21.81
N SER F 394 -19.00 -113.29 20.58
CA SER F 394 -18.76 -112.45 19.40
C SER F 394 -19.67 -112.81 18.22
N GLU F 395 -19.65 -111.96 17.18
CA GLU F 395 -20.51 -112.12 16.00
C GLU F 395 -20.01 -113.16 14.97
N ASP F 396 -18.92 -113.86 15.27
CA ASP F 396 -18.54 -115.08 14.52
C ASP F 396 -19.15 -116.37 15.12
N ASN F 397 -20.22 -116.22 15.92
CA ASN F 397 -20.87 -117.30 16.69
C ASN F 397 -19.98 -118.28 17.47
N ILE F 398 -18.95 -117.73 18.13
CA ILE F 398 -18.15 -118.46 19.13
C ILE F 398 -18.34 -117.75 20.47
N MET F 399 -18.52 -118.54 21.53
CA MET F 399 -18.40 -118.06 22.91
C MET F 399 -17.15 -118.66 23.53
N GLN F 400 -16.52 -117.90 24.43
CA GLN F 400 -15.29 -118.32 25.08
C GLN F 400 -15.35 -118.05 26.58
N VAL F 401 -15.29 -119.11 27.38
CA VAL F 401 -15.03 -118.99 28.81
C VAL F 401 -13.51 -119.01 28.96
N TRP F 402 -12.96 -118.08 29.74
CA TRP F 402 -11.51 -118.00 29.92
C TRP F 402 -11.07 -117.29 31.20
N GLN F 403 -9.90 -117.69 31.69
CA GLN F 403 -9.24 -117.08 32.83
C GLN F 403 -7.81 -116.73 32.42
N MET F 404 -7.46 -115.45 32.49
CA MET F 404 -6.07 -114.99 32.27
C MET F 404 -5.10 -115.63 33.26
N ALA F 405 -3.83 -115.69 32.87
CA ALA F 405 -2.81 -116.41 33.64
C ALA F 405 -2.55 -115.77 34.99
N GLU F 406 -2.29 -116.63 35.98
CA GLU F 406 -2.13 -116.23 37.39
C GLU F 406 -1.05 -115.18 37.62
N ASN F 407 0.09 -115.34 36.94
CA ASN F 407 1.24 -114.44 37.11
C ASN F 407 1.07 -113.00 36.55
N ILE F 408 0.07 -112.77 35.70
CA ILE F 408 -0.17 -111.43 35.15
C ILE F 408 -0.86 -110.55 36.21
N TYR F 409 -1.93 -111.05 36.82
CA TYR F 409 -2.70 -110.27 37.80
C TYR F 409 -2.15 -110.27 39.23
N ASN F 410 -1.00 -110.93 39.46
CA ASN F 410 -0.22 -110.71 40.69
C ASN F 410 1.25 -111.12 40.51
N ASP F 411 2.16 -110.17 40.73
CA ASP F 411 3.60 -110.42 40.61
C ASP F 411 4.13 -111.15 41.83
N ASP G 10 33.35 93.11 -29.83
CA ASP G 10 34.40 92.07 -29.62
C ASP G 10 35.55 92.23 -30.61
N ALA G 11 35.22 92.35 -31.90
CA ALA G 11 36.21 92.51 -32.97
C ALA G 11 37.02 93.81 -32.83
N VAL G 12 36.36 94.89 -32.44
CA VAL G 12 37.02 96.19 -32.26
C VAL G 12 37.86 96.19 -30.99
N GLU G 13 37.27 95.77 -29.88
CA GLU G 13 37.94 95.80 -28.58
C GLU G 13 39.16 94.88 -28.51
N GLU G 14 39.10 93.73 -29.17
CA GLU G 14 40.25 92.81 -29.25
C GLU G 14 41.41 93.38 -30.06
N ARG G 15 41.11 94.08 -31.16
CA ARG G 15 42.13 94.80 -31.94
C ARG G 15 42.81 95.91 -31.14
N VAL G 16 42.02 96.64 -30.35
CA VAL G 16 42.54 97.70 -29.48
C VAL G 16 43.41 97.11 -28.36
N ILE G 17 42.96 95.99 -27.78
CA ILE G 17 43.74 95.27 -26.76
C ILE G 17 45.03 94.68 -27.38
N ASN G 18 44.91 94.09 -28.57
CA ASN G 18 46.06 93.50 -29.26
C ASN G 18 47.14 94.53 -29.57
N GLU G 19 46.73 95.70 -30.06
CA GLU G 19 47.67 96.79 -30.36
C GLU G 19 48.39 97.28 -29.10
N GLU G 20 47.61 97.45 -28.02
CA GLU G 20 48.16 97.88 -26.73
C GLU G 20 49.14 96.87 -26.11
N TYR G 21 48.92 95.58 -26.35
CA TYR G 21 49.88 94.53 -25.96
C TYR G 21 51.22 94.67 -26.70
N LYS G 22 51.17 95.00 -27.99
CA LYS G 22 52.37 95.22 -28.79
C LYS G 22 53.13 96.50 -28.37
N ILE G 23 52.40 97.55 -28.01
CA ILE G 23 53.01 98.79 -27.51
C ILE G 23 53.72 98.50 -26.20
N TRP G 24 53.03 97.79 -25.30
CA TRP G 24 53.60 97.32 -24.04
C TRP G 24 54.85 96.48 -24.25
N LYS G 25 54.78 95.53 -25.19
CA LYS G 25 55.89 94.61 -25.47
C LYS G 25 57.18 95.33 -25.90
N LYS G 26 57.04 96.39 -26.69
CA LYS G 26 58.19 97.21 -27.11
C LYS G 26 58.78 98.04 -25.95
N ASN G 27 57.93 98.44 -25.01
CA ASN G 27 58.35 99.19 -23.82
C ASN G 27 59.03 98.36 -22.72
N THR G 28 58.95 97.03 -22.79
CA THR G 28 59.39 96.18 -21.67
C THR G 28 60.84 96.31 -21.19
N PRO G 29 61.80 96.61 -22.08
CA PRO G 29 63.17 96.86 -21.58
C PRO G 29 63.31 98.12 -20.72
N PHE G 30 62.45 99.11 -20.94
CA PHE G 30 62.46 100.37 -20.18
C PHE G 30 61.59 100.29 -18.91
N LEU G 31 60.55 99.45 -18.94
CA LEU G 31 59.63 99.28 -17.81
C LEU G 31 59.97 98.09 -16.90
N TYR G 32 60.67 97.08 -17.43
CA TYR G 32 61.00 95.87 -16.66
C TYR G 32 62.48 95.52 -16.70
N ASP G 33 62.90 94.75 -15.70
CA ASP G 33 64.19 94.05 -15.71
C ASP G 33 64.05 92.57 -16.08
N LEU G 34 62.83 92.02 -15.97
CA LEU G 34 62.59 90.61 -16.28
C LEU G 34 61.14 90.40 -16.72
N VAL G 35 60.96 89.70 -17.84
CA VAL G 35 59.63 89.30 -18.32
C VAL G 35 59.73 87.91 -18.93
N MET G 36 58.97 86.95 -18.39
CA MET G 36 58.88 85.60 -18.94
C MET G 36 57.42 85.24 -19.21
N THR G 37 57.03 85.27 -20.49
CA THR G 37 55.70 84.87 -20.91
C THR G 37 55.69 83.39 -21.28
N HIS G 38 54.58 82.71 -20.96
CA HIS G 38 54.41 81.28 -21.27
C HIS G 38 52.92 80.92 -21.33
N ALA G 39 52.47 80.48 -22.51
CA ALA G 39 51.08 80.07 -22.70
C ALA G 39 50.85 78.68 -22.11
N LEU G 40 49.86 78.56 -21.23
CA LEU G 40 49.44 77.28 -20.68
C LEU G 40 48.46 76.61 -21.63
N GLU G 41 48.29 75.30 -21.48
CA GLU G 41 47.30 74.55 -22.27
C GLU G 41 45.88 74.96 -21.90
N TRP G 42 45.64 75.11 -20.59
CA TRP G 42 44.37 75.62 -20.06
C TRP G 42 44.64 76.79 -19.11
N PRO G 43 43.68 77.72 -18.99
CA PRO G 43 43.86 78.86 -18.09
C PRO G 43 43.81 78.44 -16.63
N SER G 44 44.50 79.20 -15.77
CA SER G 44 44.58 78.89 -14.35
C SER G 44 44.00 80.02 -13.50
N LEU G 45 43.16 79.65 -12.53
CA LEU G 45 42.56 80.58 -11.58
C LEU G 45 43.38 80.72 -10.28
N THR G 46 44.52 80.03 -10.21
CA THR G 46 45.36 80.00 -9.01
C THR G 46 46.84 80.13 -9.37
N ALA G 47 47.61 80.69 -8.43
CA ALA G 47 49.06 80.84 -8.58
C ALA G 47 49.68 81.12 -7.22
N GLN G 48 50.77 80.42 -6.91
CA GLN G 48 51.51 80.65 -5.67
C GLN G 48 52.92 80.09 -5.77
N TRP G 49 53.91 80.88 -5.37
CA TRP G 49 55.30 80.43 -5.33
C TRP G 49 55.50 79.53 -4.11
N LEU G 50 56.08 78.36 -4.33
CA LEU G 50 56.52 77.50 -3.23
C LEU G 50 57.78 78.13 -2.61
N PRO G 51 57.96 77.98 -1.28
CA PRO G 51 58.97 78.75 -0.57
C PRO G 51 60.42 78.34 -0.86
N ASP G 52 60.66 77.06 -1.13
CA ASP G 52 62.01 76.54 -1.37
C ASP G 52 62.59 76.95 -2.72
N VAL G 53 63.92 77.09 -2.77
CA VAL G 53 64.66 77.38 -4.00
C VAL G 53 65.90 76.48 -4.07
N THR G 54 66.15 75.93 -5.26
CA THR G 54 67.31 75.08 -5.51
C THR G 54 68.20 75.76 -6.54
N ARG G 55 69.35 76.26 -6.08
CA ARG G 55 70.29 77.00 -6.94
C ARG G 55 71.40 76.05 -7.38
N PRO G 56 71.37 75.60 -8.67
CA PRO G 56 72.29 74.56 -9.11
C PRO G 56 73.76 74.99 -9.21
N GLU G 57 74.65 74.01 -9.28
CA GLU G 57 76.09 74.24 -9.20
C GLU G 57 76.66 74.80 -10.50
N GLY G 58 77.28 75.98 -10.41
CA GLY G 58 77.98 76.59 -11.55
C GLY G 58 77.09 77.08 -12.68
N LYS G 59 75.90 77.59 -12.33
CA LYS G 59 74.96 78.15 -13.30
C LYS G 59 74.77 79.64 -13.04
N ASP G 60 74.06 80.31 -13.95
CA ASP G 60 73.69 81.72 -13.81
C ASP G 60 72.18 81.91 -13.57
N PHE G 61 71.52 80.89 -13.02
CA PHE G 61 70.09 80.94 -12.71
C PHE G 61 69.74 80.07 -11.50
N SER G 62 68.49 80.16 -11.05
CA SER G 62 67.99 79.39 -9.91
C SER G 62 66.59 78.88 -10.21
N ILE G 63 66.31 77.62 -9.86
CA ILE G 63 65.01 77.01 -10.11
C ILE G 63 64.04 77.32 -8.95
N HIS G 64 62.98 78.07 -9.27
CA HIS G 64 61.86 78.32 -8.36
C HIS G 64 60.64 77.57 -8.88
N ARG G 65 59.73 77.21 -7.98
CA ARG G 65 58.57 76.37 -8.32
C ARG G 65 57.23 77.01 -7.94
N LEU G 66 56.21 76.75 -8.76
CA LEU G 66 54.87 77.35 -8.64
C LEU G 66 53.84 76.31 -8.23
N VAL G 67 52.62 76.79 -7.98
CA VAL G 67 51.43 75.93 -7.79
C VAL G 67 50.29 76.49 -8.65
N LEU G 68 50.14 75.95 -9.86
CA LEU G 68 49.11 76.36 -10.81
C LEU G 68 48.00 75.30 -10.84
N GLY G 69 47.00 75.51 -11.69
CA GLY G 69 45.95 74.51 -11.88
C GLY G 69 44.92 74.92 -12.91
N THR G 70 44.46 73.96 -13.71
CA THR G 70 43.52 74.22 -14.82
C THR G 70 42.10 74.49 -14.30
N HIS G 71 41.19 74.92 -15.17
CA HIS G 71 39.77 75.00 -14.80
C HIS G 71 38.78 74.64 -15.92
N THR G 72 39.22 73.83 -16.88
CA THR G 72 38.37 73.41 -18.01
C THR G 72 37.20 72.54 -17.53
N SER G 73 36.01 72.83 -18.05
CA SER G 73 34.78 72.10 -17.72
C SER G 73 34.37 71.17 -18.87
N ASP G 74 35.33 70.39 -19.35
CA ASP G 74 35.14 69.46 -20.49
C ASP G 74 36.17 68.33 -20.40
N GLU G 75 37.45 68.69 -20.49
CA GLU G 75 38.55 67.74 -20.37
C GLU G 75 38.91 67.51 -18.91
N GLN G 76 39.84 66.58 -18.66
CA GLN G 76 40.31 66.26 -17.31
C GLN G 76 41.17 67.40 -16.75
N ASN G 77 40.81 67.89 -15.57
CA ASN G 77 41.57 68.95 -14.89
C ASN G 77 42.81 68.39 -14.17
N HIS G 78 43.76 69.28 -13.88
CA HIS G 78 45.03 68.91 -13.24
C HIS G 78 45.47 69.94 -12.20
N LEU G 79 46.08 69.45 -11.13
CA LEU G 79 46.84 70.30 -10.19
C LEU G 79 48.29 70.29 -10.65
N VAL G 80 48.78 71.45 -11.07
CA VAL G 80 50.09 71.56 -11.73
C VAL G 80 51.12 72.23 -10.82
N ILE G 81 52.32 71.65 -10.76
CA ILE G 81 53.50 72.29 -10.19
C ILE G 81 54.46 72.51 -11.36
N ALA G 82 54.77 73.78 -11.64
CA ALA G 82 55.66 74.16 -12.74
C ALA G 82 56.90 74.86 -12.18
N SER G 83 58.06 74.55 -12.75
CA SER G 83 59.33 75.15 -12.34
C SER G 83 59.78 76.22 -13.33
N VAL G 84 60.12 77.40 -12.80
CA VAL G 84 60.69 78.49 -13.61
C VAL G 84 62.13 78.73 -13.16
N GLN G 85 62.98 79.21 -14.06
CA GLN G 85 64.39 79.47 -13.73
C GLN G 85 64.75 80.97 -13.86
N LEU G 86 64.83 81.63 -12.70
CA LEU G 86 65.15 83.06 -12.63
C LEU G 86 66.67 83.26 -12.67
N PRO G 87 67.15 84.29 -13.42
CA PRO G 87 68.59 84.59 -13.41
C PRO G 87 69.14 85.10 -12.09
N ASN G 88 70.46 85.24 -12.03
CA ASN G 88 71.17 85.75 -10.85
C ASN G 88 71.57 87.20 -11.04
N ASP G 89 70.60 88.09 -10.84
CA ASP G 89 70.74 89.56 -10.98
C ASP G 89 71.67 90.03 -12.10
N GLY G 103 77.64 96.01 -24.35
CA GLY G 103 76.70 97.12 -24.45
C GLY G 103 76.00 97.13 -25.80
N GLU G 104 74.79 96.56 -25.83
CA GLU G 104 74.01 96.39 -27.08
C GLU G 104 72.52 96.81 -27.03
N PHE G 105 72.04 97.29 -25.88
CA PHE G 105 70.62 97.67 -25.65
C PHE G 105 69.61 96.51 -25.77
N GLY G 106 68.43 96.72 -25.16
CA GLY G 106 67.39 95.70 -25.11
C GLY G 106 67.80 94.51 -24.26
N GLY G 107 67.28 93.32 -24.61
CA GLY G 107 67.70 92.08 -23.98
C GLY G 107 66.70 90.94 -24.07
N PHE G 108 66.27 90.62 -25.29
CA PHE G 108 65.32 89.52 -25.52
C PHE G 108 66.05 88.20 -25.77
N GLY G 109 65.29 87.10 -25.79
CA GLY G 109 65.85 85.77 -26.01
C GLY G 109 64.87 84.65 -25.72
N SER G 110 63.83 84.56 -26.56
CA SER G 110 62.68 83.64 -26.42
C SER G 110 62.84 82.45 -25.45
N VAL G 111 62.01 82.46 -24.39
CA VAL G 111 62.01 81.47 -23.29
C VAL G 111 62.72 80.12 -23.55
N SER G 112 62.03 79.14 -24.15
CA SER G 112 62.61 77.85 -24.52
C SER G 112 63.18 77.04 -23.33
N GLY G 113 62.32 76.24 -22.72
CA GLY G 113 62.72 75.34 -21.63
C GLY G 113 63.04 75.99 -20.30
N LYS G 114 62.54 77.20 -20.07
CA LYS G 114 62.72 77.92 -18.81
C LYS G 114 61.54 77.64 -17.89
N ILE G 115 60.33 77.87 -18.40
CA ILE G 115 59.09 77.50 -17.71
C ILE G 115 58.67 76.12 -18.21
N GLU G 116 58.71 75.13 -17.33
CA GLU G 116 58.32 73.75 -17.65
C GLU G 116 57.55 73.10 -16.51
N ILE G 117 56.63 72.20 -16.88
CA ILE G 117 55.80 71.48 -15.92
C ILE G 117 56.62 70.33 -15.32
N GLU G 118 56.65 70.25 -14.00
CA GLU G 118 57.30 69.13 -13.29
C GLU G 118 56.30 68.03 -12.93
N ILE G 119 55.16 68.43 -12.34
CA ILE G 119 54.14 67.48 -11.88
C ILE G 119 52.75 67.88 -12.39
N LYS G 120 51.96 66.86 -12.74
CA LYS G 120 50.53 67.00 -13.01
C LYS G 120 49.79 65.92 -12.21
N ILE G 121 48.80 66.34 -11.42
CA ILE G 121 47.98 65.42 -10.63
C ILE G 121 46.53 65.58 -11.08
N ASN G 122 45.86 64.48 -11.39
CA ASN G 122 44.48 64.50 -11.86
C ASN G 122 43.52 64.96 -10.76
N HIS G 123 42.80 66.04 -11.03
CA HIS G 123 41.89 66.67 -10.06
C HIS G 123 40.42 66.42 -10.41
N GLU G 124 39.61 66.16 -9.39
CA GLU G 124 38.17 65.97 -9.56
C GLU G 124 37.50 67.32 -9.76
N GLY G 125 37.15 67.63 -11.01
CA GLY G 125 36.59 68.92 -11.36
C GLY G 125 37.63 70.02 -11.41
N GLU G 126 37.18 71.25 -11.67
CA GLU G 126 38.08 72.41 -11.80
C GLU G 126 38.65 72.89 -10.47
N VAL G 127 39.85 73.48 -10.52
CA VAL G 127 40.53 74.03 -9.33
C VAL G 127 40.42 75.55 -9.37
N ASN G 128 39.62 76.09 -8.46
CA ASN G 128 39.41 77.54 -8.33
C ASN G 128 40.57 78.21 -7.59
N ARG G 129 41.01 77.58 -6.50
CA ARG G 129 42.20 78.02 -5.77
C ARG G 129 42.95 76.83 -5.15
N ALA G 130 44.26 76.98 -5.00
CA ALA G 130 45.11 75.94 -4.42
C ALA G 130 46.27 76.58 -3.67
N ARG G 131 46.47 76.17 -2.41
CA ARG G 131 47.48 76.78 -1.53
C ARG G 131 48.27 75.70 -0.79
N TYR G 132 49.58 75.94 -0.62
CA TYR G 132 50.47 75.00 0.08
C TYR G 132 50.43 75.24 1.60
N MET G 133 50.65 74.18 2.37
CA MET G 133 50.71 74.28 3.84
C MET G 133 52.08 74.82 4.24
N PRO G 134 52.13 75.96 4.97
CA PRO G 134 53.41 76.55 5.41
C PRO G 134 54.37 75.58 6.13
N GLN G 135 53.83 74.69 6.95
CA GLN G 135 54.63 73.75 7.74
C GLN G 135 55.14 72.57 6.89
N ASN G 136 54.36 72.17 5.88
CA ASN G 136 54.75 71.10 4.96
C ASN G 136 54.36 71.46 3.51
N PRO G 137 55.24 72.22 2.81
CA PRO G 137 55.02 72.63 1.41
C PRO G 137 54.65 71.54 0.39
N CYS G 138 54.97 70.28 0.67
CA CYS G 138 54.56 69.16 -0.19
C CYS G 138 53.04 68.92 -0.19
N ILE G 139 52.38 69.21 0.93
CA ILE G 139 50.92 69.07 1.04
C ILE G 139 50.22 70.32 0.51
N ILE G 140 49.31 70.15 -0.45
CA ILE G 140 48.58 71.25 -1.10
C ILE G 140 47.07 71.04 -0.92
N ALA G 141 46.39 72.03 -0.34
CA ALA G 141 44.92 72.06 -0.34
C ALA G 141 44.42 72.66 -1.65
N THR G 142 43.20 72.29 -2.03
CA THR G 142 42.61 72.74 -3.29
C THR G 142 41.10 72.93 -3.17
N LYS G 143 40.62 74.15 -3.39
CA LYS G 143 39.19 74.44 -3.43
C LYS G 143 38.60 74.08 -4.80
N THR G 144 37.39 73.52 -4.76
CA THR G 144 36.64 73.09 -5.95
C THR G 144 35.37 73.96 -5.99
N PRO G 145 34.61 73.95 -7.12
CA PRO G 145 33.31 74.65 -7.11
C PRO G 145 32.29 74.17 -6.08
N SER G 146 32.41 72.91 -5.62
CA SER G 146 31.63 72.42 -4.48
C SER G 146 32.12 73.05 -3.16
N SER G 147 31.33 72.88 -2.10
CA SER G 147 31.63 73.47 -0.79
C SER G 147 32.86 72.84 -0.10
N ASP G 148 33.12 71.57 -0.37
CA ASP G 148 34.25 70.84 0.24
C ASP G 148 35.61 71.18 -0.38
N VAL G 149 36.68 70.75 0.30
CA VAL G 149 38.07 71.02 -0.11
C VAL G 149 38.82 69.68 -0.24
N LEU G 150 39.67 69.58 -1.25
CA LEU G 150 40.50 68.40 -1.50
C LEU G 150 41.95 68.71 -1.17
N VAL G 151 42.61 67.80 -0.45
CA VAL G 151 44.02 67.95 -0.06
C VAL G 151 44.85 66.87 -0.75
N PHE G 152 45.93 67.30 -1.40
CA PHE G 152 46.85 66.39 -2.12
C PHE G 152 48.27 66.53 -1.58
N ASP G 153 49.07 65.51 -1.87
CA ASP G 153 50.50 65.51 -1.55
C ASP G 153 51.24 65.05 -2.81
N TYR G 154 51.92 65.99 -3.48
CA TYR G 154 52.54 65.69 -4.79
C TYR G 154 53.72 64.70 -4.75
N THR G 155 54.32 64.50 -3.57
CA THR G 155 55.33 63.45 -3.38
C THR G 155 54.76 62.03 -3.50
N LYS G 156 53.48 61.85 -3.11
CA LYS G 156 52.81 60.54 -3.19
C LYS G 156 52.45 60.15 -4.63
N HIS G 157 51.84 61.08 -5.37
CA HIS G 157 51.38 60.81 -6.74
C HIS G 157 52.55 60.82 -7.73
N PRO G 158 52.40 60.12 -8.88
CA PRO G 158 53.43 60.16 -9.92
C PRO G 158 53.50 61.51 -10.64
N SER G 159 54.62 61.77 -11.30
CA SER G 159 54.86 63.04 -11.99
C SER G 159 53.96 63.18 -13.22
N LYS G 160 54.04 62.17 -14.11
CA LYS G 160 53.18 62.11 -15.28
C LYS G 160 51.92 61.30 -14.92
N PRO G 161 50.72 61.90 -15.09
CA PRO G 161 49.49 61.13 -14.94
C PRO G 161 49.14 60.40 -16.23
N ASP G 162 48.39 59.30 -16.11
CA ASP G 162 47.95 58.53 -17.27
C ASP G 162 46.75 59.27 -17.89
N PRO G 163 46.27 58.83 -19.09
CA PRO G 163 45.07 59.47 -19.65
C PRO G 163 43.74 59.15 -18.93
N SER G 164 43.80 58.59 -17.72
CA SER G 164 42.61 58.25 -16.94
C SER G 164 41.85 59.50 -16.47
N GLY G 165 42.26 60.07 -15.35
CA GLY G 165 41.46 61.07 -14.64
C GLY G 165 40.62 60.39 -13.57
N GLU G 166 41.29 59.66 -12.70
CA GLU G 166 40.69 59.01 -11.53
C GLU G 166 41.30 59.66 -10.30
N CYS G 167 40.75 60.82 -9.93
CA CYS G 167 41.30 61.68 -8.89
C CYS G 167 41.48 60.94 -7.56
N ASN G 168 42.67 61.07 -6.98
CA ASN G 168 43.07 60.33 -5.79
C ASN G 168 43.52 61.30 -4.69
N PRO G 169 42.55 62.01 -4.08
CA PRO G 169 42.90 62.97 -3.02
C PRO G 169 43.27 62.26 -1.72
N ASP G 170 44.31 62.76 -1.04
CA ASP G 170 44.77 62.17 0.21
C ASP G 170 43.77 62.37 1.34
N LEU G 171 43.17 63.56 1.39
CA LEU G 171 42.09 63.87 2.35
C LEU G 171 41.03 64.77 1.70
N ARG G 172 39.78 64.32 1.73
CA ARG G 172 38.63 65.16 1.39
C ARG G 172 38.13 65.81 2.68
N LEU G 173 37.93 67.14 2.64
CA LEU G 173 37.51 67.93 3.79
C LEU G 173 36.09 68.45 3.55
N ARG G 174 35.09 67.75 4.11
CA ARG G 174 33.68 67.97 3.78
C ARG G 174 33.10 69.19 4.50
N GLY G 175 32.13 69.85 3.86
CA GLY G 175 31.47 71.02 4.43
C GLY G 175 30.05 71.20 3.94
N GLY G 180 32.56 81.46 -3.41
CA GLY G 180 33.79 82.19 -3.12
C GLY G 180 35.01 81.28 -3.09
N TYR G 181 36.18 81.86 -3.35
CA TYR G 181 37.44 81.09 -3.42
C TYR G 181 38.30 81.27 -2.15
N GLY G 182 37.67 81.24 -0.99
CA GLY G 182 38.39 81.40 0.28
C GLY G 182 39.21 80.17 0.61
N LEU G 183 40.49 80.36 0.95
CA LEU G 183 41.36 79.26 1.37
C LEU G 183 42.58 79.81 2.11
N SER G 184 42.86 79.25 3.29
CA SER G 184 43.97 79.72 4.11
C SER G 184 44.39 78.70 5.17
N TRP G 185 45.64 78.25 5.09
CA TRP G 185 46.26 77.47 6.16
C TRP G 185 46.72 78.42 7.27
N ASN G 186 46.61 77.97 8.52
CA ASN G 186 47.13 78.73 9.66
C ASN G 186 48.66 78.54 9.70
N PRO G 187 49.42 79.64 9.63
CA PRO G 187 50.89 79.50 9.66
C PRO G 187 51.47 79.07 11.02
N ASN G 188 50.77 79.40 12.12
CA ASN G 188 51.24 79.10 13.48
C ASN G 188 50.86 77.69 13.93
N LEU G 189 49.56 77.38 13.85
CA LEU G 189 49.04 76.06 14.23
C LEU G 189 48.91 75.15 13.01
N SER G 190 49.74 74.11 12.94
CA SER G 190 49.76 73.20 11.80
C SER G 190 48.47 72.38 11.70
N GLY G 191 47.83 72.43 10.53
CA GLY G 191 46.66 71.60 10.24
C GLY G 191 45.33 72.32 10.12
N HIS G 192 45.21 73.51 10.72
CA HIS G 192 43.95 74.26 10.68
C HIS G 192 43.78 74.97 9.33
N LEU G 193 42.67 74.68 8.64
CA LEU G 193 42.34 75.22 7.33
C LEU G 193 41.01 75.95 7.37
N LEU G 194 40.96 77.16 6.81
CA LEU G 194 39.71 77.92 6.65
C LEU G 194 39.26 77.90 5.19
N SER G 195 38.00 78.24 4.97
CA SER G 195 37.41 78.23 3.63
C SER G 195 36.08 79.00 3.56
N ALA G 196 35.66 79.28 2.33
CA ALA G 196 34.31 79.76 2.05
C ALA G 196 33.38 78.56 1.86
N SER G 197 32.09 78.85 1.73
CA SER G 197 31.08 77.84 1.39
C SER G 197 29.87 78.48 0.73
N ASP G 198 29.11 77.68 -0.01
CA ASP G 198 27.91 78.15 -0.72
C ASP G 198 26.73 78.55 0.19
N ASP G 199 26.74 78.11 1.45
CA ASP G 199 25.69 78.46 2.43
C ASP G 199 26.00 79.70 3.30
N HIS G 200 26.83 80.62 2.79
CA HIS G 200 27.14 81.89 3.44
C HIS G 200 27.91 81.77 4.78
N THR G 201 28.67 80.68 4.94
CA THR G 201 29.40 80.40 6.19
C THR G 201 30.88 80.08 5.96
N ILE G 202 31.65 80.16 7.03
CA ILE G 202 33.10 79.91 7.02
C ILE G 202 33.37 78.58 7.74
N CYS G 203 33.87 77.59 7.00
CA CYS G 203 34.23 76.29 7.58
C CYS G 203 35.61 76.34 8.24
N LEU G 204 35.87 75.36 9.10
CA LEU G 204 37.16 75.20 9.76
C LEU G 204 37.45 73.72 9.99
N TRP G 205 38.47 73.19 9.31
CA TRP G 205 38.91 71.80 9.49
C TRP G 205 40.18 71.72 10.31
N ASP G 206 40.51 70.49 10.72
CA ASP G 206 41.77 70.19 11.40
C ASP G 206 42.23 68.80 10.96
N ILE G 207 43.46 68.70 10.47
CA ILE G 207 44.04 67.44 10.01
C ILE G 207 45.37 67.14 10.73
N SER G 208 45.48 67.60 11.97
CA SER G 208 46.67 67.39 12.80
C SER G 208 46.80 65.93 13.22
N ALA G 209 45.68 65.34 13.64
CA ALA G 209 45.61 63.92 14.00
C ALA G 209 44.40 63.28 13.32
N VAL G 210 44.47 63.17 11.99
CA VAL G 210 43.45 62.48 11.20
C VAL G 210 43.52 60.97 11.47
N PRO G 211 42.36 60.26 11.46
CA PRO G 211 42.40 58.79 11.58
C PRO G 211 43.09 58.09 10.40
N LYS G 212 43.66 56.92 10.67
CA LYS G 212 44.28 56.09 9.64
C LYS G 212 43.21 55.52 8.70
N GLU G 213 42.19 54.91 9.30
CA GLU G 213 41.00 54.45 8.57
C GLU G 213 39.98 55.59 8.55
N GLY G 214 40.21 56.57 7.68
CA GLY G 214 39.35 57.74 7.57
C GLY G 214 39.94 58.82 6.67
N LYS G 215 39.74 58.65 5.36
CA LYS G 215 40.19 59.62 4.37
C LYS G 215 39.37 60.91 4.41
N VAL G 216 38.05 60.77 4.57
CA VAL G 216 37.14 61.91 4.62
C VAL G 216 37.20 62.57 6.01
N VAL G 217 37.15 63.90 6.05
CA VAL G 217 37.19 64.69 7.28
C VAL G 217 36.04 65.69 7.29
N ASP G 218 35.44 65.90 8.47
CA ASP G 218 34.36 66.89 8.65
C ASP G 218 34.85 68.09 9.44
N ALA G 219 34.05 69.16 9.42
CA ALA G 219 34.46 70.46 9.97
C ALA G 219 34.46 70.49 11.50
N LYS G 220 35.46 71.16 12.06
CA LYS G 220 35.54 71.42 13.50
C LYS G 220 34.53 72.50 13.90
N THR G 221 34.53 73.60 13.16
CA THR G 221 33.65 74.74 13.42
C THR G 221 33.06 75.29 12.11
N ILE G 222 31.84 75.81 12.19
CA ILE G 222 31.21 76.54 11.08
C ILE G 222 30.78 77.91 11.64
N PHE G 223 31.44 78.97 11.17
CA PHE G 223 31.16 80.34 11.61
C PHE G 223 30.13 80.97 10.68
N THR G 224 28.97 81.36 11.21
CA THR G 224 27.86 81.86 10.40
C THR G 224 28.09 83.31 9.95
N GLY G 225 27.96 84.27 10.86
CA GLY G 225 28.24 85.69 10.60
C GLY G 225 27.57 86.35 9.40
N HIS G 226 28.19 86.15 8.23
CA HIS G 226 27.77 86.84 7.00
C HIS G 226 26.36 86.45 6.54
N THR G 227 25.72 87.37 5.83
CA THR G 227 24.39 87.16 5.26
C THR G 227 24.52 86.63 3.82
N ALA G 228 25.30 87.34 3.01
CA ALA G 228 25.57 86.97 1.62
C ALA G 228 26.79 86.03 1.54
N VAL G 229 27.14 85.59 0.32
CA VAL G 229 28.20 84.59 0.13
C VAL G 229 29.59 85.09 0.56
N VAL G 230 30.26 84.31 1.40
CA VAL G 230 31.63 84.62 1.84
C VAL G 230 32.60 84.37 0.68
N GLU G 231 33.42 85.37 0.37
CA GLU G 231 34.30 85.34 -0.80
C GLU G 231 35.69 84.85 -0.46
N ASP G 232 36.31 85.46 0.55
CA ASP G 232 37.68 85.16 0.94
C ASP G 232 37.84 85.16 2.46
N VAL G 233 38.71 84.27 2.94
CA VAL G 233 39.07 84.18 4.36
C VAL G 233 40.59 84.12 4.47
N SER G 234 41.12 84.57 5.61
CA SER G 234 42.56 84.62 5.82
C SER G 234 42.90 84.58 7.30
N TRP G 235 43.80 83.66 7.67
CA TRP G 235 44.35 83.63 9.04
C TRP G 235 45.24 84.84 9.28
N HIS G 236 45.26 85.29 10.52
CA HIS G 236 46.24 86.30 10.95
C HIS G 236 47.59 85.62 11.11
N LEU G 237 48.66 86.36 10.80
CA LEU G 237 50.00 85.77 10.68
C LEU G 237 50.67 85.54 12.03
N LEU G 238 50.71 86.57 12.87
CA LEU G 238 51.26 86.47 14.24
C LEU G 238 50.31 85.91 15.32
N HIS G 239 49.01 85.79 15.03
CA HIS G 239 48.00 85.49 16.05
C HIS G 239 47.21 84.20 15.77
N GLU G 240 47.83 83.09 16.18
CA GLU G 240 47.20 81.77 16.36
C GLU G 240 45.68 81.66 16.16
N SER G 241 44.92 82.36 16.98
CA SER G 241 43.47 82.16 17.11
C SER G 241 42.61 82.99 16.15
N LEU G 242 42.89 84.28 16.04
CA LEU G 242 42.02 85.21 15.28
C LEU G 242 42.27 85.19 13.77
N PHE G 243 41.20 85.33 13.00
CA PHE G 243 41.24 85.37 11.53
C PHE G 243 40.20 86.34 10.96
N GLY G 244 40.40 86.74 9.72
CA GLY G 244 39.49 87.67 9.02
C GLY G 244 38.67 87.00 7.94
N SER G 245 37.57 87.64 7.54
CA SER G 245 36.73 87.16 6.44
C SER G 245 36.07 88.33 5.69
N VAL G 246 35.54 88.01 4.51
CA VAL G 246 35.09 89.01 3.54
C VAL G 246 33.97 88.41 2.68
N ALA G 247 32.93 89.20 2.40
CA ALA G 247 31.71 88.68 1.74
C ALA G 247 30.98 89.71 0.88
N ASP G 248 29.97 89.24 0.14
CA ASP G 248 29.16 90.09 -0.75
C ASP G 248 28.26 91.11 -0.04
N ASP G 249 28.01 90.91 1.26
CA ASP G 249 27.23 91.86 2.07
C ASP G 249 28.03 93.08 2.60
N GLN G 250 29.12 93.43 1.93
CA GLN G 250 29.91 94.64 2.20
C GLN G 250 30.64 94.62 3.56
N LYS G 251 30.87 93.42 4.12
CA LYS G 251 31.39 93.28 5.48
C LYS G 251 32.82 92.76 5.55
N LEU G 252 33.58 93.31 6.49
CA LEU G 252 34.86 92.76 6.93
C LEU G 252 34.66 92.31 8.38
N MET G 253 34.57 90.98 8.58
CA MET G 253 34.35 90.41 9.90
C MET G 253 35.63 89.76 10.43
N ILE G 254 36.15 90.29 11.53
CA ILE G 254 37.29 89.71 12.24
C ILE G 254 36.75 88.70 13.26
N TRP G 255 37.32 87.50 13.26
CA TRP G 255 36.83 86.37 14.06
C TRP G 255 37.82 85.98 15.14
N ASP G 256 37.38 85.07 16.01
CA ASP G 256 38.23 84.49 17.07
C ASP G 256 37.74 83.06 17.37
N THR G 257 38.64 82.08 17.23
CA THR G 257 38.30 80.67 17.44
C THR G 257 38.02 80.33 18.92
N ARG G 258 38.68 81.04 19.83
CA ARG G 258 38.48 80.85 21.27
C ARG G 258 37.09 81.29 21.76
N SER G 259 36.49 82.29 21.09
CA SER G 259 35.14 82.76 21.43
C SER G 259 34.11 81.65 21.25
N ASN G 260 33.28 81.44 22.27
CA ASN G 260 32.30 80.35 22.30
C ASN G 260 31.18 80.52 21.26
N ASN G 261 30.70 81.76 21.11
CA ASN G 261 29.67 82.07 20.12
C ASN G 261 30.25 82.11 18.71
N THR G 262 29.93 81.09 17.90
CA THR G 262 30.35 81.00 16.50
C THR G 262 29.19 81.49 15.62
N SER G 263 28.90 82.78 15.74
CA SER G 263 27.80 83.42 15.01
C SER G 263 28.01 84.93 14.94
N LYS G 264 28.16 85.57 16.11
CA LYS G 264 28.59 86.96 16.19
C LYS G 264 30.12 86.98 16.14
N PRO G 265 30.71 87.73 15.18
CA PRO G 265 32.17 87.84 15.14
C PRO G 265 32.73 88.80 16.20
N SER G 266 34.05 88.82 16.34
CA SER G 266 34.74 89.71 17.29
C SER G 266 34.54 91.18 16.91
N HIS G 267 34.71 91.48 15.62
CA HIS G 267 34.43 92.81 15.06
C HIS G 267 33.69 92.69 13.73
N SER G 268 33.11 93.79 13.29
CA SER G 268 32.34 93.84 12.04
C SER G 268 32.31 95.26 11.48
N VAL G 269 32.67 95.41 10.21
CA VAL G 269 32.83 96.72 9.57
C VAL G 269 32.07 96.77 8.25
N ASP G 270 31.34 97.85 8.01
CA ASP G 270 30.84 98.16 6.67
C ASP G 270 32.04 98.65 5.87
N ALA G 271 32.69 97.71 5.17
CA ALA G 271 33.99 97.96 4.56
C ALA G 271 33.91 98.80 3.29
N HIS G 272 33.05 98.38 2.37
CA HIS G 272 32.92 99.01 1.05
C HIS G 272 31.45 99.26 0.68
N THR G 273 31.25 99.88 -0.48
CA THR G 273 29.90 100.13 -1.04
C THR G 273 29.42 99.04 -2.00
N ALA G 274 30.18 97.94 -2.13
CA ALA G 274 29.84 96.83 -3.03
C ALA G 274 30.39 95.50 -2.48
N GLU G 275 30.26 94.43 -3.26
CA GLU G 275 30.73 93.09 -2.84
C GLU G 275 32.23 93.08 -2.61
N VAL G 276 32.66 92.77 -1.39
CA VAL G 276 34.09 92.70 -1.06
C VAL G 276 34.57 91.30 -1.45
N ASN G 277 35.67 91.23 -2.21
CA ASN G 277 36.14 89.99 -2.84
C ASN G 277 37.39 89.35 -2.23
N CYS G 278 38.21 90.12 -1.51
CA CYS G 278 39.47 89.60 -0.98
C CYS G 278 40.01 90.39 0.21
N LEU G 279 40.97 89.79 0.92
CA LEU G 279 41.67 90.44 2.02
C LEU G 279 43.07 89.86 2.21
N SER G 280 43.96 90.66 2.81
CA SER G 280 45.33 90.22 3.09
C SER G 280 45.96 91.05 4.20
N PHE G 281 46.59 90.38 5.17
CA PHE G 281 47.27 91.04 6.28
C PHE G 281 48.70 91.41 5.90
N ASN G 282 49.20 92.50 6.47
CA ASN G 282 50.59 92.93 6.28
C ASN G 282 51.52 91.98 7.06
N PRO G 283 52.58 91.46 6.40
CA PRO G 283 53.51 90.56 7.10
C PRO G 283 54.44 91.23 8.12
N TYR G 284 54.63 92.55 8.04
CA TYR G 284 55.49 93.29 8.97
C TYR G 284 54.74 94.05 10.09
N SER G 285 53.41 94.07 10.03
CA SER G 285 52.59 94.70 11.08
C SER G 285 51.37 93.84 11.41
N GLU G 286 51.25 93.49 12.69
CA GLU G 286 50.11 92.71 13.19
C GLU G 286 48.76 93.44 13.10
N PHE G 287 48.77 94.76 13.13
CA PHE G 287 47.54 95.56 13.15
C PHE G 287 46.97 95.88 11.77
N ILE G 288 47.83 96.02 10.77
CA ILE G 288 47.42 96.52 9.44
C ILE G 288 46.95 95.37 8.53
N LEU G 289 45.88 95.62 7.78
CA LEU G 289 45.37 94.71 6.76
C LEU G 289 44.75 95.50 5.61
N ALA G 290 44.59 94.85 4.48
CA ALA G 290 43.95 95.44 3.29
C ALA G 290 42.81 94.57 2.79
N THR G 291 41.80 95.20 2.20
CA THR G 291 40.67 94.50 1.58
C THR G 291 40.36 95.10 0.20
N GLY G 292 40.13 94.23 -0.78
CA GLY G 292 39.74 94.64 -2.14
C GLY G 292 38.26 94.34 -2.38
N SER G 293 37.63 95.13 -3.26
CA SER G 293 36.17 95.05 -3.44
C SER G 293 35.69 95.43 -4.83
N ALA G 294 34.42 95.12 -5.09
CA ALA G 294 33.77 95.35 -6.38
C ALA G 294 33.48 96.83 -6.69
N ASP G 295 33.59 97.70 -5.68
CA ASP G 295 33.48 99.16 -5.89
C ASP G 295 34.79 99.83 -6.39
N LYS G 296 35.69 99.04 -7.00
CA LYS G 296 36.89 99.53 -7.68
C LYS G 296 37.89 100.20 -6.72
N THR G 297 37.94 99.73 -5.47
CA THR G 297 38.83 100.31 -4.46
C THR G 297 39.41 99.24 -3.52
N VAL G 298 40.67 99.45 -3.13
CA VAL G 298 41.32 98.64 -2.10
C VAL G 298 41.37 99.50 -0.83
N ALA G 299 40.72 99.03 0.23
CA ALA G 299 40.67 99.74 1.51
C ALA G 299 41.77 99.24 2.45
N LEU G 300 42.43 100.18 3.12
CA LEU G 300 43.47 99.88 4.12
C LEU G 300 42.86 100.07 5.51
N TRP G 301 43.06 99.09 6.39
CA TRP G 301 42.47 99.09 7.74
C TRP G 301 43.51 98.93 8.84
N ASP G 302 43.06 99.16 10.07
CA ASP G 302 43.85 98.95 11.28
C ASP G 302 42.96 98.22 12.29
N LEU G 303 43.47 97.13 12.86
CA LEU G 303 42.70 96.32 13.83
C LEU G 303 42.52 97.00 15.20
N ARG G 304 43.33 98.01 15.50
CA ARG G 304 43.16 98.82 16.71
C ARG G 304 42.00 99.81 16.61
N ASN G 305 41.61 100.18 15.38
CA ASN G 305 40.44 101.02 15.15
C ASN G 305 39.83 100.76 13.76
N LEU G 306 38.82 99.88 13.72
CA LEU G 306 38.18 99.46 12.46
C LEU G 306 37.03 100.36 12.01
N LYS G 307 36.69 101.37 12.80
CA LYS G 307 35.64 102.34 12.41
C LYS G 307 36.22 103.27 11.35
N LEU G 308 37.42 103.81 11.63
CA LEU G 308 38.15 104.64 10.69
C LEU G 308 38.81 103.79 9.60
N LYS G 309 38.50 104.10 8.33
CA LYS G 309 39.20 103.55 7.19
C LYS G 309 40.42 104.44 6.92
N LEU G 310 41.61 103.86 6.93
CA LEU G 310 42.86 104.63 6.84
C LEU G 310 43.08 105.23 5.46
N HIS G 311 42.95 104.39 4.43
CA HIS G 311 43.13 104.83 3.04
C HIS G 311 42.31 103.95 2.10
N SER G 312 41.84 104.56 1.01
CA SER G 312 41.11 103.86 -0.05
C SER G 312 41.85 104.10 -1.37
N PHE G 313 42.53 103.07 -1.88
CA PHE G 313 43.32 103.17 -3.11
C PHE G 313 42.41 103.18 -4.34
N GLU G 314 42.42 104.29 -5.07
CA GLU G 314 41.59 104.48 -6.26
C GLU G 314 42.45 104.63 -7.51
N SER G 315 42.02 103.98 -8.61
CA SER G 315 42.66 104.04 -9.94
C SER G 315 42.22 102.86 -10.82
N HIS G 316 42.10 101.67 -10.21
CA HIS G 316 41.59 100.48 -10.91
C HIS G 316 40.30 100.77 -11.69
N LYS G 317 40.24 100.26 -12.92
CA LYS G 317 39.14 100.54 -13.84
C LYS G 317 37.88 99.76 -13.46
N ASP G 318 38.05 98.55 -12.91
CA ASP G 318 36.95 97.63 -12.63
C ASP G 318 37.15 96.92 -11.27
N GLU G 319 36.46 95.80 -11.04
CA GLU G 319 36.43 95.13 -9.72
C GLU G 319 37.79 94.54 -9.34
N ILE G 320 38.18 94.70 -8.07
CA ILE G 320 39.38 94.08 -7.51
C ILE G 320 38.98 92.71 -6.94
N PHE G 321 39.66 91.65 -7.38
CA PHE G 321 39.42 90.28 -6.91
C PHE G 321 40.59 89.66 -6.13
N GLN G 322 41.74 90.33 -6.10
CA GLN G 322 42.91 89.84 -5.36
C GLN G 322 43.79 91.00 -4.91
N VAL G 323 44.43 90.82 -3.76
CA VAL G 323 45.34 91.81 -3.17
C VAL G 323 46.39 91.10 -2.33
N GLN G 324 47.66 91.49 -2.49
CA GLN G 324 48.79 90.83 -1.81
C GLN G 324 49.84 91.83 -1.36
N TRP G 325 50.31 91.68 -0.12
CA TRP G 325 51.44 92.46 0.38
C TRP G 325 52.75 91.80 -0.04
N SER G 326 53.78 92.61 -0.22
CA SER G 326 55.11 92.11 -0.61
C SER G 326 55.80 91.45 0.59
N PRO G 327 56.37 90.24 0.40
CA PRO G 327 57.15 89.58 1.46
C PRO G 327 58.36 90.36 1.98
N HIS G 328 59.01 91.14 1.11
CA HIS G 328 60.26 91.83 1.43
C HIS G 328 60.07 93.25 1.97
N ASN G 329 59.13 93.99 1.39
CA ASN G 329 58.92 95.40 1.72
C ASN G 329 57.53 95.66 2.30
N GLU G 330 57.49 96.19 3.53
CA GLU G 330 56.25 96.48 4.25
C GLU G 330 55.37 97.55 3.59
N THR G 331 56.00 98.55 2.96
CA THR G 331 55.31 99.74 2.45
C THR G 331 54.77 99.65 1.02
N ILE G 332 54.85 98.47 0.37
CA ILE G 332 54.20 98.29 -0.94
C ILE G 332 53.37 97.01 -1.02
N LEU G 333 52.29 97.10 -1.81
CA LEU G 333 51.36 95.98 -2.06
C LEU G 333 50.82 96.06 -3.47
N ALA G 334 50.42 94.91 -4.02
CA ALA G 334 49.84 94.84 -5.37
C ALA G 334 48.39 94.38 -5.31
N SER G 335 47.65 94.65 -6.39
CA SER G 335 46.25 94.26 -6.51
C SER G 335 45.83 94.06 -7.97
N SER G 336 45.16 92.94 -8.23
CA SER G 336 44.67 92.60 -9.58
C SER G 336 43.15 92.46 -9.57
N GLY G 337 42.58 92.35 -10.77
CA GLY G 337 41.13 92.24 -10.92
C GLY G 337 40.68 91.93 -12.33
N THR G 338 39.53 92.46 -12.72
CA THR G 338 38.89 92.14 -13.99
C THR G 338 39.25 93.10 -15.15
N ASP G 339 40.13 94.07 -14.89
CA ASP G 339 40.44 95.15 -15.86
C ASP G 339 41.79 95.01 -16.56
N ARG G 340 42.30 93.78 -16.68
CA ARG G 340 43.55 93.47 -17.41
C ARG G 340 44.88 93.92 -16.75
N ARG G 341 44.85 94.97 -15.92
CA ARG G 341 46.06 95.49 -15.27
C ARG G 341 46.24 94.97 -13.85
N LEU G 342 47.48 95.00 -13.39
CA LEU G 342 47.84 94.70 -12.00
C LEU G 342 48.58 95.92 -11.45
N ASN G 343 47.87 96.72 -10.66
CA ASN G 343 48.44 97.92 -10.05
C ASN G 343 49.31 97.55 -8.85
N VAL G 344 50.46 98.22 -8.74
CA VAL G 344 51.36 98.05 -7.59
C VAL G 344 51.41 99.38 -6.83
N TRP G 345 51.02 99.33 -5.57
CA TRP G 345 50.88 100.51 -4.72
C TRP G 345 52.05 100.61 -3.75
N ASP G 346 52.72 101.77 -3.75
CA ASP G 346 53.76 102.09 -2.77
C ASP G 346 53.19 103.11 -1.79
N LEU G 347 52.74 102.65 -0.63
CA LEU G 347 52.08 103.52 0.36
C LEU G 347 53.04 104.37 1.21
N SER G 348 54.35 104.27 0.97
CA SER G 348 55.32 105.21 1.56
C SER G 348 55.31 106.59 0.93
N LYS G 349 54.65 106.75 -0.22
CA LYS G 349 54.55 108.04 -0.90
C LYS G 349 53.08 108.47 -1.07
N ILE G 350 52.29 108.31 0.00
CA ILE G 350 50.92 108.84 0.06
C ILE G 350 51.00 110.33 0.37
N GLY G 351 50.27 111.14 -0.39
CA GLY G 351 50.23 112.59 -0.21
C GLY G 351 51.53 113.32 -0.52
N GLU G 352 52.34 112.76 -1.41
CA GLU G 352 53.58 113.40 -1.85
C GLU G 352 53.26 114.43 -2.94
N GLU G 353 54.00 115.54 -2.92
CA GLU G 353 53.80 116.63 -3.88
C GLU G 353 54.38 116.26 -5.24
N GLN G 354 53.51 115.79 -6.13
CA GLN G 354 53.89 115.50 -7.52
C GLN G 354 53.40 116.61 -8.45
N SER G 355 53.84 116.56 -9.71
CA SER G 355 53.50 117.60 -10.69
C SER G 355 52.02 117.61 -11.07
N PRO G 356 51.52 118.74 -11.61
CA PRO G 356 50.11 118.78 -12.03
C PRO G 356 49.78 117.88 -13.22
N GLU G 357 50.73 117.75 -14.15
CA GLU G 357 50.61 116.78 -15.26
C GLU G 357 50.60 115.32 -14.79
N ASP G 358 51.33 115.04 -13.70
CA ASP G 358 51.36 113.68 -13.10
C ASP G 358 50.08 113.30 -12.37
N ALA G 359 49.21 114.27 -12.08
CA ALA G 359 47.87 114.00 -11.53
C ALA G 359 46.99 113.20 -12.49
N GLU G 360 47.09 113.51 -13.78
CA GLU G 360 46.34 112.80 -14.82
C GLU G 360 46.80 111.34 -15.01
N ASP G 361 48.06 111.05 -14.67
CA ASP G 361 48.56 109.67 -14.64
C ASP G 361 47.88 108.88 -13.53
N GLY G 362 47.88 109.45 -12.34
CA GLY G 362 47.27 108.85 -11.15
C GLY G 362 47.82 109.45 -9.87
N PRO G 363 47.40 108.91 -8.71
CA PRO G 363 47.95 109.37 -7.43
C PRO G 363 49.38 108.88 -7.22
N PRO G 364 50.16 109.56 -6.35
CA PRO G 364 51.57 109.22 -6.16
C PRO G 364 51.82 107.84 -5.55
N GLU G 365 50.89 107.39 -4.70
CA GLU G 365 50.98 106.05 -4.07
C GLU G 365 50.92 104.89 -5.07
N LEU G 366 50.35 105.10 -6.25
CA LEU G 366 50.40 104.11 -7.33
C LEU G 366 51.81 104.08 -7.95
N LEU G 367 52.56 103.02 -7.68
CA LEU G 367 53.96 102.90 -8.12
C LEU G 367 54.09 102.46 -9.57
N PHE G 368 53.40 101.38 -9.93
CA PHE G 368 53.55 100.74 -11.23
C PHE G 368 52.25 100.09 -11.71
N ILE G 369 52.02 100.13 -13.03
CA ILE G 369 50.91 99.45 -13.67
C ILE G 369 51.48 98.40 -14.62
N HIS G 370 51.03 97.16 -14.47
CA HIS G 370 51.48 96.03 -15.30
C HIS G 370 50.44 95.74 -16.38
N GLY G 371 50.74 96.12 -17.62
CA GLY G 371 49.84 95.92 -18.76
C GLY G 371 50.16 94.73 -19.65
N GLY G 372 50.80 93.70 -19.08
CA GLY G 372 51.19 92.52 -19.84
C GLY G 372 50.06 91.62 -20.29
N HIS G 373 49.01 91.51 -19.48
CA HIS G 373 47.89 90.63 -19.76
C HIS G 373 46.82 91.31 -20.62
N THR G 374 46.15 90.50 -21.43
CA THR G 374 45.07 90.96 -22.33
C THR G 374 43.71 90.40 -21.90
N ALA G 375 43.56 90.11 -20.60
CA ALA G 375 42.35 89.48 -20.07
C ALA G 375 42.30 89.58 -18.53
N LYS G 376 41.15 89.23 -17.96
CA LYS G 376 40.94 89.23 -16.51
C LYS G 376 42.05 88.47 -15.77
N ILE G 377 42.80 89.18 -14.93
CA ILE G 377 43.83 88.56 -14.09
C ILE G 377 43.11 87.85 -12.93
N SER G 378 43.13 86.52 -12.98
CA SER G 378 42.44 85.70 -11.97
C SER G 378 43.17 85.70 -10.64
N ASP G 379 44.49 85.52 -10.68
CA ASP G 379 45.31 85.47 -9.47
C ASP G 379 46.77 85.84 -9.78
N PHE G 380 47.49 86.28 -8.75
CA PHE G 380 48.94 86.49 -8.83
C PHE G 380 49.61 86.16 -7.49
N SER G 381 50.94 86.23 -7.44
CA SER G 381 51.68 85.92 -6.22
C SER G 381 53.11 86.49 -6.26
N TRP G 382 53.51 87.12 -5.16
CA TRP G 382 54.88 87.63 -5.00
C TRP G 382 55.86 86.47 -4.75
N ASN G 383 57.04 86.56 -5.35
CA ASN G 383 58.11 85.60 -5.09
C ASN G 383 58.71 85.88 -3.71
N PRO G 384 58.76 84.87 -2.82
CA PRO G 384 59.26 85.08 -1.47
C PRO G 384 60.79 85.18 -1.35
N ASN G 385 61.52 84.57 -2.28
CA ASN G 385 62.99 84.52 -2.23
C ASN G 385 63.68 85.62 -3.02
N GLU G 386 63.15 85.92 -4.22
CA GLU G 386 63.68 86.96 -5.10
C GLU G 386 62.81 88.22 -5.02
N PRO G 387 63.37 89.36 -4.53
CA PRO G 387 62.60 90.61 -4.41
C PRO G 387 62.00 91.15 -5.73
N TRP G 388 60.81 91.74 -5.62
CA TRP G 388 60.09 92.42 -6.72
C TRP G 388 59.64 91.53 -7.90
N VAL G 389 59.74 90.21 -7.76
CA VAL G 389 59.30 89.28 -8.80
C VAL G 389 57.87 88.84 -8.48
N ILE G 390 56.99 88.99 -9.45
CA ILE G 390 55.58 88.57 -9.34
C ILE G 390 55.26 87.60 -10.46
N CYS G 391 54.45 86.59 -10.16
CA CYS G 391 53.86 85.71 -11.16
C CYS G 391 52.37 85.99 -11.19
N SER G 392 51.84 86.35 -12.35
CA SER G 392 50.42 86.66 -12.54
C SER G 392 49.84 85.81 -13.66
N VAL G 393 48.57 85.44 -13.53
CA VAL G 393 47.87 84.58 -14.48
C VAL G 393 46.53 85.20 -14.87
N SER G 394 46.12 85.00 -16.12
CA SER G 394 44.89 85.58 -16.67
C SER G 394 44.04 84.55 -17.42
N GLU G 395 42.81 84.96 -17.77
CA GLU G 395 41.84 84.10 -18.45
C GLU G 395 42.05 83.94 -19.97
N ASP G 396 43.12 84.54 -20.52
CA ASP G 396 43.59 84.22 -21.87
C ASP G 396 44.62 83.05 -21.89
N ASN G 397 44.65 82.26 -20.82
CA ASN G 397 45.63 81.17 -20.59
C ASN G 397 47.11 81.48 -20.83
N ILE G 398 47.55 82.68 -20.41
CA ILE G 398 48.97 83.03 -20.32
C ILE G 398 49.29 83.29 -18.84
N MET G 399 50.45 82.78 -18.40
CA MET G 399 51.05 83.19 -17.13
C MET G 399 52.31 83.99 -17.43
N GLN G 400 52.61 84.95 -16.56
CA GLN G 400 53.77 85.83 -16.73
C GLN G 400 54.52 85.98 -15.42
N VAL G 401 55.77 85.53 -15.41
CA VAL G 401 56.71 85.88 -14.34
C VAL G 401 57.37 87.18 -14.78
N TRP G 402 57.45 88.16 -13.88
CA TRP G 402 58.04 89.45 -14.22
C TRP G 402 58.54 90.25 -13.02
N GLN G 403 59.57 91.07 -13.27
CA GLN G 403 60.12 92.01 -12.31
C GLN G 403 60.15 93.40 -12.96
N MET G 404 59.46 94.35 -12.33
CA MET G 404 59.51 95.76 -12.75
C MET G 404 60.93 96.32 -12.68
N ALA G 405 61.18 97.36 -13.48
CA ALA G 405 62.54 97.91 -13.63
C ALA G 405 63.08 98.52 -12.34
N GLU G 406 64.39 98.35 -12.14
CA GLU G 406 65.09 98.75 -10.91
C GLU G 406 64.92 100.23 -10.56
N ASN G 407 65.00 101.10 -11.58
CA ASN G 407 64.92 102.55 -11.37
C ASN G 407 63.54 103.11 -10.96
N ILE G 408 62.47 102.33 -11.13
CA ILE G 408 61.13 102.78 -10.74
C ILE G 408 60.96 102.69 -9.22
N TYR G 409 61.30 101.53 -8.64
CA TYR G 409 61.13 101.30 -7.18
C TYR G 409 62.26 101.85 -6.28
N ASN G 410 63.26 102.50 -6.88
CA ASN G 410 64.20 103.34 -6.11
C ASN G 410 64.90 104.39 -6.98
N ASP G 411 64.74 105.67 -6.64
CA ASP G 411 65.34 106.78 -7.38
C ASP G 411 66.81 106.92 -7.03
#